data_2KSW
#
_entry.id   2KSW
#
_entity_poly.entity_id   1
_entity_poly.type   'polypeptide(L)'
_entity_poly.pdbx_seq_one_letter_code
;VPVGSDCEPKLCTMDLVPHCFLNPEKGIVVVHGGCALSKYKCQNPNHEKLGYTHECEEAIKNAPRP
;
_entity_poly.pdbx_strand_id   A
#
# COMPACT_ATOMS: atom_id res chain seq x y z
N VAL A 1 -1.48 7.54 -2.66
CA VAL A 1 -2.21 6.36 -2.22
C VAL A 1 -2.69 5.54 -3.40
N PRO A 2 -2.91 4.23 -3.16
CA PRO A 2 -3.38 3.31 -4.20
C PRO A 2 -4.83 3.58 -4.60
N VAL A 3 -5.04 3.80 -5.90
CA VAL A 3 -6.38 4.07 -6.41
C VAL A 3 -6.50 3.65 -7.88
N GLY A 4 -6.53 2.34 -8.12
CA GLY A 4 -6.63 1.84 -9.47
C GLY A 4 -8.08 1.70 -9.93
N SER A 5 -8.87 2.76 -9.72
CA SER A 5 -10.27 2.75 -10.12
C SER A 5 -11.02 1.62 -9.41
N ASP A 6 -10.47 1.15 -8.29
CA ASP A 6 -11.08 0.08 -7.53
C ASP A 6 -11.56 0.58 -6.17
N CYS A 7 -10.96 1.68 -5.71
CA CYS A 7 -11.33 2.26 -4.42
C CYS A 7 -10.88 3.72 -4.34
N GLU A 8 -11.66 4.51 -3.61
CA GLU A 8 -11.33 5.93 -3.45
C GLU A 8 -11.27 6.31 -1.98
N PRO A 9 -10.31 7.18 -1.63
CA PRO A 9 -10.11 7.65 -0.26
C PRO A 9 -11.25 8.56 0.21
N LYS A 10 -12.12 8.03 1.06
CA LYS A 10 -13.24 8.80 1.59
C LYS A 10 -13.50 8.46 3.05
N LEU A 11 -12.57 7.74 3.66
CA LEU A 11 -12.69 7.35 5.06
C LEU A 11 -11.50 6.51 5.50
N CYS A 12 -10.45 7.18 5.96
CA CYS A 12 -9.24 6.49 6.41
C CYS A 12 -8.38 7.41 7.27
N THR A 13 -7.31 6.86 7.83
CA THR A 13 -6.40 7.63 8.67
C THR A 13 -4.97 7.55 8.16
N MET A 14 -4.24 8.65 8.27
CA MET A 14 -2.85 8.71 7.83
C MET A 14 -1.93 7.98 8.82
N ASP A 15 -0.66 7.85 8.45
CA ASP A 15 0.31 7.18 9.31
C ASP A 15 1.69 7.18 8.66
N LEU A 16 2.66 6.59 9.35
CA LEU A 16 4.03 6.53 8.83
C LEU A 16 4.48 5.07 8.67
N VAL A 17 3.61 4.25 8.08
CA VAL A 17 3.91 2.84 7.87
C VAL A 17 3.89 2.50 6.38
N PRO A 18 5.02 2.75 5.70
CA PRO A 18 5.16 2.47 4.26
C PRO A 18 5.19 0.97 3.97
N HIS A 19 4.21 0.50 3.23
CA HIS A 19 4.13 -0.92 2.87
C HIS A 19 3.95 -1.09 1.36
N CYS A 20 4.00 -2.33 0.91
CA CYS A 20 3.84 -2.64 -0.51
C CYS A 20 2.42 -3.10 -0.82
N PHE A 21 1.83 -2.56 -1.88
CA PHE A 21 0.48 -2.92 -2.28
C PHE A 21 0.40 -3.14 -3.79
N LEU A 22 -0.65 -3.84 -4.23
CA LEU A 22 -0.84 -4.11 -5.64
C LEU A 22 -2.01 -3.30 -6.20
N ASN A 23 -1.75 -2.56 -7.27
CA ASN A 23 -2.77 -1.73 -7.90
C ASN A 23 -3.16 -2.31 -9.27
N PRO A 24 -4.48 -2.36 -9.52
CA PRO A 24 -5.02 -2.88 -10.78
C PRO A 24 -4.72 -1.96 -11.96
N GLU A 25 -4.30 -0.74 -11.67
CA GLU A 25 -3.97 0.23 -12.71
C GLU A 25 -2.46 0.44 -12.80
N LYS A 26 -1.72 -0.12 -11.85
CA LYS A 26 -0.28 0.00 -11.83
C LYS A 26 0.37 -1.30 -11.39
N GLY A 27 0.20 -1.66 -10.12
CA GLY A 27 0.77 -2.88 -9.60
C GLY A 27 1.60 -2.64 -8.35
N ILE A 28 2.88 -2.98 -8.43
CA ILE A 28 3.78 -2.81 -7.29
C ILE A 28 3.92 -1.33 -6.92
N VAL A 29 3.30 -0.95 -5.81
CA VAL A 29 3.36 0.43 -5.34
C VAL A 29 3.51 0.49 -3.82
N VAL A 30 4.58 1.13 -3.37
CA VAL A 30 4.84 1.26 -1.95
C VAL A 30 4.49 2.66 -1.44
N VAL A 31 3.69 2.72 -0.39
CA VAL A 31 3.27 4.00 0.18
C VAL A 31 2.99 3.87 1.68
N HIS A 32 3.10 4.98 2.39
CA HIS A 32 2.86 4.98 3.83
C HIS A 32 1.55 5.68 4.16
N GLY A 33 0.91 5.26 5.25
CA GLY A 33 -0.35 5.85 5.65
C GLY A 33 -1.47 4.82 5.74
N GLY A 34 -2.24 4.89 6.82
CA GLY A 34 -3.33 3.95 7.00
C GLY A 34 -4.28 3.92 5.81
N CYS A 35 -4.33 5.03 5.08
CA CYS A 35 -5.19 5.13 3.91
C CYS A 35 -4.84 4.06 2.87
N ALA A 36 -3.56 3.96 2.55
CA ALA A 36 -3.09 2.98 1.58
C ALA A 36 -3.40 1.55 2.04
N LEU A 37 -3.41 1.36 3.35
CA LEU A 37 -3.70 0.05 3.93
C LEU A 37 -5.19 -0.25 3.90
N SER A 38 -5.99 0.74 4.27
CA SER A 38 -7.45 0.59 4.29
C SER A 38 -8.00 0.47 2.88
N LYS A 39 -7.64 1.42 2.03
CA LYS A 39 -8.10 1.42 0.63
C LYS A 39 -7.69 0.14 -0.07
N TYR A 40 -6.44 -0.28 0.14
CA TYR A 40 -5.93 -1.50 -0.49
C TYR A 40 -6.84 -2.68 -0.19
N LYS A 41 -7.34 -2.75 1.04
CA LYS A 41 -8.21 -3.83 1.46
C LYS A 41 -9.60 -3.69 0.81
N CYS A 42 -9.95 -2.46 0.46
CA CYS A 42 -11.24 -2.19 -0.17
C CYS A 42 -11.19 -2.50 -1.67
N GLN A 43 -10.23 -1.90 -2.36
CA GLN A 43 -10.08 -2.10 -3.80
C GLN A 43 -9.89 -3.59 -4.11
N ASN A 44 -9.04 -4.25 -3.34
CA ASN A 44 -8.77 -5.66 -3.53
C ASN A 44 -8.66 -6.40 -2.19
N PRO A 45 -9.82 -6.74 -1.61
CA PRO A 45 -9.87 -7.44 -0.33
C PRO A 45 -9.39 -8.88 -0.43
N ASN A 46 -9.12 -9.33 -1.66
CA ASN A 46 -8.65 -10.68 -1.89
C ASN A 46 -7.13 -10.71 -2.05
N HIS A 47 -6.55 -9.55 -2.35
CA HIS A 47 -5.11 -9.45 -2.53
C HIS A 47 -4.39 -9.47 -1.19
N GLU A 48 -3.07 -9.65 -1.22
CA GLU A 48 -2.28 -9.70 0.00
C GLU A 48 -1.16 -8.65 -0.04
N LYS A 49 -1.18 -7.75 0.94
CA LYS A 49 -0.17 -6.70 1.03
C LYS A 49 1.23 -7.30 1.19
N LEU A 50 2.02 -7.23 0.12
CA LEU A 50 3.38 -7.77 0.13
C LEU A 50 4.16 -7.21 1.33
N GLY A 51 4.59 -8.10 2.20
CA GLY A 51 5.36 -7.69 3.38
C GLY A 51 6.68 -8.41 3.50
N TYR A 52 6.99 -9.25 2.51
CA TYR A 52 8.22 -10.01 2.52
C TYR A 52 8.54 -10.56 1.13
N THR A 53 8.09 -9.84 0.10
CA THR A 53 8.32 -10.25 -1.27
C THR A 53 9.57 -9.59 -1.84
N HIS A 54 10.28 -10.32 -2.71
CA HIS A 54 11.50 -9.81 -3.32
C HIS A 54 11.21 -8.51 -4.09
N GLU A 55 9.96 -8.32 -4.48
CA GLU A 55 9.57 -7.13 -5.22
C GLU A 55 9.39 -5.94 -4.28
N CYS A 56 9.29 -6.22 -2.99
CA CYS A 56 9.12 -5.18 -1.99
C CYS A 56 10.48 -4.55 -1.64
N GLU A 57 11.53 -5.03 -2.28
CA GLU A 57 12.88 -4.51 -2.02
C GLU A 57 12.92 -3.00 -2.17
N GLU A 58 12.02 -2.47 -3.01
CA GLU A 58 11.96 -1.04 -3.24
C GLU A 58 11.50 -0.30 -1.98
N ALA A 59 10.55 -0.89 -1.27
CA ALA A 59 10.03 -0.29 -0.04
C ALA A 59 11.15 -0.04 0.96
N ILE A 60 12.24 -0.79 0.83
CA ILE A 60 13.38 -0.65 1.73
C ILE A 60 13.88 0.80 1.76
N LYS A 61 14.00 1.41 0.59
CA LYS A 61 14.45 2.79 0.47
C LYS A 61 13.29 3.76 0.67
N ASN A 62 12.13 3.39 0.15
CA ASN A 62 10.94 4.23 0.26
C ASN A 62 10.54 4.41 1.71
N ALA A 63 10.90 3.44 2.55
CA ALA A 63 10.58 3.49 3.97
C ALA A 63 11.74 4.08 4.77
N PRO A 64 11.42 4.64 5.95
CA PRO A 64 12.40 5.25 6.84
C PRO A 64 13.33 4.22 7.47
N ARG A 65 14.64 4.42 7.32
CA ARG A 65 15.62 3.51 7.88
C ARG A 65 16.44 4.18 8.98
N PRO A 66 17.02 3.38 9.87
CA PRO A 66 17.84 3.87 10.98
C PRO A 66 19.16 4.48 10.52
N VAL A 1 -5.12 11.51 -5.88
CA VAL A 1 -4.91 10.36 -5.01
C VAL A 1 -4.71 9.08 -5.83
N PRO A 2 -4.03 8.09 -5.22
CA PRO A 2 -3.77 6.80 -5.87
C PRO A 2 -5.03 5.97 -6.06
N VAL A 3 -4.95 4.94 -6.90
CA VAL A 3 -6.08 4.07 -7.16
C VAL A 3 -5.67 2.88 -8.03
N GLY A 4 -6.09 1.69 -7.62
CA GLY A 4 -5.76 0.49 -8.38
C GLY A 4 -6.98 -0.17 -8.98
N SER A 5 -7.80 -0.80 -8.12
CA SER A 5 -9.00 -1.47 -8.57
C SER A 5 -10.22 -0.56 -8.46
N ASP A 6 -10.01 0.72 -8.75
CA ASP A 6 -11.09 1.70 -8.69
C ASP A 6 -11.61 1.85 -7.26
N CYS A 7 -10.69 2.00 -6.32
CA CYS A 7 -11.06 2.14 -4.91
C CYS A 7 -11.27 3.61 -4.56
N GLU A 8 -12.32 3.88 -3.78
CA GLU A 8 -12.64 5.24 -3.37
C GLU A 8 -12.55 5.38 -1.86
N PRO A 9 -11.40 5.90 -1.37
CA PRO A 9 -11.17 6.10 0.06
C PRO A 9 -12.04 7.22 0.65
N LYS A 10 -12.44 7.05 1.90
CA LYS A 10 -13.27 8.04 2.58
C LYS A 10 -13.03 8.04 4.08
N LEU A 11 -11.89 7.48 4.48
CA LEU A 11 -11.53 7.41 5.89
C LEU A 11 -10.17 6.73 6.08
N CYS A 12 -9.26 7.42 6.76
CA CYS A 12 -7.93 6.88 7.01
C CYS A 12 -7.25 7.63 8.16
N THR A 13 -6.18 7.04 8.69
CA THR A 13 -5.44 7.65 9.78
C THR A 13 -3.97 7.79 9.45
N MET A 14 -3.49 9.03 9.38
CA MET A 14 -2.10 9.29 9.07
C MET A 14 -1.16 8.47 9.96
N ASP A 15 -0.08 7.99 9.39
CA ASP A 15 0.89 7.19 10.13
C ASP A 15 2.14 6.93 9.29
N LEU A 16 3.14 6.29 9.90
CA LEU A 16 4.38 5.98 9.21
C LEU A 16 4.54 4.47 9.05
N VAL A 17 3.51 3.82 8.53
CA VAL A 17 3.54 2.37 8.32
C VAL A 17 3.57 2.04 6.83
N PRO A 18 4.77 2.09 6.24
CA PRO A 18 4.97 1.80 4.82
C PRO A 18 4.77 0.33 4.50
N HIS A 19 3.76 0.03 3.69
CA HIS A 19 3.48 -1.35 3.30
C HIS A 19 3.39 -1.48 1.78
N CYS A 20 3.59 -2.70 1.29
CA CYS A 20 3.54 -2.97 -0.14
C CYS A 20 2.21 -3.59 -0.54
N PHE A 21 1.71 -3.22 -1.71
CA PHE A 21 0.44 -3.73 -2.20
C PHE A 21 0.45 -3.85 -3.72
N LEU A 22 -0.47 -4.64 -4.25
CA LEU A 22 -0.57 -4.84 -5.70
C LEU A 22 -1.71 -4.02 -6.28
N ASN A 23 -1.43 -3.30 -7.37
CA ASN A 23 -2.44 -2.48 -8.03
C ASN A 23 -2.72 -2.99 -9.44
N PRO A 24 -3.99 -3.29 -9.70
CA PRO A 24 -4.43 -3.80 -11.01
C PRO A 24 -4.36 -2.72 -12.10
N GLU A 25 -4.08 -1.49 -11.69
CA GLU A 25 -3.99 -0.38 -12.62
C GLU A 25 -2.54 0.06 -12.80
N LYS A 26 -1.68 -0.34 -11.87
CA LYS A 26 -0.27 0.00 -11.92
C LYS A 26 0.60 -1.22 -11.64
N GLY A 27 0.52 -1.72 -10.40
CA GLY A 27 1.31 -2.89 -10.03
C GLY A 27 1.83 -2.80 -8.61
N ILE A 28 2.92 -3.49 -8.34
CA ILE A 28 3.51 -3.50 -7.01
C ILE A 28 3.94 -2.10 -6.59
N VAL A 29 3.51 -1.67 -5.41
CA VAL A 29 3.85 -0.35 -4.90
C VAL A 29 3.87 -0.34 -3.37
N VAL A 30 4.79 0.44 -2.81
CA VAL A 30 4.91 0.54 -1.36
C VAL A 30 4.79 1.98 -0.89
N VAL A 31 3.88 2.23 0.05
CA VAL A 31 3.68 3.57 0.58
C VAL A 31 3.29 3.53 2.05
N HIS A 32 3.53 4.62 2.75
CA HIS A 32 3.20 4.71 4.18
C HIS A 32 2.02 5.66 4.40
N GLY A 33 1.26 5.38 5.46
CA GLY A 33 0.10 6.21 5.76
C GLY A 33 -1.20 5.44 5.71
N GLY A 34 -2.05 5.64 6.72
CA GLY A 34 -3.32 4.95 6.77
C GLY A 34 -4.10 5.08 5.47
N CYS A 35 -3.96 6.22 4.81
CA CYS A 35 -4.65 6.48 3.56
C CYS A 35 -4.10 5.60 2.43
N ALA A 36 -2.78 5.45 2.41
CA ALA A 36 -2.12 4.63 1.39
C ALA A 36 -2.45 3.15 1.59
N LEU A 37 -2.52 2.72 2.84
CA LEU A 37 -2.82 1.33 3.14
C LEU A 37 -4.30 1.05 2.99
N SER A 38 -5.13 1.97 3.47
CA SER A 38 -6.58 1.82 3.39
C SER A 38 -7.04 1.74 1.93
N LYS A 39 -6.41 2.56 1.08
CA LYS A 39 -6.75 2.58 -0.33
C LYS A 39 -6.45 1.25 -0.99
N TYR A 40 -5.22 0.77 -0.82
CA TYR A 40 -4.81 -0.50 -1.40
C TYR A 40 -5.52 -1.66 -0.73
N LYS A 41 -5.98 -1.43 0.50
CA LYS A 41 -6.68 -2.46 1.27
C LYS A 41 -8.15 -2.51 0.88
N CYS A 42 -8.67 -1.39 0.39
CA CYS A 42 -10.07 -1.30 -0.02
C CYS A 42 -10.27 -1.90 -1.40
N GLN A 43 -9.37 -1.58 -2.32
CA GLN A 43 -9.44 -2.08 -3.68
C GLN A 43 -9.39 -3.60 -3.71
N ASN A 44 -8.48 -4.16 -2.91
CA ASN A 44 -8.32 -5.61 -2.85
C ASN A 44 -7.96 -6.05 -1.43
N PRO A 45 -8.96 -6.10 -0.55
CA PRO A 45 -8.78 -6.51 0.85
C PRO A 45 -8.45 -7.98 0.99
N ASN A 46 -8.56 -8.72 -0.12
CA ASN A 46 -8.27 -10.15 -0.13
C ASN A 46 -6.88 -10.43 -0.70
N HIS A 47 -6.35 -9.46 -1.42
CA HIS A 47 -5.02 -9.59 -2.02
C HIS A 47 -3.98 -9.95 -0.96
N GLU A 48 -2.80 -10.37 -1.42
CA GLU A 48 -1.73 -10.75 -0.51
C GLU A 48 -0.73 -9.61 -0.36
N LYS A 49 -0.77 -8.94 0.79
CA LYS A 49 0.14 -7.82 1.06
C LYS A 49 1.59 -8.30 1.06
N LEU A 50 2.35 -7.84 0.07
CA LEU A 50 3.76 -8.20 -0.04
C LEU A 50 4.59 -7.54 1.05
N GLY A 51 5.38 -8.33 1.75
CA GLY A 51 6.22 -7.80 2.81
C GLY A 51 7.65 -8.29 2.74
N TYR A 52 8.60 -7.36 2.65
CA TYR A 52 10.01 -7.72 2.57
C TYR A 52 10.25 -8.74 1.46
N THR A 53 9.43 -8.68 0.41
CA THR A 53 9.55 -9.59 -0.71
C THR A 53 10.52 -9.06 -1.76
N HIS A 54 11.11 -9.96 -2.53
CA HIS A 54 12.05 -9.58 -3.57
C HIS A 54 11.41 -8.61 -4.56
N GLU A 55 10.08 -8.63 -4.62
CA GLU A 55 9.35 -7.76 -5.52
C GLU A 55 9.24 -6.35 -4.95
N CYS A 56 9.23 -6.25 -3.63
CA CYS A 56 9.14 -4.97 -2.95
C CYS A 56 10.47 -4.57 -2.33
N GLU A 57 11.56 -4.97 -2.99
CA GLU A 57 12.90 -4.65 -2.50
C GLU A 57 13.04 -3.16 -2.21
N GLU A 58 12.45 -2.34 -3.08
CA GLU A 58 12.52 -0.89 -2.93
C GLU A 58 11.87 -0.46 -1.61
N ALA A 59 10.85 -1.21 -1.19
CA ALA A 59 10.14 -0.90 0.05
C ALA A 59 11.06 -1.06 1.26
N ILE A 60 11.99 -2.01 1.17
CA ILE A 60 12.92 -2.27 2.26
C ILE A 60 13.64 -0.99 2.68
N LYS A 61 14.07 -0.20 1.70
CA LYS A 61 14.76 1.05 1.96
C LYS A 61 13.78 2.18 2.22
N ASN A 62 12.66 2.15 1.48
CA ASN A 62 11.63 3.18 1.61
C ASN A 62 11.03 3.16 3.01
N ALA A 63 11.10 2.00 3.68
CA ALA A 63 10.57 1.86 5.02
C ALA A 63 11.65 2.09 6.06
N PRO A 64 11.22 2.39 7.30
CA PRO A 64 12.13 2.64 8.42
C PRO A 64 12.86 1.37 8.87
N ARG A 65 14.17 1.34 8.63
CA ARG A 65 14.98 0.19 9.01
C ARG A 65 16.02 0.57 10.06
N PRO A 66 16.50 -0.43 10.82
CA PRO A 66 17.50 -0.22 11.87
C PRO A 66 18.87 0.14 11.29
N VAL A 1 -2.14 7.69 -11.05
CA VAL A 1 -1.92 7.38 -9.64
C VAL A 1 -2.66 6.10 -9.24
N PRO A 2 -2.18 5.45 -8.17
CA PRO A 2 -2.77 4.22 -7.67
C PRO A 2 -4.14 4.45 -7.03
N VAL A 3 -4.94 3.39 -6.95
CA VAL A 3 -6.28 3.48 -6.36
C VAL A 3 -7.07 4.64 -6.97
N GLY A 4 -6.96 4.79 -8.28
CA GLY A 4 -7.67 5.86 -8.97
C GLY A 4 -9.16 5.82 -8.71
N SER A 5 -9.78 4.70 -9.06
CA SER A 5 -11.22 4.53 -8.86
C SER A 5 -11.55 3.12 -8.42
N ASP A 6 -10.59 2.46 -7.77
CA ASP A 6 -10.78 1.10 -7.28
C ASP A 6 -11.22 1.10 -5.82
N CYS A 7 -10.99 2.21 -5.14
CA CYS A 7 -11.36 2.34 -3.73
C CYS A 7 -11.42 3.81 -3.32
N GLU A 8 -12.34 4.12 -2.42
CA GLU A 8 -12.50 5.48 -1.94
C GLU A 8 -12.40 5.55 -0.42
N PRO A 9 -11.67 6.55 0.09
CA PRO A 9 -11.48 6.74 1.53
C PRO A 9 -12.76 7.18 2.24
N LYS A 10 -12.70 7.28 3.56
CA LYS A 10 -13.85 7.68 4.36
C LYS A 10 -13.51 7.73 5.84
N LEU A 11 -12.62 6.83 6.27
CA LEU A 11 -12.20 6.77 7.66
C LEU A 11 -10.84 6.10 7.79
N CYS A 12 -9.90 6.79 8.43
CA CYS A 12 -8.56 6.26 8.62
C CYS A 12 -7.86 6.96 9.78
N THR A 13 -6.77 6.36 10.27
CA THR A 13 -6.02 6.93 11.38
C THR A 13 -4.55 7.09 11.00
N MET A 14 -4.04 8.32 11.14
CA MET A 14 -2.65 8.61 10.82
C MET A 14 -1.72 7.62 11.53
N ASP A 15 -0.62 7.28 10.86
CA ASP A 15 0.37 6.36 11.42
C ASP A 15 1.59 6.24 10.52
N LEU A 16 2.60 5.54 10.99
CA LEU A 16 3.83 5.36 10.23
C LEU A 16 4.06 3.88 9.92
N VAL A 17 3.04 3.22 9.38
CA VAL A 17 3.13 1.80 9.04
C VAL A 17 3.12 1.61 7.53
N PRO A 18 4.30 1.76 6.91
CA PRO A 18 4.45 1.61 5.45
C PRO A 18 4.29 0.16 5.01
N HIS A 19 3.28 -0.09 4.19
CA HIS A 19 3.02 -1.44 3.69
C HIS A 19 3.03 -1.47 2.17
N CYS A 20 3.21 -2.66 1.60
CA CYS A 20 3.24 -2.82 0.15
C CYS A 20 1.92 -3.41 -0.36
N PHE A 21 1.52 -3.00 -1.55
CA PHE A 21 0.28 -3.48 -2.16
C PHE A 21 0.28 -3.24 -3.66
N LEU A 22 -0.59 -3.96 -4.37
CA LEU A 22 -0.70 -3.81 -5.82
C LEU A 22 -1.90 -2.96 -6.19
N ASN A 23 -1.69 -2.01 -7.09
CA ASN A 23 -2.76 -1.12 -7.53
C ASN A 23 -3.14 -1.42 -8.98
N PRO A 24 -4.45 -1.31 -9.27
CA PRO A 24 -4.98 -1.58 -10.61
C PRO A 24 -4.56 -0.51 -11.61
N GLU A 25 -3.94 0.55 -11.12
CA GLU A 25 -3.49 1.64 -11.98
C GLU A 25 -2.00 1.51 -12.29
N LYS A 26 -1.23 1.05 -11.31
CA LYS A 26 0.21 0.88 -11.48
C LYS A 26 0.63 -0.53 -11.08
N GLY A 27 0.57 -0.82 -9.78
CA GLY A 27 0.95 -2.13 -9.30
C GLY A 27 1.58 -2.08 -7.92
N ILE A 28 2.68 -2.81 -7.74
CA ILE A 28 3.37 -2.85 -6.47
C ILE A 28 3.77 -1.45 -6.01
N VAL A 29 3.34 -1.08 -4.81
CA VAL A 29 3.65 0.24 -4.25
C VAL A 29 3.69 0.20 -2.74
N VAL A 30 4.60 0.97 -2.15
CA VAL A 30 4.74 1.02 -0.70
C VAL A 30 4.41 2.42 -0.17
N VAL A 31 3.51 2.47 0.81
CA VAL A 31 3.10 3.73 1.40
C VAL A 31 2.71 3.55 2.86
N HIS A 32 2.94 4.59 3.66
CA HIS A 32 2.61 4.54 5.09
C HIS A 32 1.41 5.44 5.40
N GLY A 33 0.65 5.07 6.41
CA GLY A 33 -0.51 5.85 6.79
C GLY A 33 -1.79 5.03 6.80
N GLY A 34 -2.57 5.14 7.87
CA GLY A 34 -3.80 4.40 7.97
C GLY A 34 -4.70 4.59 6.76
N CYS A 35 -4.62 5.77 6.15
CA CYS A 35 -5.43 6.07 4.98
C CYS A 35 -4.94 5.29 3.76
N ALA A 36 -3.62 5.19 3.62
CA ALA A 36 -3.02 4.47 2.51
C ALA A 36 -3.28 2.96 2.61
N LEU A 37 -3.24 2.45 3.84
CA LEU A 37 -3.46 1.03 4.08
C LEU A 37 -4.96 0.71 4.03
N SER A 38 -5.76 1.54 4.69
CA SER A 38 -7.21 1.34 4.73
C SER A 38 -7.76 1.17 3.32
N LYS A 39 -7.43 2.12 2.44
CA LYS A 39 -7.89 2.08 1.06
C LYS A 39 -7.26 0.91 0.31
N TYR A 40 -5.95 0.79 0.41
CA TYR A 40 -5.22 -0.29 -0.26
C TYR A 40 -5.80 -1.64 0.10
N LYS A 41 -6.37 -1.74 1.31
CA LYS A 41 -6.96 -2.98 1.78
C LYS A 41 -8.40 -3.12 1.29
N CYS A 42 -9.03 -2.00 1.00
CA CYS A 42 -10.41 -2.00 0.51
C CYS A 42 -10.45 -2.31 -0.98
N GLN A 43 -9.56 -1.68 -1.75
CA GLN A 43 -9.51 -1.88 -3.18
C GLN A 43 -9.34 -3.36 -3.52
N ASN A 44 -8.47 -4.04 -2.78
CA ASN A 44 -8.21 -5.46 -2.99
C ASN A 44 -7.79 -6.14 -1.69
N PRO A 45 -8.79 -6.45 -0.84
CA PRO A 45 -8.56 -7.12 0.45
C PRO A 45 -8.10 -8.56 0.28
N ASN A 46 -8.32 -9.11 -0.92
CA ASN A 46 -7.93 -10.49 -1.20
C ASN A 46 -6.54 -10.55 -1.81
N HIS A 47 -6.08 -9.42 -2.33
CA HIS A 47 -4.76 -9.34 -2.96
C HIS A 47 -3.67 -9.82 -2.00
N GLU A 48 -2.49 -10.07 -2.54
CA GLU A 48 -1.37 -10.54 -1.72
C GLU A 48 -0.58 -9.36 -1.14
N LYS A 49 -0.78 -9.11 0.15
CA LYS A 49 -0.09 -8.02 0.83
C LYS A 49 1.42 -8.23 0.80
N LEU A 50 2.11 -7.46 -0.04
CA LEU A 50 3.56 -7.56 -0.17
C LEU A 50 4.24 -7.11 1.13
N GLY A 51 5.39 -7.72 1.42
CA GLY A 51 6.13 -7.37 2.61
C GLY A 51 7.56 -7.88 2.59
N TYR A 52 8.50 -6.94 2.56
CA TYR A 52 9.92 -7.31 2.53
C TYR A 52 10.21 -8.30 1.41
N THR A 53 9.42 -8.21 0.33
CA THR A 53 9.58 -9.10 -0.80
C THR A 53 10.55 -8.52 -1.82
N HIS A 54 11.12 -9.38 -2.66
CA HIS A 54 12.06 -8.95 -3.69
C HIS A 54 11.43 -7.91 -4.60
N GLU A 55 10.10 -7.89 -4.64
CA GLU A 55 9.37 -6.94 -5.47
C GLU A 55 9.31 -5.57 -4.81
N CYS A 56 9.31 -5.56 -3.48
CA CYS A 56 9.26 -4.31 -2.73
C CYS A 56 10.62 -3.97 -2.13
N GLU A 57 11.68 -4.36 -2.84
CA GLU A 57 13.04 -4.11 -2.39
C GLU A 57 13.22 -2.63 -2.03
N GLU A 58 12.48 -1.77 -2.72
CA GLU A 58 12.57 -0.33 -2.48
C GLU A 58 11.94 0.03 -1.13
N ALA A 59 10.85 -0.65 -0.80
CA ALA A 59 10.15 -0.40 0.46
C ALA A 59 11.09 -0.58 1.65
N ILE A 60 12.11 -1.41 1.48
CA ILE A 60 13.08 -1.67 2.54
C ILE A 60 13.64 -0.36 3.09
N LYS A 61 14.01 0.54 2.19
CA LYS A 61 14.57 1.84 2.60
C LYS A 61 13.46 2.84 2.89
N ASN A 62 12.36 2.73 2.15
CA ASN A 62 11.22 3.63 2.33
C ASN A 62 10.64 3.50 3.73
N ALA A 63 10.62 2.27 4.24
CA ALA A 63 10.10 2.01 5.58
C ALA A 63 11.17 2.21 6.63
N PRO A 64 10.74 2.42 7.89
CA PRO A 64 11.65 2.64 9.02
C PRO A 64 12.42 1.38 9.38
N ARG A 65 13.67 1.54 9.83
CA ARG A 65 14.50 0.42 10.22
C ARG A 65 14.83 0.47 11.71
N PRO A 66 13.95 -0.15 12.52
CA PRO A 66 14.12 -0.19 13.97
C PRO A 66 15.28 -1.07 14.40
N VAL A 1 -1.03 8.54 -5.59
CA VAL A 1 -1.54 7.55 -4.65
C VAL A 1 -2.58 6.64 -5.32
N PRO A 2 -2.75 5.44 -4.77
CA PRO A 2 -3.71 4.46 -5.29
C PRO A 2 -5.16 4.88 -5.05
N VAL A 3 -5.93 4.94 -6.13
CA VAL A 3 -7.33 5.33 -6.05
C VAL A 3 -8.00 5.28 -7.41
N GLY A 4 -9.28 4.92 -7.42
CA GLY A 4 -10.02 4.83 -8.68
C GLY A 4 -10.75 3.52 -8.83
N SER A 5 -10.53 2.85 -9.96
CA SER A 5 -11.18 1.57 -10.23
C SER A 5 -10.79 0.53 -9.19
N ASP A 6 -9.69 0.79 -8.47
CA ASP A 6 -9.21 -0.12 -7.45
C ASP A 6 -10.01 0.04 -6.16
N CYS A 7 -10.09 1.26 -5.67
CA CYS A 7 -10.82 1.55 -4.44
C CYS A 7 -11.12 3.04 -4.32
N GLU A 8 -12.27 3.36 -3.71
CA GLU A 8 -12.67 4.75 -3.54
C GLU A 8 -12.54 5.17 -2.08
N PRO A 9 -11.42 5.85 -1.76
CA PRO A 9 -11.13 6.33 -0.41
C PRO A 9 -12.06 7.47 0.01
N LYS A 10 -12.89 7.22 1.01
CA LYS A 10 -13.82 8.22 1.50
C LYS A 10 -13.86 8.23 3.03
N LEU A 11 -12.94 7.50 3.64
CA LEU A 11 -12.86 7.42 5.10
C LEU A 11 -11.67 6.58 5.54
N CYS A 12 -10.68 7.23 6.13
CA CYS A 12 -9.48 6.54 6.60
C CYS A 12 -8.72 7.41 7.61
N THR A 13 -7.59 6.88 8.09
CA THR A 13 -6.77 7.59 9.05
C THR A 13 -5.35 7.79 8.54
N MET A 14 -4.77 8.94 8.85
CA MET A 14 -3.41 9.25 8.42
C MET A 14 -2.38 8.64 9.36
N ASP A 15 -1.17 8.42 8.86
CA ASP A 15 -0.11 7.84 9.67
C ASP A 15 1.20 7.79 8.88
N LEU A 16 2.26 7.33 9.54
CA LEU A 16 3.57 7.23 8.90
C LEU A 16 4.00 5.77 8.74
N VAL A 17 3.09 4.96 8.19
CA VAL A 17 3.37 3.54 7.99
C VAL A 17 3.50 3.22 6.50
N PRO A 18 4.69 3.47 5.94
CA PRO A 18 4.98 3.22 4.53
C PRO A 18 5.03 1.72 4.20
N HIS A 19 4.08 1.28 3.38
CA HIS A 19 4.02 -0.13 2.99
C HIS A 19 3.70 -0.27 1.51
N CYS A 20 3.91 -1.46 0.97
CA CYS A 20 3.65 -1.73 -0.44
C CYS A 20 2.29 -2.41 -0.63
N PHE A 21 1.59 -2.05 -1.69
CA PHE A 21 0.29 -2.63 -1.98
C PHE A 21 0.16 -2.95 -3.47
N LEU A 22 -0.75 -3.87 -3.79
CA LEU A 22 -0.97 -4.28 -5.17
C LEU A 22 -2.11 -3.46 -5.80
N ASN A 23 -1.78 -2.71 -6.84
CA ASN A 23 -2.76 -1.89 -7.53
C ASN A 23 -2.97 -2.37 -8.96
N PRO A 24 -4.09 -3.08 -9.20
CA PRO A 24 -4.42 -3.61 -10.53
C PRO A 24 -4.80 -2.52 -11.51
N GLU A 25 -4.91 -1.28 -11.01
CA GLU A 25 -5.27 -0.15 -11.85
C GLU A 25 -4.04 0.40 -12.57
N LYS A 26 -2.95 0.56 -11.82
CA LYS A 26 -1.71 1.07 -12.39
C LYS A 26 -0.56 0.10 -12.15
N GLY A 27 -0.41 -0.34 -10.90
CA GLY A 27 0.66 -1.26 -10.56
C GLY A 27 1.10 -1.14 -9.11
N ILE A 28 2.19 -1.80 -8.78
CA ILE A 28 2.71 -1.77 -7.41
C ILE A 28 2.81 -0.33 -6.90
N VAL A 29 2.30 -0.10 -5.70
CA VAL A 29 2.32 1.22 -5.09
C VAL A 29 2.67 1.15 -3.61
N VAL A 30 3.68 1.91 -3.20
CA VAL A 30 4.12 1.92 -1.81
C VAL A 30 4.03 3.33 -1.22
N VAL A 31 3.26 3.47 -0.15
CA VAL A 31 3.10 4.77 0.50
C VAL A 31 2.81 4.60 1.99
N HIS A 32 2.94 5.68 2.74
CA HIS A 32 2.70 5.65 4.18
C HIS A 32 1.35 6.29 4.51
N GLY A 33 0.72 5.83 5.60
CA GLY A 33 -0.56 6.36 6.00
C GLY A 33 -1.64 5.30 6.06
N GLY A 34 -2.46 5.36 7.11
CA GLY A 34 -3.52 4.39 7.27
C GLY A 34 -4.38 4.25 6.04
N CYS A 35 -4.57 5.36 5.33
CA CYS A 35 -5.38 5.37 4.12
C CYS A 35 -4.92 4.29 3.15
N ALA A 36 -3.61 4.22 2.92
CA ALA A 36 -3.04 3.23 2.02
C ALA A 36 -3.34 1.81 2.51
N LEU A 37 -3.44 1.65 3.82
CA LEU A 37 -3.72 0.35 4.42
C LEU A 37 -5.19 -0.01 4.29
N SER A 38 -6.06 0.96 4.61
CA SER A 38 -7.50 0.74 4.54
C SER A 38 -7.94 0.56 3.09
N LYS A 39 -7.27 1.26 2.18
CA LYS A 39 -7.60 1.17 0.76
C LYS A 39 -7.12 -0.14 0.17
N TYR A 40 -5.89 -0.53 0.49
CA TYR A 40 -5.31 -1.77 -0.01
C TYR A 40 -6.24 -2.95 0.28
N LYS A 41 -6.73 -3.02 1.51
CA LYS A 41 -7.62 -4.10 1.92
C LYS A 41 -8.94 -4.03 1.15
N CYS A 42 -9.28 -2.83 0.68
CA CYS A 42 -10.51 -2.63 -0.07
C CYS A 42 -10.34 -3.02 -1.53
N GLN A 43 -9.31 -2.45 -2.17
CA GLN A 43 -9.04 -2.75 -3.57
C GLN A 43 -8.63 -4.20 -3.76
N ASN A 44 -7.77 -4.68 -2.86
CA ASN A 44 -7.30 -6.07 -2.93
C ASN A 44 -7.42 -6.74 -1.57
N PRO A 45 -8.66 -7.12 -1.20
CA PRO A 45 -8.93 -7.78 0.08
C PRO A 45 -8.39 -9.20 0.12
N ASN A 46 -7.90 -9.69 -1.02
CA ASN A 46 -7.34 -11.02 -1.11
C ASN A 46 -5.82 -10.98 -1.18
N HIS A 47 -5.28 -9.83 -1.54
CA HIS A 47 -3.84 -9.66 -1.65
C HIS A 47 -3.22 -9.43 -0.27
N GLU A 48 -1.90 -9.54 -0.20
CA GLU A 48 -1.18 -9.35 1.06
C GLU A 48 -0.25 -8.14 0.99
N LYS A 49 -0.47 -7.18 1.88
CA LYS A 49 0.35 -5.98 1.91
C LYS A 49 1.81 -6.31 2.18
N LEU A 50 2.71 -5.63 1.47
CA LEU A 50 4.14 -5.85 1.64
C LEU A 50 4.51 -7.28 1.25
N GLY A 51 5.80 -7.52 1.05
CA GLY A 51 6.27 -8.84 0.69
C GLY A 51 7.67 -8.83 0.11
N TYR A 52 8.38 -9.95 0.25
CA TYR A 52 9.74 -10.07 -0.25
C TYR A 52 9.75 -10.28 -1.76
N THR A 53 9.19 -9.31 -2.49
CA THR A 53 9.13 -9.39 -3.94
C THR A 53 9.86 -8.22 -4.59
N HIS A 54 10.39 -8.44 -5.80
CA HIS A 54 11.11 -7.40 -6.52
C HIS A 54 10.22 -6.18 -6.73
N GLU A 55 8.92 -6.38 -6.68
CA GLU A 55 7.97 -5.29 -6.87
C GLU A 55 7.85 -4.45 -5.61
N CYS A 56 8.06 -5.08 -4.45
CA CYS A 56 7.96 -4.38 -3.18
C CYS A 56 9.31 -4.39 -2.46
N GLU A 57 10.39 -4.54 -3.24
CA GLU A 57 11.74 -4.56 -2.67
C GLU A 57 12.16 -3.18 -2.21
N GLU A 58 12.03 -2.20 -3.10
CA GLU A 58 12.39 -0.82 -2.79
C GLU A 58 11.60 -0.30 -1.60
N ALA A 59 10.41 -0.86 -1.39
CA ALA A 59 9.55 -0.46 -0.29
C ALA A 59 10.26 -0.66 1.05
N ILE A 60 11.23 -1.56 1.08
CA ILE A 60 11.99 -1.84 2.29
C ILE A 60 12.78 -0.62 2.74
N LYS A 61 13.63 -0.12 1.86
CA LYS A 61 14.45 1.05 2.16
C LYS A 61 13.58 2.29 2.39
N ASN A 62 12.51 2.40 1.61
CA ASN A 62 11.60 3.54 1.72
C ASN A 62 10.94 3.55 3.10
N ALA A 63 10.71 2.38 3.67
CA ALA A 63 10.08 2.26 4.98
C ALA A 63 11.14 2.14 6.07
N PRO A 64 10.74 2.44 7.32
CA PRO A 64 11.64 2.37 8.48
C PRO A 64 12.02 0.93 8.83
N ARG A 65 13.29 0.60 8.67
CA ARG A 65 13.78 -0.75 8.97
C ARG A 65 14.79 -0.71 10.12
N PRO A 66 14.96 -1.86 10.80
CA PRO A 66 15.89 -1.98 11.91
C PRO A 66 17.35 -1.92 11.47
N VAL A 1 -1.83 8.92 -7.79
CA VAL A 1 -1.31 8.19 -6.63
C VAL A 1 -1.79 6.74 -6.64
N PRO A 2 -1.03 5.85 -5.97
CA PRO A 2 -1.37 4.43 -5.88
C PRO A 2 -2.60 4.18 -5.02
N VAL A 3 -3.32 3.11 -5.32
CA VAL A 3 -4.52 2.74 -4.58
C VAL A 3 -5.46 3.94 -4.45
N GLY A 4 -5.52 4.77 -5.49
CA GLY A 4 -6.38 5.93 -5.48
C GLY A 4 -7.37 5.93 -6.62
N SER A 5 -7.16 5.05 -7.60
CA SER A 5 -8.03 4.96 -8.75
C SER A 5 -9.02 3.81 -8.59
N ASP A 6 -8.54 2.69 -8.07
CA ASP A 6 -9.38 1.52 -7.86
C ASP A 6 -10.28 1.70 -6.64
N CYS A 7 -9.86 2.57 -5.73
CA CYS A 7 -10.63 2.84 -4.52
C CYS A 7 -10.59 4.32 -4.17
N GLU A 8 -11.66 4.81 -3.55
CA GLU A 8 -11.74 6.22 -3.16
C GLU A 8 -11.75 6.36 -1.64
N PRO A 9 -10.88 7.26 -1.15
CA PRO A 9 -10.76 7.52 0.30
C PRO A 9 -11.99 8.21 0.88
N LYS A 10 -12.08 8.23 2.19
CA LYS A 10 -13.21 8.87 2.87
C LYS A 10 -13.05 8.80 4.39
N LEU A 11 -12.47 7.70 4.86
CA LEU A 11 -12.27 7.50 6.29
C LEU A 11 -11.02 6.65 6.54
N CYS A 12 -9.98 7.26 7.10
CA CYS A 12 -8.75 6.56 7.39
C CYS A 12 -7.91 7.34 8.40
N THR A 13 -7.02 6.63 9.10
CA THR A 13 -6.16 7.26 10.09
C THR A 13 -4.69 6.94 9.82
N MET A 14 -3.89 8.00 9.68
CA MET A 14 -2.46 7.84 9.42
C MET A 14 -1.80 6.97 10.49
N ASP A 15 -0.99 6.02 10.06
CA ASP A 15 -0.31 5.13 10.99
C ASP A 15 1.21 5.27 10.86
N LEU A 16 1.65 5.86 9.74
CA LEU A 16 3.06 6.06 9.49
C LEU A 16 3.77 4.72 9.30
N VAL A 17 3.04 3.75 8.78
CA VAL A 17 3.60 2.42 8.55
C VAL A 17 3.62 2.09 7.05
N PRO A 18 4.77 2.34 6.42
CA PRO A 18 4.95 2.07 4.99
C PRO A 18 4.98 0.57 4.67
N HIS A 19 3.98 0.12 3.92
CA HIS A 19 3.89 -1.29 3.55
C HIS A 19 3.71 -1.44 2.05
N CYS A 20 3.79 -2.68 1.57
CA CYS A 20 3.64 -2.96 0.14
C CYS A 20 2.23 -3.46 -0.17
N PHE A 21 1.64 -2.91 -1.22
CA PHE A 21 0.29 -3.29 -1.63
C PHE A 21 0.21 -3.46 -3.14
N LEU A 22 -0.82 -4.16 -3.60
CA LEU A 22 -1.02 -4.40 -5.02
C LEU A 22 -2.02 -3.42 -5.61
N ASN A 23 -1.66 -2.78 -6.71
CA ASN A 23 -2.53 -1.82 -7.37
C ASN A 23 -2.94 -2.32 -8.75
N PRO A 24 -4.25 -2.49 -8.96
CA PRO A 24 -4.80 -2.95 -10.23
C PRO A 24 -4.67 -1.90 -11.34
N GLU A 25 -4.45 -0.66 -10.94
CA GLU A 25 -4.30 0.44 -11.90
C GLU A 25 -2.88 0.51 -12.43
N LYS A 26 -1.94 -0.01 -11.64
CA LYS A 26 -0.52 0.00 -12.04
C LYS A 26 0.15 -1.30 -11.64
N GLY A 27 0.43 -1.45 -10.34
CA GLY A 27 1.06 -2.65 -9.85
C GLY A 27 1.55 -2.51 -8.42
N ILE A 28 2.63 -3.21 -8.08
CA ILE A 28 3.20 -3.15 -6.74
C ILE A 28 3.59 -1.73 -6.36
N VAL A 29 3.15 -1.28 -5.19
CA VAL A 29 3.46 0.06 -4.71
C VAL A 29 3.51 0.09 -3.19
N VAL A 30 4.56 0.72 -2.65
CA VAL A 30 4.72 0.83 -1.21
C VAL A 30 4.42 2.25 -0.72
N VAL A 31 3.58 2.35 0.30
CA VAL A 31 3.20 3.64 0.85
C VAL A 31 2.88 3.53 2.34
N HIS A 32 3.01 4.64 3.05
CA HIS A 32 2.73 4.67 4.49
C HIS A 32 1.43 5.41 4.77
N GLY A 33 0.76 5.02 5.85
CA GLY A 33 -0.50 5.66 6.21
C GLY A 33 -1.67 4.69 6.18
N GLY A 34 -2.47 4.71 7.24
CA GLY A 34 -3.62 3.83 7.31
C GLY A 34 -4.49 3.90 6.07
N CYS A 35 -4.48 5.06 5.42
CA CYS A 35 -5.28 5.27 4.22
C CYS A 35 -4.96 4.22 3.16
N ALA A 36 -3.66 4.01 2.93
CA ALA A 36 -3.22 3.02 1.94
C ALA A 36 -3.67 1.62 2.33
N LEU A 37 -3.77 1.37 3.63
CA LEU A 37 -4.20 0.07 4.13
C LEU A 37 -5.71 -0.10 4.02
N SER A 38 -6.44 0.95 4.35
CA SER A 38 -7.90 0.92 4.28
C SER A 38 -8.37 0.82 2.84
N LYS A 39 -7.71 1.56 1.95
CA LYS A 39 -8.06 1.55 0.53
C LYS A 39 -7.62 0.25 -0.14
N TYR A 40 -6.41 -0.20 0.19
CA TYR A 40 -5.88 -1.43 -0.37
C TYR A 40 -6.86 -2.59 -0.19
N LYS A 41 -7.47 -2.66 0.99
CA LYS A 41 -8.43 -3.70 1.30
C LYS A 41 -9.74 -3.49 0.53
N CYS A 42 -10.00 -2.23 0.19
CA CYS A 42 -11.23 -1.88 -0.54
C CYS A 42 -11.08 -2.20 -2.02
N GLN A 43 -10.01 -1.71 -2.62
CA GLN A 43 -9.76 -1.96 -4.04
C GLN A 43 -9.54 -3.43 -4.32
N ASN A 44 -8.78 -4.09 -3.44
CA ASN A 44 -8.50 -5.52 -3.60
C ASN A 44 -8.65 -6.25 -2.27
N PRO A 45 -9.91 -6.50 -1.87
CA PRO A 45 -10.22 -7.18 -0.60
C PRO A 45 -9.84 -8.66 -0.65
N ASN A 46 -9.45 -9.13 -1.83
CA ASN A 46 -9.07 -10.53 -2.01
C ASN A 46 -7.56 -10.65 -2.27
N HIS A 47 -6.82 -9.62 -1.87
CA HIS A 47 -5.38 -9.61 -2.07
C HIS A 47 -4.65 -9.66 -0.72
N GLU A 48 -3.35 -9.93 -0.78
CA GLU A 48 -2.54 -10.02 0.43
C GLU A 48 -1.42 -8.97 0.41
N LYS A 49 -1.30 -8.22 1.51
CA LYS A 49 -0.27 -7.19 1.61
C LYS A 49 1.12 -7.80 1.52
N LEU A 50 1.98 -7.20 0.70
CA LEU A 50 3.33 -7.68 0.52
C LEU A 50 4.25 -7.15 1.61
N GLY A 51 5.44 -7.75 1.74
CA GLY A 51 6.39 -7.32 2.75
C GLY A 51 7.72 -6.95 2.16
N TYR A 52 8.73 -7.78 2.42
CA TYR A 52 10.08 -7.53 1.90
C TYR A 52 10.34 -8.34 0.63
N THR A 53 9.34 -8.40 -0.23
CA THR A 53 9.46 -9.16 -1.48
C THR A 53 10.50 -8.52 -2.40
N HIS A 54 11.10 -9.34 -3.26
CA HIS A 54 12.12 -8.86 -4.20
C HIS A 54 11.56 -7.75 -5.07
N GLU A 55 10.24 -7.70 -5.20
CA GLU A 55 9.58 -6.69 -6.01
C GLU A 55 9.51 -5.36 -5.27
N CYS A 56 9.45 -5.44 -3.94
CA CYS A 56 9.37 -4.25 -3.11
C CYS A 56 10.75 -3.85 -2.58
N GLU A 57 11.78 -4.25 -3.31
CA GLU A 57 13.15 -3.94 -2.91
C GLU A 57 13.32 -2.45 -2.64
N GLU A 58 12.52 -1.64 -3.34
CA GLU A 58 12.59 -0.19 -3.18
C GLU A 58 12.00 0.23 -1.83
N ALA A 59 10.95 -0.47 -1.41
CA ALA A 59 10.31 -0.16 -0.14
C ALA A 59 11.30 -0.22 1.02
N ILE A 60 12.33 -1.05 0.87
CA ILE A 60 13.35 -1.19 1.90
C ILE A 60 13.89 0.16 2.33
N LYS A 61 14.20 1.01 1.36
CA LYS A 61 14.72 2.34 1.65
C LYS A 61 13.59 3.32 1.92
N ASN A 62 12.46 3.11 1.26
CA ASN A 62 11.30 3.98 1.44
C ASN A 62 10.80 3.95 2.87
N ALA A 63 10.88 2.77 3.49
CA ALA A 63 10.44 2.59 4.87
C ALA A 63 11.55 2.95 5.84
N PRO A 64 11.17 3.24 7.10
CA PRO A 64 12.13 3.59 8.15
C PRO A 64 12.99 2.40 8.58
N ARG A 65 14.08 2.19 7.87
CA ARG A 65 14.99 1.10 8.18
C ARG A 65 15.45 1.15 9.63
N PRO A 66 15.86 -0.01 10.17
CA PRO A 66 16.33 -0.11 11.55
C PRO A 66 17.68 0.59 11.76
N VAL A 1 -1.50 10.40 -5.61
CA VAL A 1 -2.05 9.41 -4.69
C VAL A 1 -2.64 8.22 -5.45
N PRO A 2 -1.87 7.12 -5.50
CA PRO A 2 -2.29 5.90 -6.19
C PRO A 2 -3.43 5.19 -5.47
N VAL A 3 -4.52 4.95 -6.20
CA VAL A 3 -5.68 4.28 -5.63
C VAL A 3 -6.25 3.25 -6.60
N GLY A 4 -5.54 3.03 -7.71
CA GLY A 4 -5.98 2.06 -8.69
C GLY A 4 -7.24 2.51 -9.42
N SER A 5 -7.63 3.76 -9.19
CA SER A 5 -8.82 4.31 -9.83
C SER A 5 -10.01 3.37 -9.66
N ASP A 6 -10.04 2.65 -8.54
CA ASP A 6 -11.12 1.72 -8.26
C ASP A 6 -11.68 1.95 -6.86
N CYS A 7 -10.80 2.22 -5.91
CA CYS A 7 -11.20 2.46 -4.54
C CYS A 7 -11.49 3.94 -4.29
N GLU A 8 -12.40 4.22 -3.36
CA GLU A 8 -12.76 5.60 -3.04
C GLU A 8 -12.45 5.91 -1.59
N PRO A 9 -11.30 6.56 -1.35
CA PRO A 9 -10.86 6.94 0.00
C PRO A 9 -11.71 8.04 0.59
N LYS A 10 -12.42 7.72 1.68
CA LYS A 10 -13.27 8.69 2.35
C LYS A 10 -13.32 8.43 3.85
N LEU A 11 -12.36 7.66 4.34
CA LEU A 11 -12.30 7.33 5.76
C LEU A 11 -11.10 6.43 6.06
N CYS A 12 -10.12 6.99 6.77
CA CYS A 12 -8.92 6.26 7.12
C CYS A 12 -8.18 6.93 8.27
N THR A 13 -7.08 6.32 8.71
CA THR A 13 -6.28 6.86 9.80
C THR A 13 -4.82 7.03 9.38
N MET A 14 -4.19 8.09 9.87
CA MET A 14 -2.80 8.36 9.56
C MET A 14 -1.87 7.45 10.35
N ASP A 15 -0.70 7.17 9.79
CA ASP A 15 0.27 6.30 10.45
C ASP A 15 1.57 6.25 9.66
N LEU A 16 2.55 5.51 10.19
CA LEU A 16 3.84 5.38 9.52
C LEU A 16 4.19 3.91 9.31
N VAL A 17 3.23 3.14 8.80
CA VAL A 17 3.43 1.72 8.54
C VAL A 17 3.48 1.45 7.04
N PRO A 18 4.68 1.58 6.45
CA PRO A 18 4.89 1.35 5.03
C PRO A 18 4.77 -0.12 4.66
N HIS A 19 3.76 -0.45 3.84
CA HIS A 19 3.54 -1.82 3.41
C HIS A 19 3.45 -1.90 1.89
N CYS A 20 3.47 -3.14 1.37
CA CYS A 20 3.39 -3.35 -0.07
C CYS A 20 1.98 -3.75 -0.49
N PHE A 21 1.61 -3.41 -1.72
CA PHE A 21 0.29 -3.73 -2.24
C PHE A 21 0.29 -3.72 -3.77
N LEU A 22 -0.73 -4.35 -4.35
CA LEU A 22 -0.84 -4.41 -5.80
C LEU A 22 -1.99 -3.54 -6.30
N ASN A 23 -1.67 -2.60 -7.17
CA ASN A 23 -2.68 -1.70 -7.72
C ASN A 23 -2.96 -2.02 -9.19
N PRO A 24 -4.24 -1.89 -9.59
CA PRO A 24 -4.67 -2.16 -10.97
C PRO A 24 -4.15 -1.12 -11.95
N GLU A 25 -3.79 0.04 -11.44
CA GLU A 25 -3.27 1.12 -12.28
C GLU A 25 -1.77 1.31 -12.06
N LYS A 26 -1.22 0.60 -11.09
CA LYS A 26 0.20 0.69 -10.78
C LYS A 26 0.81 -0.70 -10.62
N GLY A 27 0.45 -1.38 -9.53
CA GLY A 27 0.97 -2.71 -9.28
C GLY A 27 1.80 -2.78 -8.01
N ILE A 28 2.98 -3.38 -8.10
CA ILE A 28 3.87 -3.50 -6.96
C ILE A 28 4.30 -2.14 -6.43
N VAL A 29 3.60 -1.65 -5.43
CA VAL A 29 3.91 -0.35 -4.83
C VAL A 29 3.89 -0.43 -3.31
N VAL A 30 4.75 0.36 -2.67
CA VAL A 30 4.84 0.39 -1.22
C VAL A 30 4.66 1.80 -0.68
N VAL A 31 3.79 1.96 0.31
CA VAL A 31 3.53 3.26 0.91
C VAL A 31 3.12 3.11 2.38
N HIS A 32 3.33 4.17 3.15
CA HIS A 32 2.98 4.17 4.56
C HIS A 32 1.73 5.01 4.82
N GLY A 33 0.97 4.63 5.84
CA GLY A 33 -0.24 5.36 6.18
C GLY A 33 -1.47 4.48 6.13
N GLY A 34 -2.27 4.52 7.19
CA GLY A 34 -3.48 3.72 7.24
C GLY A 34 -4.34 3.89 6.01
N CYS A 35 -4.28 5.07 5.40
CA CYS A 35 -5.06 5.35 4.21
C CYS A 35 -4.66 4.43 3.06
N ALA A 36 -3.36 4.29 2.84
CA ALA A 36 -2.85 3.43 1.78
C ALA A 36 -3.23 1.98 2.01
N LEU A 37 -3.29 1.59 3.28
CA LEU A 37 -3.64 0.21 3.65
C LEU A 37 -5.14 -0.01 3.52
N SER A 38 -5.93 0.98 3.94
CA SER A 38 -7.38 0.89 3.88
C SER A 38 -7.87 0.99 2.43
N LYS A 39 -7.16 1.77 1.62
CA LYS A 39 -7.52 1.93 0.22
C LYS A 39 -7.26 0.66 -0.57
N TYR A 40 -6.01 0.18 -0.54
CA TYR A 40 -5.63 -1.02 -1.26
C TYR A 40 -6.40 -2.23 -0.73
N LYS A 41 -6.90 -2.12 0.51
CA LYS A 41 -7.65 -3.20 1.12
C LYS A 41 -9.10 -3.18 0.66
N CYS A 42 -9.58 -2.00 0.25
CA CYS A 42 -10.95 -1.85 -0.22
C CYS A 42 -11.08 -2.33 -1.67
N GLN A 43 -10.10 -1.99 -2.48
CA GLN A 43 -10.10 -2.39 -3.89
C GLN A 43 -9.91 -3.90 -4.04
N ASN A 44 -8.97 -4.44 -3.27
CA ASN A 44 -8.68 -5.87 -3.31
C ASN A 44 -8.45 -6.42 -1.91
N PRO A 45 -9.55 -6.61 -1.17
CA PRO A 45 -9.49 -7.15 0.20
C PRO A 45 -9.08 -8.61 0.23
N ASN A 46 -8.98 -9.22 -0.94
CA ASN A 46 -8.59 -10.62 -1.04
C ASN A 46 -7.16 -10.76 -1.55
N HIS A 47 -6.63 -9.68 -2.13
CA HIS A 47 -5.27 -9.68 -2.66
C HIS A 47 -4.27 -10.10 -1.59
N GLU A 48 -3.06 -10.40 -2.01
CA GLU A 48 -2.00 -10.82 -1.09
C GLU A 48 -1.03 -9.67 -0.82
N LYS A 49 -1.20 -9.02 0.33
CA LYS A 49 -0.33 -7.91 0.70
C LYS A 49 1.05 -8.40 1.08
N LEU A 50 2.02 -8.19 0.20
CA LEU A 50 3.40 -8.60 0.44
C LEU A 50 3.98 -7.88 1.66
N GLY A 51 4.62 -8.65 2.53
CA GLY A 51 5.22 -8.06 3.73
C GLY A 51 6.61 -8.61 4.01
N TYR A 52 7.11 -9.44 3.10
CA TYR A 52 8.42 -10.04 3.26
C TYR A 52 8.83 -10.81 2.01
N THR A 53 8.36 -10.34 0.85
CA THR A 53 8.68 -10.98 -0.41
C THR A 53 9.72 -10.19 -1.19
N HIS A 54 10.36 -10.84 -2.17
CA HIS A 54 11.37 -10.20 -2.98
C HIS A 54 10.80 -8.97 -3.69
N GLU A 55 9.48 -8.93 -3.83
CA GLU A 55 8.82 -7.80 -4.49
C GLU A 55 8.70 -6.62 -3.54
N CYS A 56 8.91 -6.86 -2.25
CA CYS A 56 8.83 -5.81 -1.25
C CYS A 56 10.18 -5.10 -1.10
N GLU A 57 11.12 -5.46 -1.96
CA GLU A 57 12.45 -4.86 -1.92
C GLU A 57 12.37 -3.34 -1.98
N GLU A 58 11.36 -2.83 -2.69
CA GLU A 58 11.17 -1.39 -2.81
C GLU A 58 10.73 -0.78 -1.49
N ALA A 59 10.08 -1.58 -0.66
CA ALA A 59 9.60 -1.13 0.64
C ALA A 59 10.77 -0.69 1.52
N ILE A 60 11.91 -1.34 1.36
CA ILE A 60 13.10 -1.01 2.14
C ILE A 60 13.40 0.47 2.08
N LYS A 61 13.34 1.04 0.88
CA LYS A 61 13.61 2.46 0.69
C LYS A 61 12.36 3.29 0.96
N ASN A 62 11.20 2.74 0.63
CA ASN A 62 9.93 3.43 0.85
C ASN A 62 9.73 3.74 2.33
N ALA A 63 10.12 2.80 3.18
CA ALA A 63 9.98 2.96 4.63
C ALA A 63 10.88 4.09 5.14
N PRO A 64 10.56 4.61 6.33
CA PRO A 64 11.33 5.70 6.95
C PRO A 64 12.70 5.23 7.41
N ARG A 65 13.72 5.49 6.59
CA ARG A 65 15.08 5.10 6.91
C ARG A 65 15.98 6.33 7.04
N PRO A 66 17.10 6.18 7.77
CA PRO A 66 18.06 7.26 7.99
C PRO A 66 18.82 7.62 6.72
N VAL A 1 -3.31 8.91 -11.64
CA VAL A 1 -3.91 9.13 -10.32
C VAL A 1 -4.27 7.81 -9.66
N PRO A 2 -3.41 7.37 -8.71
CA PRO A 2 -3.62 6.12 -7.98
C PRO A 2 -4.80 6.19 -7.02
N VAL A 3 -5.36 5.03 -6.70
CA VAL A 3 -6.50 4.97 -5.78
C VAL A 3 -7.60 5.93 -6.20
N GLY A 4 -7.71 6.16 -7.51
CA GLY A 4 -8.72 7.06 -8.01
C GLY A 4 -9.83 6.33 -8.75
N SER A 5 -10.04 5.06 -8.39
CA SER A 5 -11.07 4.26 -9.02
C SER A 5 -11.18 2.89 -8.35
N ASP A 6 -10.04 2.35 -7.93
CA ASP A 6 -10.01 1.05 -7.26
C ASP A 6 -10.62 1.13 -5.87
N CYS A 7 -10.48 2.30 -5.24
CA CYS A 7 -11.01 2.51 -3.90
C CYS A 7 -11.10 4.00 -3.58
N GLU A 8 -12.15 4.39 -2.87
CA GLU A 8 -12.36 5.78 -2.50
C GLU A 8 -12.20 5.97 -0.99
N PRO A 9 -11.00 6.41 -0.57
CA PRO A 9 -10.69 6.64 0.84
C PRO A 9 -11.43 7.84 1.40
N LYS A 10 -12.12 7.63 2.52
CA LYS A 10 -12.88 8.70 3.16
C LYS A 10 -13.02 8.44 4.66
N LEU A 11 -12.14 7.60 5.20
CA LEU A 11 -12.17 7.28 6.61
C LEU A 11 -11.07 6.28 6.97
N CYS A 12 -10.06 6.75 7.69
CA CYS A 12 -8.94 5.89 8.10
C CYS A 12 -8.18 6.52 9.26
N THR A 13 -7.12 5.84 9.70
CA THR A 13 -6.31 6.33 10.80
C THR A 13 -4.84 6.42 10.40
N MET A 14 -4.16 7.45 10.90
CA MET A 14 -2.74 7.65 10.59
C MET A 14 -1.88 6.64 11.33
N ASP A 15 -0.64 6.48 10.86
CA ASP A 15 0.28 5.54 11.48
C ASP A 15 1.66 5.61 10.82
N LEU A 16 2.61 4.87 11.37
CA LEU A 16 3.97 4.85 10.83
C LEU A 16 4.40 3.44 10.46
N VAL A 17 3.53 2.72 9.76
CA VAL A 17 3.82 1.36 9.35
C VAL A 17 3.88 1.24 7.82
N PRO A 18 5.04 1.54 7.25
CA PRO A 18 5.25 1.48 5.80
C PRO A 18 5.25 0.05 5.28
N HIS A 19 4.26 -0.27 4.45
CA HIS A 19 4.14 -1.62 3.89
C HIS A 19 3.90 -1.54 2.38
N CYS A 20 3.93 -2.70 1.72
CA CYS A 20 3.71 -2.77 0.28
C CYS A 20 2.29 -3.20 -0.03
N PHE A 21 1.63 -2.47 -0.92
CA PHE A 21 0.25 -2.78 -1.31
C PHE A 21 0.13 -2.87 -2.83
N LEU A 22 -0.90 -3.58 -3.29
CA LEU A 22 -1.13 -3.75 -4.72
C LEU A 22 -2.05 -2.65 -5.25
N ASN A 23 -1.55 -1.88 -6.22
CA ASN A 23 -2.32 -0.80 -6.81
C ASN A 23 -2.61 -1.09 -8.28
N PRO A 24 -3.86 -1.48 -8.58
CA PRO A 24 -4.29 -1.79 -9.95
C PRO A 24 -4.37 -0.54 -10.83
N GLU A 25 -4.21 0.62 -10.21
CA GLU A 25 -4.26 1.88 -10.93
C GLU A 25 -2.89 2.26 -11.46
N LYS A 26 -1.88 1.50 -11.07
CA LYS A 26 -0.51 1.75 -11.52
C LYS A 26 0.38 0.54 -11.27
N GLY A 27 0.63 0.24 -10.00
CA GLY A 27 1.46 -0.90 -9.66
C GLY A 27 1.80 -0.95 -8.18
N ILE A 28 2.48 -2.00 -7.76
CA ILE A 28 2.87 -2.17 -6.37
C ILE A 28 3.52 -0.91 -5.83
N VAL A 29 3.02 -0.43 -4.68
CA VAL A 29 3.55 0.77 -4.05
C VAL A 29 3.68 0.59 -2.54
N VAL A 30 4.69 1.23 -1.95
CA VAL A 30 4.90 1.14 -0.52
C VAL A 30 4.62 2.48 0.16
N VAL A 31 3.81 2.44 1.21
CA VAL A 31 3.46 3.66 1.95
C VAL A 31 3.17 3.34 3.41
N HIS A 32 3.34 4.34 4.27
CA HIS A 32 3.10 4.17 5.70
C HIS A 32 1.79 4.84 6.11
N GLY A 33 1.14 4.31 7.14
CA GLY A 33 -0.11 4.87 7.61
C GLY A 33 -1.27 3.90 7.45
N GLY A 34 -2.08 3.79 8.49
CA GLY A 34 -3.23 2.89 8.45
C GLY A 34 -4.09 3.11 7.22
N CYS A 35 -4.08 4.34 6.72
CA CYS A 35 -4.88 4.69 5.54
C CYS A 35 -4.60 3.73 4.39
N ALA A 36 -3.33 3.43 4.17
CA ALA A 36 -2.92 2.52 3.10
C ALA A 36 -3.41 1.11 3.38
N LEU A 37 -3.55 0.76 4.66
CA LEU A 37 -4.01 -0.56 5.05
C LEU A 37 -5.52 -0.67 4.90
N SER A 38 -6.24 0.37 5.32
CA SER A 38 -7.69 0.39 5.24
C SER A 38 -8.15 0.61 3.80
N LYS A 39 -7.34 1.33 3.03
CA LYS A 39 -7.66 1.62 1.64
C LYS A 39 -7.32 0.43 0.75
N TYR A 40 -6.21 -0.23 1.05
CA TYR A 40 -5.77 -1.39 0.27
C TYR A 40 -6.80 -2.50 0.33
N LYS A 41 -7.15 -2.92 1.55
CA LYS A 41 -8.14 -3.97 1.75
C LYS A 41 -9.44 -3.65 1.02
N CYS A 42 -9.68 -2.37 0.78
CA CYS A 42 -10.89 -1.94 0.08
C CYS A 42 -10.76 -2.15 -1.42
N GLN A 43 -9.67 -1.63 -2.00
CA GLN A 43 -9.43 -1.77 -3.43
C GLN A 43 -9.22 -3.24 -3.81
N ASN A 44 -8.39 -3.92 -3.03
CA ASN A 44 -8.10 -5.33 -3.29
C ASN A 44 -8.29 -6.17 -2.03
N PRO A 45 -9.56 -6.43 -1.68
CA PRO A 45 -9.92 -7.22 -0.50
C PRO A 45 -9.55 -8.69 -0.65
N ASN A 46 -9.12 -9.07 -1.86
CA ASN A 46 -8.74 -10.44 -2.14
C ASN A 46 -7.22 -10.58 -2.22
N HIS A 47 -6.54 -9.47 -2.43
CA HIS A 47 -5.09 -9.46 -2.51
C HIS A 47 -4.45 -9.49 -1.13
N GLU A 48 -3.15 -9.76 -1.08
CA GLU A 48 -2.43 -9.81 0.18
C GLU A 48 -1.33 -8.76 0.22
N LYS A 49 -1.35 -7.94 1.27
CA LYS A 49 -0.35 -6.89 1.43
C LYS A 49 1.05 -7.48 1.54
N LEU A 50 1.83 -7.34 0.47
CA LEU A 50 3.20 -7.85 0.45
C LEU A 50 4.01 -7.29 1.62
N GLY A 51 4.74 -8.17 2.30
CA GLY A 51 5.55 -7.75 3.42
C GLY A 51 6.92 -8.39 3.41
N TYR A 52 7.23 -9.12 2.35
CA TYR A 52 8.53 -9.78 2.22
C TYR A 52 8.72 -10.34 0.81
N THR A 53 8.82 -9.43 -0.15
CA THR A 53 9.00 -9.81 -1.55
C THR A 53 10.06 -8.95 -2.22
N HIS A 54 10.65 -9.46 -3.31
CA HIS A 54 11.67 -8.73 -4.04
C HIS A 54 11.13 -7.39 -4.53
N GLU A 55 9.81 -7.29 -4.64
CA GLU A 55 9.17 -6.06 -5.09
C GLU A 55 9.13 -5.02 -3.97
N CYS A 56 9.33 -5.48 -2.74
CA CYS A 56 9.32 -4.60 -1.58
C CYS A 56 10.69 -3.97 -1.35
N GLU A 57 11.61 -4.21 -2.28
CA GLU A 57 12.96 -3.66 -2.17
C GLU A 57 12.92 -2.16 -1.93
N GLU A 58 12.01 -1.48 -2.61
CA GLU A 58 11.87 -0.03 -2.47
C GLU A 58 11.43 0.34 -1.06
N ALA A 59 10.65 -0.55 -0.44
CA ALA A 59 10.16 -0.32 0.91
C ALA A 59 11.31 -0.10 1.88
N ILE A 60 12.48 -0.61 1.53
CA ILE A 60 13.66 -0.47 2.37
C ILE A 60 13.96 1.00 2.66
N LYS A 61 13.89 1.83 1.64
CA LYS A 61 14.15 3.26 1.77
C LYS A 61 12.88 4.00 2.23
N ASN A 62 11.73 3.53 1.78
CA ASN A 62 10.45 4.14 2.14
C ASN A 62 10.18 3.98 3.63
N ALA A 63 10.72 2.92 4.21
CA ALA A 63 10.55 2.65 5.63
C ALA A 63 11.72 3.19 6.45
N PRO A 64 11.48 3.41 7.75
CA PRO A 64 12.51 3.93 8.66
C PRO A 64 13.61 2.92 8.93
N ARG A 65 14.84 3.29 8.58
CA ARG A 65 15.98 2.41 8.78
C ARG A 65 16.20 2.14 10.27
N PRO A 66 16.91 1.04 10.57
CA PRO A 66 17.21 0.64 11.95
C PRO A 66 18.19 1.58 12.63
N VAL A 1 -0.51 8.07 -5.22
CA VAL A 1 -0.84 6.66 -5.36
C VAL A 1 -1.99 6.46 -6.33
N PRO A 2 -2.07 5.25 -6.91
CA PRO A 2 -3.12 4.89 -7.88
C PRO A 2 -4.48 4.78 -7.23
N VAL A 3 -5.46 5.49 -7.79
CA VAL A 3 -6.82 5.46 -7.27
C VAL A 3 -7.85 5.63 -8.38
N GLY A 4 -7.41 5.40 -9.62
CA GLY A 4 -8.30 5.54 -10.75
C GLY A 4 -9.39 4.48 -10.77
N SER A 5 -9.09 3.33 -11.37
CA SER A 5 -10.04 2.24 -11.47
C SER A 5 -9.79 1.21 -10.37
N ASP A 6 -9.50 1.69 -9.16
CA ASP A 6 -9.24 0.82 -8.03
C ASP A 6 -10.10 1.20 -6.83
N CYS A 7 -9.73 2.28 -6.16
CA CYS A 7 -10.48 2.76 -5.00
C CYS A 7 -10.24 4.25 -4.78
N GLU A 8 -11.15 4.88 -4.03
CA GLU A 8 -11.05 6.30 -3.74
C GLU A 8 -11.07 6.56 -2.24
N PRO A 9 -10.18 7.45 -1.78
CA PRO A 9 -10.07 7.80 -0.36
C PRO A 9 -11.27 8.61 0.13
N LYS A 10 -12.07 8.00 1.00
CA LYS A 10 -13.26 8.67 1.54
C LYS A 10 -13.14 8.84 3.05
N LEU A 11 -12.33 7.98 3.66
CA LEU A 11 -12.13 8.04 5.12
C LEU A 11 -11.14 6.97 5.57
N CYS A 12 -10.05 7.40 6.19
CA CYS A 12 -9.04 6.47 6.69
C CYS A 12 -8.15 7.15 7.73
N THR A 13 -7.19 6.40 8.26
CA THR A 13 -6.28 6.92 9.26
C THR A 13 -4.83 6.77 8.82
N MET A 14 -4.01 7.76 9.15
CA MET A 14 -2.60 7.74 8.78
C MET A 14 -1.79 6.87 9.74
N ASP A 15 -0.53 6.65 9.41
CA ASP A 15 0.35 5.83 10.25
C ASP A 15 1.75 5.75 9.65
N LEU A 16 2.57 4.88 10.21
CA LEU A 16 3.94 4.70 9.73
C LEU A 16 4.24 3.23 9.47
N VAL A 17 3.27 2.53 8.90
CA VAL A 17 3.43 1.11 8.60
C VAL A 17 3.52 0.88 7.09
N PRO A 18 4.73 1.04 6.53
CA PRO A 18 4.97 0.86 5.10
C PRO A 18 4.87 -0.60 4.68
N HIS A 19 3.87 -0.90 3.84
CA HIS A 19 3.66 -2.26 3.35
C HIS A 19 3.40 -2.26 1.85
N CYS A 20 3.56 -3.43 1.23
CA CYS A 20 3.35 -3.58 -0.20
C CYS A 20 1.96 -4.15 -0.49
N PHE A 21 1.36 -3.71 -1.59
CA PHE A 21 0.04 -4.18 -1.98
C PHE A 21 -0.06 -4.32 -3.50
N LEU A 22 -1.04 -5.10 -3.95
CA LEU A 22 -1.25 -5.30 -5.38
C LEU A 22 -2.24 -4.30 -5.94
N ASN A 23 -1.77 -3.48 -6.88
CA ASN A 23 -2.62 -2.47 -7.51
C ASN A 23 -2.78 -2.74 -9.00
N PRO A 24 -3.98 -3.21 -9.38
CA PRO A 24 -4.30 -3.52 -10.78
C PRO A 24 -4.40 -2.27 -11.64
N GLU A 25 -4.33 -1.11 -11.00
CA GLU A 25 -4.42 0.16 -11.72
C GLU A 25 -3.09 0.49 -12.40
N LYS A 26 -2.00 0.38 -11.65
CA LYS A 26 -0.67 0.67 -12.19
C LYS A 26 0.28 -0.50 -11.91
N GLY A 27 0.17 -1.08 -10.72
CA GLY A 27 1.03 -2.19 -10.35
C GLY A 27 1.36 -2.21 -8.87
N ILE A 28 2.12 -3.21 -8.46
CA ILE A 28 2.51 -3.34 -7.05
C ILE A 28 3.06 -2.03 -6.51
N VAL A 29 2.55 -1.60 -5.36
CA VAL A 29 2.99 -0.36 -4.74
C VAL A 29 3.12 -0.53 -3.23
N VAL A 30 4.08 0.19 -2.65
CA VAL A 30 4.31 0.12 -1.20
C VAL A 30 4.23 1.51 -0.57
N VAL A 31 3.43 1.63 0.47
CA VAL A 31 3.26 2.90 1.17
C VAL A 31 2.96 2.68 2.65
N HIS A 32 3.24 3.69 3.46
CA HIS A 32 3.00 3.61 4.90
C HIS A 32 1.75 4.40 5.29
N GLY A 33 1.08 3.96 6.34
CA GLY A 33 -0.12 4.64 6.80
C GLY A 33 -1.37 3.81 6.59
N GLY A 34 -2.29 3.88 7.55
CA GLY A 34 -3.52 3.12 7.45
C GLY A 34 -4.30 3.44 6.19
N CYS A 35 -4.14 4.66 5.69
CA CYS A 35 -4.84 5.09 4.48
C CYS A 35 -4.47 4.19 3.31
N ALA A 36 -3.16 3.97 3.11
CA ALA A 36 -2.68 3.13 2.02
C ALA A 36 -3.18 1.70 2.18
N LEU A 37 -3.41 1.28 3.42
CA LEU A 37 -3.87 -0.07 3.70
C LEU A 37 -5.37 -0.19 3.41
N SER A 38 -6.17 0.71 3.98
CA SER A 38 -7.61 0.69 3.79
C SER A 38 -7.95 0.84 2.31
N LYS A 39 -7.39 1.87 1.68
CA LYS A 39 -7.65 2.12 0.26
C LYS A 39 -7.39 0.87 -0.57
N TYR A 40 -6.18 0.33 -0.45
CA TYR A 40 -5.81 -0.88 -1.19
C TYR A 40 -6.63 -2.08 -0.73
N LYS A 41 -7.16 -1.99 0.47
CA LYS A 41 -7.97 -3.06 1.03
C LYS A 41 -9.40 -3.01 0.50
N CYS A 42 -9.83 -1.82 0.10
CA CYS A 42 -11.17 -1.63 -0.44
C CYS A 42 -11.28 -2.18 -1.85
N GLN A 43 -10.32 -1.82 -2.70
CA GLN A 43 -10.31 -2.27 -4.08
C GLN A 43 -10.21 -3.79 -4.16
N ASN A 44 -9.33 -4.37 -3.35
CA ASN A 44 -9.14 -5.81 -3.32
C ASN A 44 -8.94 -6.31 -1.88
N PRO A 45 -10.04 -6.43 -1.14
CA PRO A 45 -10.01 -6.89 0.25
C PRO A 45 -9.66 -8.37 0.36
N ASN A 46 -9.59 -9.04 -0.79
CA ASN A 46 -9.26 -10.46 -0.81
C ASN A 46 -7.87 -10.68 -1.40
N HIS A 47 -7.05 -9.64 -1.37
CA HIS A 47 -5.69 -9.73 -1.90
C HIS A 47 -4.70 -10.15 -0.80
N GLU A 48 -3.50 -10.53 -1.21
CA GLU A 48 -2.48 -10.96 -0.26
C GLU A 48 -1.37 -9.93 -0.15
N LYS A 49 -1.28 -9.28 1.00
CA LYS A 49 -0.25 -8.26 1.24
C LYS A 49 1.14 -8.87 1.13
N LEU A 50 1.86 -8.48 0.08
CA LEU A 50 3.22 -8.98 -0.14
C LEU A 50 4.13 -8.62 1.03
N GLY A 51 5.02 -9.54 1.39
CA GLY A 51 5.94 -9.29 2.49
C GLY A 51 7.38 -9.21 2.03
N TYR A 52 8.20 -10.17 2.44
CA TYR A 52 9.60 -10.19 2.07
C TYR A 52 9.79 -10.67 0.64
N THR A 53 9.31 -9.87 -0.32
CA THR A 53 9.41 -10.20 -1.73
C THR A 53 10.37 -9.26 -2.44
N HIS A 54 11.01 -9.77 -3.49
CA HIS A 54 11.95 -8.96 -4.27
C HIS A 54 11.27 -7.72 -4.84
N GLU A 55 9.94 -7.78 -4.96
CA GLU A 55 9.17 -6.67 -5.49
C GLU A 55 8.99 -5.58 -4.44
N CYS A 56 9.27 -5.93 -3.19
CA CYS A 56 9.14 -4.97 -2.09
C CYS A 56 10.44 -4.20 -1.88
N GLU A 57 11.39 -4.38 -2.79
CA GLU A 57 12.68 -3.70 -2.71
C GLU A 57 12.48 -2.20 -2.57
N GLU A 58 11.48 -1.67 -3.25
CA GLU A 58 11.19 -0.25 -3.21
C GLU A 58 10.69 0.16 -1.82
N ALA A 59 10.08 -0.77 -1.11
CA ALA A 59 9.56 -0.51 0.23
C ALA A 59 10.67 -0.05 1.16
N ILE A 60 11.88 -0.54 0.92
CA ILE A 60 13.03 -0.19 1.73
C ILE A 60 13.15 1.33 1.89
N LYS A 61 13.01 2.04 0.78
CA LYS A 61 13.10 3.49 0.78
C LYS A 61 11.77 4.12 1.16
N ASN A 62 10.68 3.44 0.82
CA ASN A 62 9.34 3.92 1.13
C ASN A 62 9.13 4.03 2.63
N ALA A 63 9.80 3.15 3.38
CA ALA A 63 9.69 3.14 4.83
C ALA A 63 10.37 4.36 5.44
N PRO A 64 10.00 4.67 6.70
CA PRO A 64 10.57 5.81 7.42
C PRO A 64 12.03 5.60 7.80
N ARG A 65 12.94 6.13 6.99
CA ARG A 65 14.36 6.00 7.24
C ARG A 65 14.84 7.01 8.27
N PRO A 66 16.00 6.74 8.88
CA PRO A 66 16.60 7.61 9.90
C PRO A 66 17.09 8.93 9.31
N VAL A 1 -1.85 9.58 -5.36
CA VAL A 1 -3.17 9.14 -4.95
C VAL A 1 -3.38 7.66 -5.27
N PRO A 2 -3.24 6.81 -4.24
CA PRO A 2 -3.41 5.36 -4.39
C PRO A 2 -4.87 4.97 -4.65
N VAL A 3 -5.10 4.24 -5.74
CA VAL A 3 -6.44 3.80 -6.09
C VAL A 3 -6.43 2.92 -7.33
N GLY A 4 -7.02 1.74 -7.22
CA GLY A 4 -7.06 0.82 -8.34
C GLY A 4 -8.33 0.97 -9.16
N SER A 5 -8.92 2.15 -9.12
CA SER A 5 -10.16 2.42 -9.87
C SER A 5 -11.28 1.50 -9.40
N ASP A 6 -11.10 0.92 -8.22
CA ASP A 6 -12.10 0.02 -7.65
C ASP A 6 -12.31 0.29 -6.16
N CYS A 7 -11.74 1.39 -5.69
CA CYS A 7 -11.85 1.77 -4.28
C CYS A 7 -11.79 3.29 -4.12
N GLU A 8 -12.66 3.82 -3.27
CA GLU A 8 -12.69 5.25 -3.02
C GLU A 8 -12.57 5.55 -1.53
N PRO A 9 -11.76 6.56 -1.19
CA PRO A 9 -11.52 6.97 0.19
C PRO A 9 -12.75 7.63 0.81
N LYS A 10 -13.33 6.97 1.81
CA LYS A 10 -14.51 7.49 2.50
C LYS A 10 -14.21 7.74 3.98
N LEU A 11 -13.16 7.11 4.48
CA LEU A 11 -12.77 7.27 5.87
C LEU A 11 -11.53 6.46 6.20
N CYS A 12 -10.47 7.14 6.64
CA CYS A 12 -9.23 6.46 6.97
C CYS A 12 -8.35 7.36 7.86
N THR A 13 -7.18 6.85 8.23
CA THR A 13 -6.26 7.61 9.07
C THR A 13 -4.99 7.95 8.30
N MET A 14 -4.44 9.14 8.57
CA MET A 14 -3.22 9.59 7.91
C MET A 14 -1.99 9.03 8.61
N ASP A 15 -1.94 7.70 8.74
CA ASP A 15 -0.81 7.04 9.39
C ASP A 15 0.49 7.33 8.65
N LEU A 16 1.55 6.61 9.01
CA LEU A 16 2.85 6.79 8.38
C LEU A 16 3.58 5.46 8.25
N VAL A 17 2.84 4.41 7.91
CA VAL A 17 3.41 3.08 7.74
C VAL A 17 3.56 2.72 6.26
N PRO A 18 4.78 2.90 5.74
CA PRO A 18 5.08 2.59 4.34
C PRO A 18 5.05 1.10 4.05
N HIS A 19 4.15 0.69 3.15
CA HIS A 19 4.02 -0.71 2.78
C HIS A 19 3.85 -0.87 1.27
N CYS A 20 4.03 -2.09 0.78
CA CYS A 20 3.89 -2.37 -0.64
C CYS A 20 2.54 -3.00 -0.95
N PHE A 21 1.91 -2.55 -2.02
CA PHE A 21 0.60 -3.07 -2.42
C PHE A 21 0.52 -3.23 -3.93
N LEU A 22 -0.45 -4.02 -4.39
CA LEU A 22 -0.63 -4.25 -5.82
C LEU A 22 -1.85 -3.49 -6.34
N ASN A 23 -1.62 -2.66 -7.35
CA ASN A 23 -2.69 -1.86 -7.95
C ASN A 23 -2.98 -2.32 -9.37
N PRO A 24 -4.26 -2.37 -9.72
CA PRO A 24 -4.71 -2.80 -11.06
C PRO A 24 -4.35 -1.78 -12.14
N GLU A 25 -3.99 -0.57 -11.71
CA GLU A 25 -3.63 0.49 -12.64
C GLU A 25 -2.12 0.76 -12.60
N LYS A 26 -1.44 0.10 -11.68
CA LYS A 26 0.01 0.26 -11.54
C LYS A 26 0.67 -1.06 -11.19
N GLY A 27 0.41 -1.55 -9.97
CA GLY A 27 1.00 -2.81 -9.54
C GLY A 27 1.89 -2.65 -8.33
N ILE A 28 3.16 -3.01 -8.48
CA ILE A 28 4.12 -2.90 -7.37
C ILE A 28 4.31 -1.45 -6.95
N VAL A 29 3.55 -1.04 -5.94
CA VAL A 29 3.63 0.32 -5.43
C VAL A 29 3.77 0.33 -3.91
N VAL A 30 4.76 1.06 -3.41
CA VAL A 30 4.99 1.16 -1.98
C VAL A 30 4.86 2.61 -1.50
N VAL A 31 3.99 2.83 -0.53
CA VAL A 31 3.78 4.16 0.02
C VAL A 31 3.33 4.08 1.47
N HIS A 32 3.45 5.22 2.18
CA HIS A 32 3.05 5.28 3.59
C HIS A 32 1.77 6.08 3.74
N GLY A 33 0.99 5.73 4.77
CA GLY A 33 -0.26 6.43 5.02
C GLY A 33 -1.42 5.48 5.27
N GLY A 34 -2.01 5.57 6.46
CA GLY A 34 -3.13 4.71 6.80
C GLY A 34 -4.19 4.68 5.73
N CYS A 35 -4.36 5.81 5.04
CA CYS A 35 -5.36 5.92 3.98
C CYS A 35 -4.98 5.05 2.78
N ALA A 36 -3.70 5.08 2.42
CA ALA A 36 -3.21 4.30 1.29
C ALA A 36 -3.30 2.81 1.57
N LEU A 37 -3.15 2.45 2.85
CA LEU A 37 -3.22 1.04 3.25
C LEU A 37 -4.67 0.56 3.29
N SER A 38 -5.53 1.35 3.90
CA SER A 38 -6.95 1.00 4.00
C SER A 38 -7.57 0.84 2.61
N LYS A 39 -7.31 1.81 1.74
CA LYS A 39 -7.85 1.78 0.38
C LYS A 39 -7.35 0.55 -0.37
N TYR A 40 -6.04 0.34 -0.36
CA TYR A 40 -5.45 -0.81 -1.04
C TYR A 40 -6.06 -2.12 -0.54
N LYS A 41 -6.54 -2.11 0.69
CA LYS A 41 -7.17 -3.29 1.27
C LYS A 41 -8.62 -3.41 0.84
N CYS A 42 -9.23 -2.28 0.50
CA CYS A 42 -10.62 -2.26 0.06
C CYS A 42 -10.74 -2.66 -1.40
N GLN A 43 -9.88 -2.10 -2.24
CA GLN A 43 -9.88 -2.39 -3.67
C GLN A 43 -9.66 -3.89 -3.91
N ASN A 44 -8.70 -4.47 -3.21
CA ASN A 44 -8.39 -5.88 -3.35
C ASN A 44 -8.01 -6.49 -2.00
N PRO A 45 -9.03 -6.81 -1.19
CA PRO A 45 -8.82 -7.41 0.14
C PRO A 45 -8.31 -8.84 0.05
N ASN A 46 -8.25 -9.38 -1.16
CA ASN A 46 -7.78 -10.74 -1.37
C ASN A 46 -6.33 -10.75 -1.85
N HIS A 47 -5.64 -9.63 -1.65
CA HIS A 47 -4.25 -9.50 -2.06
C HIS A 47 -3.32 -9.68 -0.86
N GLU A 48 -2.02 -9.86 -1.15
CA GLU A 48 -1.03 -10.05 -0.11
C GLU A 48 -0.13 -8.82 0.02
N LYS A 49 -0.41 -7.99 1.02
CA LYS A 49 0.38 -6.78 1.25
C LYS A 49 1.83 -7.13 1.56
N LEU A 50 2.71 -6.89 0.58
CA LEU A 50 4.13 -7.17 0.75
C LEU A 50 4.82 -6.04 1.49
N GLY A 51 5.75 -6.40 2.38
CA GLY A 51 6.48 -5.41 3.14
C GLY A 51 7.96 -5.71 3.23
N TYR A 52 8.39 -6.75 2.53
CA TYR A 52 9.79 -7.15 2.53
C TYR A 52 10.02 -8.34 1.62
N THR A 53 9.27 -8.39 0.52
CA THR A 53 9.39 -9.48 -0.44
C THR A 53 10.37 -9.12 -1.55
N HIS A 54 10.98 -10.15 -2.14
CA HIS A 54 11.93 -9.94 -3.23
C HIS A 54 11.30 -9.17 -4.38
N GLU A 55 9.97 -9.24 -4.46
CA GLU A 55 9.24 -8.56 -5.52
C GLU A 55 9.07 -7.08 -5.20
N CYS A 56 9.02 -6.76 -3.91
CA CYS A 56 8.87 -5.38 -3.47
C CYS A 56 10.14 -4.88 -2.78
N GLU A 57 11.29 -5.30 -3.32
CA GLU A 57 12.57 -4.89 -2.76
C GLU A 57 12.64 -3.37 -2.60
N GLU A 58 12.15 -2.65 -3.60
CA GLU A 58 12.15 -1.19 -3.57
C GLU A 58 11.36 -0.67 -2.38
N ALA A 59 10.36 -1.44 -1.96
CA ALA A 59 9.52 -1.05 -0.83
C ALA A 59 10.30 -1.13 0.48
N ILE A 60 11.29 -2.02 0.52
CA ILE A 60 12.11 -2.19 1.72
C ILE A 60 12.86 -0.91 2.06
N LYS A 61 13.62 -0.40 1.09
CA LYS A 61 14.38 0.83 1.29
C LYS A 61 13.46 2.02 1.48
N ASN A 62 12.23 1.90 0.98
CA ASN A 62 11.25 2.97 1.10
C ASN A 62 10.73 3.09 2.52
N ALA A 63 10.72 1.96 3.24
CA ALA A 63 10.25 1.93 4.61
C ALA A 63 11.41 2.08 5.60
N PRO A 64 11.08 2.47 6.84
CA PRO A 64 12.09 2.66 7.90
C PRO A 64 12.69 1.35 8.36
N ARG A 65 13.95 1.11 7.98
CA ARG A 65 14.64 -0.11 8.36
C ARG A 65 14.86 -0.17 9.87
N PRO A 66 15.12 -1.37 10.38
CA PRO A 66 15.34 -1.59 11.82
C PRO A 66 16.67 -1.00 12.29
N VAL A 1 -1.46 7.44 -3.24
CA VAL A 1 -2.36 6.40 -2.77
C VAL A 1 -2.87 5.56 -3.94
N PRO A 2 -3.28 4.32 -3.64
CA PRO A 2 -3.79 3.39 -4.65
C PRO A 2 -5.16 3.80 -5.19
N VAL A 3 -5.25 3.95 -6.51
CA VAL A 3 -6.50 4.35 -7.14
C VAL A 3 -6.64 3.71 -8.52
N GLY A 4 -7.76 3.97 -9.18
CA GLY A 4 -7.99 3.42 -10.49
C GLY A 4 -9.26 2.58 -10.56
N SER A 5 -10.39 3.17 -10.21
CA SER A 5 -11.67 2.47 -10.22
C SER A 5 -11.61 1.24 -9.32
N ASP A 6 -10.70 1.26 -8.36
CA ASP A 6 -10.54 0.15 -7.42
C ASP A 6 -10.95 0.55 -6.01
N CYS A 7 -10.57 1.77 -5.62
CA CYS A 7 -10.89 2.28 -4.29
C CYS A 7 -10.79 3.79 -4.25
N GLU A 8 -11.64 4.43 -3.45
CA GLU A 8 -11.64 5.88 -3.33
C GLU A 8 -11.52 6.29 -1.87
N PRO A 9 -10.69 7.31 -1.61
CA PRO A 9 -10.46 7.83 -0.26
C PRO A 9 -11.67 8.57 0.29
N LYS A 10 -12.40 7.92 1.20
CA LYS A 10 -13.59 8.51 1.81
C LYS A 10 -13.68 8.16 3.29
N LEU A 11 -12.59 7.61 3.83
CA LEU A 11 -12.56 7.23 5.23
C LEU A 11 -11.22 6.60 5.59
N CYS A 12 -10.27 7.44 6.03
CA CYS A 12 -8.95 6.97 6.41
C CYS A 12 -8.23 8.00 7.27
N THR A 13 -7.09 7.59 7.83
CA THR A 13 -6.30 8.49 8.67
C THR A 13 -4.87 8.58 8.18
N MET A 14 -4.28 9.78 8.28
CA MET A 14 -2.91 10.00 7.85
C MET A 14 -1.92 9.37 8.82
N ASP A 15 -0.78 8.92 8.31
CA ASP A 15 0.25 8.30 9.14
C ASP A 15 1.51 8.04 8.32
N LEU A 16 2.55 7.56 9.00
CA LEU A 16 3.83 7.27 8.35
C LEU A 16 4.08 5.77 8.31
N VAL A 17 3.11 5.03 7.78
CA VAL A 17 3.23 3.57 7.68
C VAL A 17 3.38 3.14 6.23
N PRO A 18 4.62 3.20 5.72
CA PRO A 18 4.93 2.82 4.34
C PRO A 18 4.81 1.31 4.11
N HIS A 19 3.81 0.92 3.32
CA HIS A 19 3.59 -0.49 3.02
C HIS A 19 3.39 -0.71 1.51
N CYS A 20 3.57 -1.94 1.08
CA CYS A 20 3.42 -2.29 -0.33
C CYS A 20 2.06 -2.94 -0.59
N PHE A 21 1.46 -2.62 -1.73
CA PHE A 21 0.16 -3.18 -2.10
C PHE A 21 0.07 -3.39 -3.61
N LEU A 22 -0.88 -4.23 -4.02
CA LEU A 22 -1.08 -4.52 -5.44
C LEU A 22 -2.16 -3.61 -6.04
N ASN A 23 -1.80 -2.93 -7.12
CA ASN A 23 -2.74 -2.02 -7.79
C ASN A 23 -3.06 -2.53 -9.20
N PRO A 24 -4.32 -2.92 -9.41
CA PRO A 24 -4.78 -3.42 -10.71
C PRO A 24 -4.84 -2.33 -11.76
N GLU A 25 -4.62 -1.08 -11.34
CA GLU A 25 -4.66 0.06 -12.25
C GLU A 25 -3.27 0.31 -12.84
N LYS A 26 -2.25 0.24 -12.00
CA LYS A 26 -0.88 0.47 -12.44
C LYS A 26 0.00 -0.74 -12.12
N GLY A 27 -0.04 -1.18 -10.87
CA GLY A 27 0.74 -2.33 -10.46
C GLY A 27 1.24 -2.21 -9.03
N ILE A 28 2.27 -2.99 -8.69
CA ILE A 28 2.83 -2.96 -7.35
C ILE A 28 3.30 -1.56 -6.97
N VAL A 29 2.89 -1.10 -5.79
CA VAL A 29 3.26 0.22 -5.31
C VAL A 29 3.33 0.26 -3.79
N VAL A 30 4.29 1.00 -3.26
CA VAL A 30 4.46 1.13 -1.82
C VAL A 30 4.44 2.59 -1.38
N VAL A 31 3.61 2.90 -0.40
CA VAL A 31 3.50 4.26 0.11
C VAL A 31 3.10 4.27 1.58
N HIS A 32 3.33 5.39 2.25
CA HIS A 32 3.00 5.53 3.67
C HIS A 32 1.69 6.28 3.83
N GLY A 33 0.96 5.96 4.91
CA GLY A 33 -0.30 6.61 5.17
C GLY A 33 -1.43 5.62 5.40
N GLY A 34 -2.21 5.86 6.44
CA GLY A 34 -3.31 4.96 6.76
C GLY A 34 -4.29 4.83 5.61
N CYS A 35 -4.26 5.78 4.68
CA CYS A 35 -5.14 5.76 3.53
C CYS A 35 -4.78 4.61 2.59
N ALA A 36 -3.49 4.50 2.28
CA ALA A 36 -3.02 3.44 1.39
C ALA A 36 -3.25 2.06 2.00
N LEU A 37 -3.15 1.97 3.32
CA LEU A 37 -3.35 0.72 4.03
C LEU A 37 -4.84 0.39 4.15
N SER A 38 -5.63 1.38 4.56
CA SER A 38 -7.06 1.20 4.72
C SER A 38 -7.73 0.96 3.37
N LYS A 39 -7.19 1.58 2.33
CA LYS A 39 -7.73 1.45 0.98
C LYS A 39 -7.19 0.19 0.31
N TYR A 40 -5.98 -0.21 0.69
CA TYR A 40 -5.35 -1.40 0.13
C TYR A 40 -6.30 -2.59 0.18
N LYS A 41 -6.96 -2.77 1.32
CA LYS A 41 -7.89 -3.87 1.51
C LYS A 41 -9.20 -3.61 0.76
N CYS A 42 -9.49 -2.34 0.51
CA CYS A 42 -10.71 -1.96 -0.20
C CYS A 42 -10.55 -2.21 -1.70
N GLN A 43 -9.46 -1.73 -2.26
CA GLN A 43 -9.20 -1.89 -3.69
C GLN A 43 -8.96 -3.36 -4.03
N ASN A 44 -8.17 -4.03 -3.20
CA ASN A 44 -7.86 -5.45 -3.41
C ASN A 44 -8.07 -6.25 -2.14
N PRO A 45 -9.34 -6.49 -1.79
CA PRO A 45 -9.71 -7.24 -0.59
C PRO A 45 -9.37 -8.72 -0.71
N ASN A 46 -8.96 -9.14 -1.91
CA ASN A 46 -8.59 -10.53 -2.16
C ASN A 46 -7.07 -10.70 -2.16
N HIS A 47 -6.36 -9.59 -2.34
CA HIS A 47 -4.90 -9.62 -2.36
C HIS A 47 -4.33 -9.52 -0.95
N GLU A 48 -3.04 -9.80 -0.82
CA GLU A 48 -2.37 -9.74 0.48
C GLU A 48 -1.17 -8.81 0.44
N LYS A 49 -1.17 -7.81 1.32
CA LYS A 49 -0.07 -6.86 1.39
C LYS A 49 1.25 -7.55 1.71
N LEU A 50 2.27 -7.29 0.91
CA LEU A 50 3.58 -7.89 1.13
C LEU A 50 4.60 -6.83 1.57
N GLY A 51 5.57 -7.25 2.37
CA GLY A 51 6.59 -6.34 2.84
C GLY A 51 8.00 -6.87 2.64
N TYR A 52 8.10 -8.03 2.01
CA TYR A 52 9.39 -8.66 1.75
C TYR A 52 9.43 -9.29 0.37
N THR A 53 8.66 -8.74 -0.55
CA THR A 53 8.60 -9.25 -1.91
C THR A 53 9.69 -8.64 -2.78
N HIS A 54 10.23 -9.45 -3.70
CA HIS A 54 11.29 -8.99 -4.59
C HIS A 54 10.82 -7.81 -5.43
N GLU A 55 9.51 -7.72 -5.63
CA GLU A 55 8.93 -6.64 -6.42
C GLU A 55 8.83 -5.35 -5.60
N CYS A 56 8.70 -5.50 -4.29
CA CYS A 56 8.58 -4.36 -3.39
C CYS A 56 9.96 -3.99 -2.81
N GLU A 57 11.01 -4.42 -3.49
CA GLU A 57 12.37 -4.14 -3.05
C GLU A 57 12.56 -2.65 -2.80
N GLU A 58 11.93 -1.82 -3.63
CA GLU A 58 12.03 -0.38 -3.50
C GLU A 58 11.42 0.10 -2.19
N ALA A 59 10.41 -0.62 -1.73
CA ALA A 59 9.73 -0.28 -0.48
C ALA A 59 10.69 -0.35 0.70
N ILE A 60 11.63 -1.29 0.64
CA ILE A 60 12.61 -1.46 1.71
C ILE A 60 13.29 -0.15 2.03
N LYS A 61 13.68 0.59 1.00
CA LYS A 61 14.35 1.88 1.19
C LYS A 61 13.33 2.99 1.40
N ASN A 62 12.12 2.79 0.88
CA ASN A 62 11.06 3.78 1.02
C ASN A 62 10.56 3.86 2.46
N ALA A 63 10.73 2.77 3.19
CA ALA A 63 10.30 2.71 4.58
C ALA A 63 11.46 3.04 5.53
N PRO A 64 11.12 3.41 6.76
CA PRO A 64 12.13 3.76 7.78
C PRO A 64 12.91 2.55 8.26
N ARG A 65 14.22 2.57 8.03
CA ARG A 65 15.08 1.47 8.43
C ARG A 65 16.07 1.92 9.51
N PRO A 66 16.58 0.96 10.28
CA PRO A 66 17.53 1.22 11.36
C PRO A 66 18.90 1.66 10.83
N VAL A 1 -2.82 8.39 -8.10
CA VAL A 1 -2.24 8.19 -6.77
C VAL A 1 -2.38 6.76 -6.31
N PRO A 2 -1.50 6.34 -5.40
CA PRO A 2 -1.50 4.97 -4.85
C PRO A 2 -2.71 4.72 -3.95
N VAL A 3 -3.46 3.68 -4.26
CA VAL A 3 -4.64 3.31 -3.48
C VAL A 3 -5.55 4.52 -3.27
N GLY A 4 -5.69 5.34 -4.31
CA GLY A 4 -6.53 6.52 -4.22
C GLY A 4 -7.59 6.56 -5.30
N SER A 5 -7.20 6.21 -6.52
CA SER A 5 -8.12 6.21 -7.65
C SER A 5 -8.90 4.90 -7.73
N ASP A 6 -8.29 3.83 -7.24
CA ASP A 6 -8.91 2.52 -7.25
C ASP A 6 -9.94 2.40 -6.12
N CYS A 7 -9.79 3.25 -5.11
CA CYS A 7 -10.71 3.23 -3.97
C CYS A 7 -10.87 4.64 -3.39
N GLU A 8 -12.10 4.97 -3.02
CA GLU A 8 -12.38 6.28 -2.44
C GLU A 8 -12.29 6.25 -0.91
N PRO A 9 -11.41 7.10 -0.36
CA PRO A 9 -11.20 7.19 1.09
C PRO A 9 -12.39 7.80 1.81
N LYS A 10 -12.88 7.10 2.84
CA LYS A 10 -14.01 7.58 3.61
C LYS A 10 -13.62 7.84 5.06
N LEU A 11 -12.55 7.18 5.51
CA LEU A 11 -12.06 7.35 6.87
C LEU A 11 -10.77 6.57 7.08
N CYS A 12 -9.76 7.24 7.62
CA CYS A 12 -8.48 6.60 7.88
C CYS A 12 -7.65 7.42 8.87
N THR A 13 -6.65 6.78 9.48
CA THR A 13 -5.79 7.45 10.44
C THR A 13 -4.32 7.32 10.05
N MET A 14 -3.66 8.45 9.88
CA MET A 14 -2.25 8.46 9.52
C MET A 14 -1.44 7.54 10.43
N ASP A 15 -0.76 6.58 9.84
CA ASP A 15 0.06 5.64 10.60
C ASP A 15 1.54 5.86 10.34
N LEU A 16 2.37 4.92 10.80
CA LEU A 16 3.81 5.03 10.62
C LEU A 16 4.40 3.66 10.26
N VAL A 17 3.65 2.88 9.49
CA VAL A 17 4.11 1.56 9.07
C VAL A 17 3.75 1.29 7.62
N PRO A 18 4.66 1.67 6.71
CA PRO A 18 4.48 1.48 5.26
C PRO A 18 4.54 0.01 4.86
N HIS A 19 4.11 -0.28 3.63
CA HIS A 19 4.11 -1.65 3.12
C HIS A 19 4.01 -1.66 1.60
N CYS A 20 4.06 -2.85 1.02
CA CYS A 20 3.97 -3.00 -0.42
C CYS A 20 2.55 -3.40 -0.84
N PHE A 21 1.92 -2.55 -1.66
CA PHE A 21 0.57 -2.81 -2.13
C PHE A 21 0.55 -3.00 -3.64
N LEU A 22 -0.53 -3.61 -4.14
CA LEU A 22 -0.67 -3.85 -5.57
C LEU A 22 -1.81 -3.03 -6.16
N ASN A 23 -1.53 -2.35 -7.27
CA ASN A 23 -2.53 -1.52 -7.93
C ASN A 23 -2.87 -2.08 -9.31
N PRO A 24 -4.17 -2.08 -9.64
CA PRO A 24 -4.66 -2.58 -10.93
C PRO A 24 -4.26 -1.68 -12.09
N GLU A 25 -3.89 -0.44 -11.77
CA GLU A 25 -3.49 0.53 -12.79
C GLU A 25 -1.99 0.77 -12.75
N LYS A 26 -1.33 0.20 -11.74
CA LYS A 26 0.11 0.35 -11.59
C LYS A 26 0.76 -0.98 -11.24
N GLY A 27 0.51 -1.46 -10.03
CA GLY A 27 1.09 -2.73 -9.60
C GLY A 27 1.73 -2.64 -8.23
N ILE A 28 2.85 -3.33 -8.07
CA ILE A 28 3.57 -3.33 -6.80
C ILE A 28 4.13 -1.94 -6.49
N VAL A 29 3.75 -1.41 -5.33
CA VAL A 29 4.22 -0.09 -4.91
C VAL A 29 4.26 0.02 -3.38
N VAL A 30 5.33 0.62 -2.86
CA VAL A 30 5.48 0.79 -1.43
C VAL A 30 4.98 2.16 -0.98
N VAL A 31 4.16 2.18 0.06
CA VAL A 31 3.62 3.42 0.60
C VAL A 31 3.37 3.32 2.09
N HIS A 32 3.01 4.44 2.71
CA HIS A 32 2.75 4.48 4.15
C HIS A 32 1.33 4.00 4.45
N GLY A 33 1.18 3.31 5.58
CA GLY A 33 -0.12 2.79 5.95
C GLY A 33 -1.11 3.90 6.30
N GLY A 34 -1.98 3.64 7.26
CA GLY A 34 -2.96 4.64 7.66
C GLY A 34 -4.12 4.72 6.67
N CYS A 35 -3.91 5.42 5.57
CA CYS A 35 -4.93 5.58 4.55
C CYS A 35 -4.74 4.59 3.41
N ALA A 36 -3.49 4.42 2.98
CA ALA A 36 -3.17 3.50 1.91
C ALA A 36 -3.48 2.07 2.30
N LEU A 37 -3.32 1.76 3.58
CA LEU A 37 -3.58 0.42 4.09
C LEU A 37 -5.07 0.17 4.24
N SER A 38 -5.78 1.17 4.77
CA SER A 38 -7.22 1.07 4.97
C SER A 38 -7.95 0.99 3.63
N LYS A 39 -7.47 1.76 2.65
CA LYS A 39 -8.08 1.78 1.33
C LYS A 39 -7.66 0.55 0.53
N TYR A 40 -6.46 0.06 0.78
CA TYR A 40 -5.94 -1.11 0.08
C TYR A 40 -6.92 -2.28 0.19
N LYS A 41 -7.52 -2.42 1.36
CA LYS A 41 -8.47 -3.50 1.60
C LYS A 41 -9.77 -3.26 0.83
N CYS A 42 -10.04 -2.00 0.54
CA CYS A 42 -11.26 -1.63 -0.18
C CYS A 42 -11.08 -1.82 -1.68
N GLN A 43 -9.99 -1.28 -2.22
CA GLN A 43 -9.70 -1.39 -3.65
C GLN A 43 -9.48 -2.85 -4.04
N ASN A 44 -8.68 -3.56 -3.24
CA ASN A 44 -8.39 -4.97 -3.50
C ASN A 44 -8.54 -5.80 -2.24
N PRO A 45 -9.80 -6.10 -1.87
CA PRO A 45 -10.11 -6.89 -0.67
C PRO A 45 -9.70 -8.35 -0.83
N ASN A 46 -9.27 -8.72 -2.04
CA ASN A 46 -8.86 -10.09 -2.32
C ASN A 46 -7.33 -10.19 -2.40
N HIS A 47 -6.68 -9.05 -2.62
CA HIS A 47 -5.23 -9.00 -2.73
C HIS A 47 -4.59 -9.17 -1.35
N GLU A 48 -3.28 -9.43 -1.35
CA GLU A 48 -2.55 -9.60 -0.09
C GLU A 48 -1.31 -8.70 -0.06
N LYS A 49 -1.34 -7.72 0.85
CA LYS A 49 -0.23 -6.78 0.99
C LYS A 49 1.05 -7.51 1.39
N LEU A 50 2.16 -7.13 0.79
CA LEU A 50 3.45 -7.74 1.09
C LEU A 50 3.38 -9.25 0.91
N GLY A 51 4.47 -9.94 1.27
CA GLY A 51 4.52 -11.38 1.14
C GLY A 51 5.92 -11.90 0.98
N TYR A 52 6.25 -12.36 -0.22
CA TYR A 52 7.58 -12.90 -0.50
C TYR A 52 8.11 -12.38 -1.84
N THR A 53 7.81 -11.12 -2.14
CA THR A 53 8.25 -10.51 -3.38
C THR A 53 9.61 -9.84 -3.21
N HIS A 54 10.45 -9.97 -4.24
CA HIS A 54 11.78 -9.37 -4.20
C HIS A 54 11.71 -7.86 -4.41
N GLU A 55 10.62 -7.40 -5.01
CA GLU A 55 10.44 -5.98 -5.27
C GLU A 55 10.20 -5.21 -3.97
N CYS A 56 9.72 -5.93 -2.96
CA CYS A 56 9.45 -5.32 -1.66
C CYS A 56 10.73 -4.77 -1.03
N GLU A 57 11.87 -5.22 -1.55
CA GLU A 57 13.16 -4.77 -1.04
C GLU A 57 13.25 -3.25 -1.03
N GLU A 58 12.71 -2.62 -2.08
CA GLU A 58 12.73 -1.17 -2.19
C GLU A 58 11.99 -0.53 -1.01
N ALA A 59 11.04 -1.26 -0.45
CA ALA A 59 10.26 -0.76 0.68
C ALA A 59 11.17 -0.45 1.87
N ILE A 60 12.21 -1.25 2.04
CA ILE A 60 13.15 -1.06 3.14
C ILE A 60 13.64 0.38 3.20
N LYS A 61 14.01 0.93 2.05
CA LYS A 61 14.49 2.30 1.96
C LYS A 61 13.33 3.28 1.87
N ASN A 62 12.27 2.88 1.19
CA ASN A 62 11.09 3.71 1.02
C ASN A 62 10.44 4.02 2.37
N ALA A 63 10.68 3.14 3.35
CA ALA A 63 10.13 3.31 4.68
C ALA A 63 10.97 4.28 5.51
N PRO A 64 10.35 4.88 6.54
CA PRO A 64 11.02 5.83 7.42
C PRO A 64 12.06 5.16 8.31
N ARG A 65 13.34 5.44 8.04
CA ARG A 65 14.43 4.87 8.82
C ARG A 65 14.33 5.29 10.28
N PRO A 66 15.00 4.53 11.15
CA PRO A 66 15.01 4.80 12.60
C PRO A 66 15.78 6.06 12.95
N VAL A 1 -2.36 9.60 -4.96
CA VAL A 1 -2.33 8.26 -4.37
C VAL A 1 -2.96 7.23 -5.30
N PRO A 2 -2.26 6.10 -5.47
CA PRO A 2 -2.73 5.01 -6.34
C PRO A 2 -3.95 4.29 -5.77
N VAL A 3 -5.02 4.24 -6.55
CA VAL A 3 -6.24 3.58 -6.12
C VAL A 3 -6.94 2.89 -7.29
N GLY A 4 -6.24 2.80 -8.42
CA GLY A 4 -6.80 2.16 -9.59
C GLY A 4 -8.17 2.69 -9.95
N SER A 5 -9.19 1.86 -9.76
CA SER A 5 -10.56 2.26 -10.08
C SER A 5 -11.55 1.26 -9.47
N ASP A 6 -11.16 0.61 -8.39
CA ASP A 6 -12.01 -0.37 -7.72
C ASP A 6 -12.31 0.07 -6.28
N CYS A 7 -11.50 0.99 -5.77
CA CYS A 7 -11.67 1.48 -4.41
C CYS A 7 -12.02 2.97 -4.42
N GLU A 8 -12.91 3.37 -3.51
CA GLU A 8 -13.33 4.76 -3.41
C GLU A 8 -12.77 5.41 -2.15
N PRO A 9 -11.66 6.14 -2.31
CA PRO A 9 -11.00 6.83 -1.20
C PRO A 9 -11.82 8.01 -0.67
N LYS A 10 -12.19 7.94 0.60
CA LYS A 10 -12.98 8.99 1.23
C LYS A 10 -13.01 8.82 2.75
N LEU A 11 -11.97 8.20 3.29
CA LEU A 11 -11.87 7.98 4.73
C LEU A 11 -10.59 7.24 5.08
N CYS A 12 -9.75 7.87 5.90
CA CYS A 12 -8.49 7.26 6.31
C CYS A 12 -7.94 7.95 7.55
N THR A 13 -6.99 7.30 8.21
CA THR A 13 -6.38 7.86 9.42
C THR A 13 -4.86 7.91 9.29
N MET A 14 -4.29 9.09 9.50
CA MET A 14 -2.84 9.27 9.40
C MET A 14 -2.12 8.20 10.20
N ASP A 15 -1.32 7.39 9.50
CA ASP A 15 -0.56 6.32 10.15
C ASP A 15 0.91 6.41 9.77
N LEU A 16 1.71 5.48 10.31
CA LEU A 16 3.14 5.46 10.03
C LEU A 16 3.63 4.03 9.85
N VAL A 17 2.86 3.23 9.12
CA VAL A 17 3.21 1.83 8.86
C VAL A 17 3.13 1.51 7.37
N PRO A 18 4.22 1.79 6.64
CA PRO A 18 4.30 1.54 5.20
C PRO A 18 4.34 0.05 4.88
N HIS A 19 3.88 -0.31 3.68
CA HIS A 19 3.88 -1.71 3.25
C HIS A 19 3.73 -1.81 1.74
N CYS A 20 3.78 -3.03 1.23
CA CYS A 20 3.65 -3.26 -0.21
C CYS A 20 2.25 -3.73 -0.55
N PHE A 21 1.78 -3.37 -1.76
CA PHE A 21 0.46 -3.76 -2.20
C PHE A 21 0.42 -3.91 -3.72
N LEU A 22 -0.60 -4.60 -4.22
CA LEU A 22 -0.75 -4.81 -5.66
C LEU A 22 -1.98 -4.09 -6.19
N ASN A 23 -1.76 -3.15 -7.10
CA ASN A 23 -2.85 -2.37 -7.69
C ASN A 23 -3.14 -2.84 -9.11
N PRO A 24 -4.44 -2.85 -9.48
CA PRO A 24 -4.87 -3.28 -10.80
C PRO A 24 -4.47 -2.29 -11.90
N GLU A 25 -4.18 -1.06 -11.50
CA GLU A 25 -3.77 -0.02 -12.44
C GLU A 25 -2.29 0.31 -12.30
N LYS A 26 -1.67 -0.27 -11.28
CA LYS A 26 -0.25 -0.05 -11.03
C LYS A 26 0.47 -1.37 -10.76
N GLY A 27 0.20 -1.96 -9.60
CA GLY A 27 0.82 -3.22 -9.24
C GLY A 27 1.73 -3.10 -8.03
N ILE A 28 2.84 -3.82 -8.04
CA ILE A 28 3.78 -3.79 -6.93
C ILE A 28 4.17 -2.35 -6.58
N VAL A 29 3.59 -1.85 -5.50
CA VAL A 29 3.88 -0.48 -5.05
C VAL A 29 3.83 -0.38 -3.53
N VAL A 30 4.73 0.41 -2.97
CA VAL A 30 4.79 0.59 -1.52
C VAL A 30 4.25 1.97 -1.12
N VAL A 31 3.47 2.00 -0.04
CA VAL A 31 2.90 3.24 0.44
C VAL A 31 2.91 3.30 1.98
N HIS A 32 3.02 4.51 2.52
CA HIS A 32 3.05 4.70 3.96
C HIS A 32 1.64 4.66 4.54
N GLY A 33 1.52 4.21 5.79
CA GLY A 33 0.23 4.13 6.44
C GLY A 33 -0.55 5.43 6.33
N GLY A 34 -1.87 5.31 6.17
CA GLY A 34 -2.71 6.49 6.05
C GLY A 34 -3.85 6.30 5.07
N CYS A 35 -3.80 7.03 3.97
CA CYS A 35 -4.83 6.93 2.94
C CYS A 35 -4.44 5.94 1.86
N ALA A 36 -3.17 5.97 1.46
CA ALA A 36 -2.66 5.06 0.44
C ALA A 36 -2.71 3.62 0.92
N LEU A 37 -2.54 3.42 2.22
CA LEU A 37 -2.56 2.09 2.81
C LEU A 37 -3.98 1.56 2.92
N SER A 38 -4.88 2.42 3.39
CA SER A 38 -6.29 2.04 3.55
C SER A 38 -6.90 1.64 2.21
N LYS A 39 -6.72 2.50 1.21
CA LYS A 39 -7.26 2.23 -0.12
C LYS A 39 -6.83 0.85 -0.61
N TYR A 40 -5.54 0.56 -0.53
CA TYR A 40 -5.01 -0.72 -0.97
C TYR A 40 -5.74 -1.88 -0.28
N LYS A 41 -6.18 -1.63 0.95
CA LYS A 41 -6.90 -2.65 1.72
C LYS A 41 -8.37 -2.69 1.33
N CYS A 42 -8.87 -1.57 0.81
CA CYS A 42 -10.27 -1.48 0.39
C CYS A 42 -10.46 -2.10 -0.99
N GLN A 43 -9.57 -1.77 -1.92
CA GLN A 43 -9.64 -2.28 -3.28
C GLN A 43 -9.55 -3.81 -3.28
N ASN A 44 -8.62 -4.34 -2.49
CA ASN A 44 -8.43 -5.78 -2.40
C ASN A 44 -8.07 -6.19 -0.98
N PRO A 45 -9.08 -6.28 -0.10
CA PRO A 45 -8.90 -6.66 1.29
C PRO A 45 -8.52 -8.14 1.45
N ASN A 46 -8.56 -8.87 0.34
CA ASN A 46 -8.22 -10.29 0.34
C ASN A 46 -6.89 -10.54 -0.35
N HIS A 47 -6.43 -9.53 -1.10
CA HIS A 47 -5.16 -9.64 -1.82
C HIS A 47 -4.03 -10.01 -0.87
N GLU A 48 -2.89 -10.40 -1.43
CA GLU A 48 -1.73 -10.78 -0.62
C GLU A 48 -0.75 -9.62 -0.51
N LYS A 49 -0.79 -8.94 0.64
CA LYS A 49 0.09 -7.80 0.88
C LYS A 49 1.56 -8.23 0.85
N LEU A 50 2.25 -7.89 -0.23
CA LEU A 50 3.65 -8.23 -0.38
C LEU A 50 4.45 -7.81 0.85
N GLY A 51 5.41 -8.65 1.25
CA GLY A 51 6.23 -8.34 2.40
C GLY A 51 7.44 -9.25 2.51
N TYR A 52 8.58 -8.68 2.90
CA TYR A 52 9.80 -9.45 3.04
C TYR A 52 10.09 -10.26 1.78
N THR A 53 9.94 -9.62 0.62
CA THR A 53 10.18 -10.28 -0.66
C THR A 53 10.98 -9.39 -1.60
N HIS A 54 11.59 -10.00 -2.60
CA HIS A 54 12.39 -9.26 -3.58
C HIS A 54 11.55 -8.18 -4.26
N GLU A 55 10.23 -8.37 -4.24
CA GLU A 55 9.32 -7.42 -4.86
C GLU A 55 9.11 -6.19 -3.96
N CYS A 56 9.42 -6.36 -2.68
CA CYS A 56 9.26 -5.27 -1.72
C CYS A 56 10.54 -4.45 -1.62
N GLU A 57 11.46 -4.66 -2.55
CA GLU A 57 12.72 -3.94 -2.57
C GLU A 57 12.50 -2.44 -2.50
N GLU A 58 11.50 -1.96 -3.25
CA GLU A 58 11.19 -0.54 -3.26
C GLU A 58 10.69 -0.07 -1.90
N ALA A 59 10.12 -1.00 -1.14
CA ALA A 59 9.62 -0.69 0.20
C ALA A 59 10.74 -0.31 1.15
N ILE A 60 11.95 -0.78 0.83
CA ILE A 60 13.12 -0.50 1.66
C ILE A 60 13.38 1.01 1.73
N LYS A 61 13.23 1.68 0.61
CA LYS A 61 13.45 3.13 0.55
C LYS A 61 12.19 3.88 0.98
N ASN A 62 11.03 3.37 0.59
CA ASN A 62 9.76 4.00 0.94
C ASN A 62 9.54 3.99 2.45
N ALA A 63 9.75 2.83 3.06
CA ALA A 63 9.57 2.69 4.50
C ALA A 63 10.81 3.15 5.25
N PRO A 64 10.64 3.53 6.52
CA PRO A 64 11.74 4.00 7.37
C PRO A 64 12.70 2.87 7.75
N ARG A 65 14.00 3.16 7.64
CA ARG A 65 15.02 2.17 7.96
C ARG A 65 15.56 2.38 9.38
N PRO A 66 16.17 1.33 9.93
CA PRO A 66 16.75 1.38 11.28
C PRO A 66 17.97 2.28 11.37
N VAL A 1 -3.07 8.12 -11.86
CA VAL A 1 -2.92 8.43 -10.44
C VAL A 1 -2.98 7.16 -9.59
N PRO A 2 -2.02 7.04 -8.65
CA PRO A 2 -1.94 5.88 -7.77
C PRO A 2 -3.07 5.84 -6.76
N VAL A 3 -3.64 4.64 -6.54
CA VAL A 3 -4.73 4.47 -5.59
C VAL A 3 -5.84 5.48 -5.86
N GLY A 4 -6.13 5.71 -7.14
CA GLY A 4 -7.18 6.64 -7.50
C GLY A 4 -8.51 5.96 -7.74
N SER A 5 -8.68 5.39 -8.93
CA SER A 5 -9.91 4.71 -9.28
C SER A 5 -10.09 3.44 -8.46
N ASP A 6 -8.98 2.90 -7.95
CA ASP A 6 -9.02 1.69 -7.13
C ASP A 6 -9.81 1.92 -5.86
N CYS A 7 -9.21 2.63 -4.91
CA CYS A 7 -9.87 2.92 -3.64
C CYS A 7 -9.82 4.41 -3.33
N GLU A 8 -10.75 4.86 -2.50
CA GLU A 8 -10.82 6.27 -2.12
C GLU A 8 -10.79 6.43 -0.61
N PRO A 9 -10.29 7.59 -0.15
CA PRO A 9 -10.19 7.90 1.28
C PRO A 9 -11.56 8.13 1.92
N LYS A 10 -11.57 8.27 3.24
CA LYS A 10 -12.81 8.49 3.98
C LYS A 10 -12.54 8.64 5.47
N LEU A 11 -11.65 7.80 6.00
CA LEU A 11 -11.30 7.83 7.41
C LEU A 11 -10.19 6.83 7.71
N CYS A 12 -9.13 7.32 8.36
CA CYS A 12 -8.00 6.48 8.73
C CYS A 12 -7.15 7.13 9.80
N THR A 13 -6.21 6.38 10.36
CA THR A 13 -5.33 6.88 11.41
C THR A 13 -3.86 6.70 11.03
N MET A 14 -3.16 7.81 10.86
CA MET A 14 -1.75 7.77 10.50
C MET A 14 -0.99 6.81 11.41
N ASP A 15 -0.50 5.73 10.83
CA ASP A 15 0.25 4.72 11.58
C ASP A 15 1.74 4.83 11.29
N LEU A 16 2.50 3.84 11.74
CA LEU A 16 3.94 3.82 11.52
C LEU A 16 4.41 2.44 11.06
N VAL A 17 3.59 1.80 10.23
CA VAL A 17 3.91 0.48 9.71
C VAL A 17 3.61 0.39 8.22
N PRO A 18 4.54 0.88 7.39
CA PRO A 18 4.39 0.86 5.93
C PRO A 18 4.50 -0.55 5.36
N HIS A 19 4.00 -0.72 4.13
CA HIS A 19 4.03 -2.02 3.47
C HIS A 19 3.82 -1.87 1.97
N CYS A 20 3.92 -2.97 1.25
CA CYS A 20 3.74 -2.97 -0.20
C CYS A 20 2.35 -3.46 -0.57
N PHE A 21 1.68 -2.72 -1.46
CA PHE A 21 0.34 -3.09 -1.90
C PHE A 21 0.29 -3.22 -3.42
N LEU A 22 -0.73 -3.91 -3.92
CA LEU A 22 -0.90 -4.10 -5.35
C LEU A 22 -1.68 -2.95 -5.98
N ASN A 23 -1.06 -2.29 -6.95
CA ASN A 23 -1.71 -1.17 -7.62
C ASN A 23 -1.96 -1.49 -9.09
N PRO A 24 -3.20 -1.85 -9.42
CA PRO A 24 -3.61 -2.19 -10.79
C PRO A 24 -3.61 -0.98 -11.71
N GLU A 25 -3.43 0.21 -11.12
CA GLU A 25 -3.42 1.44 -11.90
C GLU A 25 -2.01 1.78 -12.38
N LYS A 26 -1.03 1.01 -11.90
CA LYS A 26 0.36 1.22 -12.28
C LYS A 26 1.20 0.00 -11.93
N GLY A 27 1.33 -0.29 -10.64
CA GLY A 27 2.12 -1.43 -10.20
C GLY A 27 2.34 -1.44 -8.70
N ILE A 28 2.98 -2.48 -8.21
CA ILE A 28 3.25 -2.61 -6.78
C ILE A 28 3.88 -1.33 -6.22
N VAL A 29 3.31 -0.84 -5.13
CA VAL A 29 3.82 0.39 -4.49
C VAL A 29 3.80 0.25 -2.97
N VAL A 30 4.82 0.83 -2.33
CA VAL A 30 4.92 0.78 -0.88
C VAL A 30 4.49 2.11 -0.25
N VAL A 31 3.68 2.02 0.79
CA VAL A 31 3.20 3.21 1.48
C VAL A 31 3.09 2.97 2.99
N HIS A 32 2.80 4.03 3.73
CA HIS A 32 2.66 3.94 5.18
C HIS A 32 1.29 3.40 5.57
N GLY A 33 1.23 2.71 6.70
CA GLY A 33 -0.03 2.15 7.16
C GLY A 33 -1.07 3.23 7.46
N GLY A 34 -2.05 2.89 8.28
CA GLY A 34 -3.09 3.83 8.63
C GLY A 34 -4.12 4.00 7.53
N CYS A 35 -3.76 4.76 6.50
CA CYS A 35 -4.66 5.00 5.38
C CYS A 35 -4.48 3.94 4.30
N ALA A 36 -3.23 3.55 4.06
CA ALA A 36 -2.92 2.54 3.05
C ALA A 36 -3.48 1.18 3.45
N LEU A 37 -3.47 0.90 4.74
CA LEU A 37 -3.97 -0.37 5.26
C LEU A 37 -5.50 -0.37 5.30
N SER A 38 -6.08 0.70 5.85
CA SER A 38 -7.52 0.83 5.95
C SER A 38 -8.17 0.83 4.57
N LYS A 39 -7.48 1.44 3.61
CA LYS A 39 -7.97 1.52 2.24
C LYS A 39 -7.63 0.25 1.46
N TYR A 40 -6.54 -0.39 1.83
CA TYR A 40 -6.11 -1.62 1.17
C TYR A 40 -7.24 -2.63 1.11
N LYS A 41 -7.97 -2.77 2.21
CA LYS A 41 -9.09 -3.69 2.29
C LYS A 41 -10.06 -3.48 1.13
N CYS A 42 -10.08 -2.26 0.61
CA CYS A 42 -10.96 -1.91 -0.50
C CYS A 42 -10.20 -1.92 -1.82
N GLN A 43 -8.99 -1.39 -1.81
CA GLN A 43 -8.16 -1.33 -3.00
C GLN A 43 -8.08 -2.69 -3.67
N ASN A 44 -7.82 -3.73 -2.88
CA ASN A 44 -7.72 -5.08 -3.40
C ASN A 44 -8.05 -6.11 -2.32
N PRO A 45 -9.35 -6.32 -2.08
CA PRO A 45 -9.83 -7.28 -1.08
C PRO A 45 -9.56 -8.72 -1.48
N ASN A 46 -9.10 -8.92 -2.71
CA ASN A 46 -8.81 -10.25 -3.21
C ASN A 46 -7.29 -10.50 -3.25
N HIS A 47 -6.52 -9.41 -3.23
CA HIS A 47 -5.07 -9.51 -3.26
C HIS A 47 -4.50 -9.62 -1.84
N GLU A 48 -3.23 -9.99 -1.75
CA GLU A 48 -2.57 -10.14 -0.45
C GLU A 48 -1.36 -9.21 -0.35
N LYS A 49 -1.36 -8.36 0.67
CA LYS A 49 -0.26 -7.43 0.89
C LYS A 49 1.05 -8.17 1.12
N LEU A 50 2.09 -7.74 0.43
CA LEU A 50 3.42 -8.36 0.57
C LEU A 50 4.26 -7.62 1.59
N GLY A 51 4.93 -8.37 2.46
CA GLY A 51 5.77 -7.77 3.48
C GLY A 51 7.17 -8.34 3.48
N TYR A 52 7.41 -9.33 2.63
CA TYR A 52 8.71 -9.98 2.54
C TYR A 52 8.96 -10.52 1.14
N THR A 53 9.11 -9.61 0.18
CA THR A 53 9.36 -10.01 -1.20
C THR A 53 10.44 -9.15 -1.83
N HIS A 54 11.13 -9.71 -2.83
CA HIS A 54 12.21 -9.00 -3.51
C HIS A 54 11.69 -7.70 -4.13
N GLU A 55 10.38 -7.64 -4.35
CA GLU A 55 9.76 -6.45 -4.93
C GLU A 55 9.58 -5.36 -3.88
N CYS A 56 9.70 -5.74 -2.62
CA CYS A 56 9.56 -4.80 -1.52
C CYS A 56 10.89 -4.14 -1.18
N GLU A 57 11.90 -4.40 -2.01
CA GLU A 57 13.23 -3.83 -1.79
C GLU A 57 13.16 -2.32 -1.59
N GLU A 58 12.34 -1.67 -2.41
CA GLU A 58 12.17 -0.22 -2.32
C GLU A 58 11.55 0.19 -0.99
N ALA A 59 10.75 -0.72 -0.42
CA ALA A 59 10.10 -0.45 0.86
C ALA A 59 11.13 -0.15 1.94
N ILE A 60 12.33 -0.67 1.77
CA ILE A 60 13.41 -0.45 2.74
C ILE A 60 13.64 1.03 2.98
N LYS A 61 13.69 1.80 1.90
CA LYS A 61 13.90 3.24 1.99
C LYS A 61 12.59 3.98 2.24
N ASN A 62 11.51 3.47 1.64
CA ASN A 62 10.20 4.07 1.81
C ASN A 62 9.73 3.98 3.26
N ALA A 63 10.25 3.00 3.98
CA ALA A 63 9.90 2.81 5.38
C ALA A 63 10.86 3.54 6.31
N PRO A 64 10.42 3.81 7.54
CA PRO A 64 11.22 4.51 8.54
C PRO A 64 12.40 3.67 9.05
N ARG A 65 13.61 4.11 8.73
CA ARG A 65 14.81 3.39 9.14
C ARG A 65 15.35 3.96 10.45
N PRO A 66 16.18 3.16 11.14
CA PRO A 66 16.78 3.55 12.42
C PRO A 66 17.82 4.66 12.25
N VAL A 1 -3.60 9.86 -8.39
CA VAL A 1 -2.99 9.19 -7.25
C VAL A 1 -3.37 7.71 -7.21
N PRO A 2 -2.53 6.91 -6.55
CA PRO A 2 -2.76 5.47 -6.42
C PRO A 2 -3.94 5.14 -5.51
N VAL A 3 -4.42 3.90 -5.58
CA VAL A 3 -5.54 3.47 -4.76
C VAL A 3 -6.71 4.43 -4.88
N GLY A 4 -7.01 4.84 -6.12
CA GLY A 4 -8.11 5.75 -6.36
C GLY A 4 -9.04 5.28 -7.46
N SER A 5 -8.77 4.08 -7.97
CA SER A 5 -9.58 3.51 -9.05
C SER A 5 -10.52 2.44 -8.51
N ASP A 6 -9.95 1.38 -7.94
CA ASP A 6 -10.74 0.29 -7.39
C ASP A 6 -11.34 0.67 -6.04
N CYS A 7 -10.71 1.65 -5.38
CA CYS A 7 -11.18 2.11 -4.09
C CYS A 7 -11.08 3.63 -3.98
N GLU A 8 -11.96 4.23 -3.17
CA GLU A 8 -11.97 5.67 -2.98
C GLU A 8 -11.87 6.03 -1.51
N PRO A 9 -11.32 7.22 -1.22
CA PRO A 9 -11.15 7.70 0.15
C PRO A 9 -12.48 8.06 0.80
N LYS A 10 -12.53 7.95 2.13
CA LYS A 10 -13.75 8.25 2.88
C LYS A 10 -13.43 8.42 4.36
N LEU A 11 -12.55 7.58 4.88
CA LEU A 11 -12.17 7.64 6.29
C LEU A 11 -10.94 6.78 6.56
N CYS A 12 -9.89 7.41 7.09
CA CYS A 12 -8.65 6.70 7.40
C CYS A 12 -7.80 7.48 8.39
N THR A 13 -6.65 6.92 8.76
CA THR A 13 -5.75 7.58 9.70
C THR A 13 -4.36 7.72 9.11
N MET A 14 -3.70 8.83 9.43
CA MET A 14 -2.35 9.09 8.93
C MET A 14 -1.31 8.42 9.82
N ASP A 15 -0.12 8.19 9.26
CA ASP A 15 0.96 7.56 10.01
C ASP A 15 2.22 7.45 9.14
N LEU A 16 3.31 7.00 9.76
CA LEU A 16 4.57 6.85 9.06
C LEU A 16 4.94 5.38 8.91
N VAL A 17 4.00 4.58 8.40
CA VAL A 17 4.22 3.16 8.20
C VAL A 17 4.29 2.81 6.72
N PRO A 18 5.46 3.03 6.12
CA PRO A 18 5.68 2.75 4.69
C PRO A 18 5.69 1.25 4.40
N HIS A 19 4.75 0.81 3.58
CA HIS A 19 4.65 -0.60 3.20
C HIS A 19 4.49 -0.76 1.70
N CYS A 20 4.64 -1.99 1.23
CA CYS A 20 4.51 -2.27 -0.21
C CYS A 20 3.14 -2.87 -0.52
N PHE A 21 2.40 -2.18 -1.38
CA PHE A 21 1.07 -2.63 -1.77
C PHE A 21 0.95 -2.71 -3.29
N LEU A 22 -0.06 -3.46 -3.76
CA LEU A 22 -0.28 -3.62 -5.19
C LEU A 22 -1.51 -2.84 -5.63
N ASN A 23 -1.37 -2.09 -6.72
CA ASN A 23 -2.47 -1.30 -7.26
C ASN A 23 -2.97 -1.87 -8.59
N PRO A 24 -4.30 -1.92 -8.75
CA PRO A 24 -4.94 -2.44 -9.96
C PRO A 24 -4.71 -1.53 -11.16
N GLU A 25 -4.18 -0.34 -10.92
CA GLU A 25 -3.92 0.62 -11.99
C GLU A 25 -2.42 0.72 -12.27
N LYS A 26 -1.61 0.35 -11.28
CA LYS A 26 -0.16 0.40 -11.43
C LYS A 26 0.48 -0.93 -11.01
N GLY A 27 0.41 -1.23 -9.71
CA GLY A 27 0.98 -2.47 -9.22
C GLY A 27 1.80 -2.25 -7.95
N ILE A 28 2.96 -2.89 -7.89
CA ILE A 28 3.83 -2.77 -6.72
C ILE A 28 4.17 -1.32 -6.44
N VAL A 29 3.87 -0.86 -5.22
CA VAL A 29 4.15 0.51 -4.82
C VAL A 29 4.37 0.61 -3.33
N VAL A 30 5.47 1.26 -2.93
CA VAL A 30 5.80 1.42 -1.52
C VAL A 30 5.50 2.84 -1.05
N VAL A 31 4.57 2.96 -0.11
CA VAL A 31 4.19 4.26 0.43
C VAL A 31 3.79 4.16 1.89
N HIS A 32 3.85 5.29 2.60
CA HIS A 32 3.48 5.32 4.02
C HIS A 32 2.16 6.05 4.22
N GLY A 33 1.42 5.65 5.25
CA GLY A 33 0.14 6.29 5.53
C GLY A 33 -0.97 5.28 5.73
N GLY A 34 -1.60 5.32 6.90
CA GLY A 34 -2.68 4.39 7.19
C GLY A 34 -3.74 4.39 6.12
N CYS A 35 -3.88 5.50 5.41
CA CYS A 35 -4.87 5.63 4.35
C CYS A 35 -4.63 4.59 3.26
N ALA A 36 -3.38 4.51 2.80
CA ALA A 36 -3.02 3.56 1.75
C ALA A 36 -3.27 2.13 2.21
N LEU A 37 -3.13 1.88 3.51
CA LEU A 37 -3.35 0.55 4.07
C LEU A 37 -4.83 0.25 4.19
N SER A 38 -5.59 1.22 4.71
CA SER A 38 -7.03 1.05 4.89
C SER A 38 -7.72 0.83 3.55
N LYS A 39 -7.33 1.63 2.55
CA LYS A 39 -7.92 1.52 1.22
C LYS A 39 -7.41 0.27 0.51
N TYR A 40 -6.16 -0.08 0.77
CA TYR A 40 -5.55 -1.25 0.14
C TYR A 40 -6.42 -2.50 0.35
N LYS A 41 -6.97 -2.63 1.56
CA LYS A 41 -7.82 -3.76 1.89
C LYS A 41 -9.16 -3.67 1.17
N CYS A 42 -9.55 -2.45 0.81
CA CYS A 42 -10.81 -2.23 0.10
C CYS A 42 -10.65 -2.50 -1.39
N GLN A 43 -9.65 -1.86 -2.00
CA GLN A 43 -9.40 -2.03 -3.43
C GLN A 43 -9.07 -3.48 -3.75
N ASN A 44 -8.21 -4.09 -2.92
CA ASN A 44 -7.81 -5.47 -3.13
C ASN A 44 -7.82 -6.24 -1.81
N PRO A 45 -9.01 -6.63 -1.36
CA PRO A 45 -9.19 -7.38 -0.11
C PRO A 45 -8.64 -8.80 -0.20
N ASN A 46 -8.23 -9.20 -1.41
CA ASN A 46 -7.68 -10.53 -1.62
C ASN A 46 -6.17 -10.48 -1.79
N HIS A 47 -5.65 -9.30 -2.11
CA HIS A 47 -4.21 -9.11 -2.28
C HIS A 47 -3.47 -9.29 -0.97
N GLU A 48 -2.15 -9.44 -1.05
CA GLU A 48 -1.33 -9.61 0.14
C GLU A 48 -0.23 -8.56 0.20
N LYS A 49 -0.29 -7.71 1.22
CA LYS A 49 0.70 -6.66 1.39
C LYS A 49 2.03 -7.23 1.87
N LEU A 50 3.13 -6.75 1.29
CA LEU A 50 4.46 -7.22 1.67
C LEU A 50 4.53 -8.74 1.64
N GLY A 51 5.58 -9.29 2.23
CA GLY A 51 5.75 -10.73 2.27
C GLY A 51 7.10 -11.17 1.74
N TYR A 52 8.06 -10.25 1.71
CA TYR A 52 9.40 -10.54 1.22
C TYR A 52 9.36 -11.00 -0.24
N THR A 53 9.22 -10.04 -1.15
CA THR A 53 9.16 -10.35 -2.57
C THR A 53 10.11 -9.45 -3.36
N HIS A 54 10.67 -9.99 -4.44
CA HIS A 54 11.60 -9.23 -5.28
C HIS A 54 10.98 -7.91 -5.71
N GLU A 55 9.67 -7.90 -5.91
CA GLU A 55 8.96 -6.70 -6.32
C GLU A 55 8.94 -5.66 -5.20
N CYS A 56 8.99 -6.14 -3.96
CA CYS A 56 8.97 -5.26 -2.80
C CYS A 56 10.33 -5.27 -2.10
N GLU A 57 11.38 -5.57 -2.85
CA GLU A 57 12.73 -5.62 -2.31
C GLU A 57 13.24 -4.21 -2.01
N GLU A 58 12.76 -3.24 -2.77
CA GLU A 58 13.16 -1.84 -2.59
C GLU A 58 12.41 -1.20 -1.43
N ALA A 59 11.21 -1.72 -1.16
CA ALA A 59 10.40 -1.19 -0.07
C ALA A 59 11.10 -1.34 1.27
N ILE A 60 12.02 -2.29 1.35
CA ILE A 60 12.77 -2.53 2.58
C ILE A 60 13.57 -1.30 2.99
N LYS A 61 14.43 -0.83 2.09
CA LYS A 61 15.25 0.34 2.35
C LYS A 61 14.38 1.58 2.54
N ASN A 62 13.29 1.65 1.77
CA ASN A 62 12.37 2.79 1.85
C ASN A 62 11.70 2.85 3.22
N ALA A 63 11.41 1.68 3.79
CA ALA A 63 10.77 1.61 5.10
C ALA A 63 11.81 1.46 6.21
N PRO A 64 11.41 1.78 7.45
CA PRO A 64 12.29 1.69 8.61
C PRO A 64 12.61 0.24 8.98
N ARG A 65 13.82 0.02 9.48
CA ARG A 65 14.24 -1.32 9.88
C ARG A 65 14.47 -1.39 11.39
N PRO A 66 13.40 -1.72 12.13
CA PRO A 66 13.45 -1.83 13.58
C PRO A 66 14.26 -3.04 14.05
N VAL A 1 -3.93 9.33 -10.26
CA VAL A 1 -3.28 9.08 -8.97
C VAL A 1 -3.43 7.62 -8.56
N PRO A 2 -2.51 7.16 -7.70
CA PRO A 2 -2.51 5.79 -7.20
C PRO A 2 -3.67 5.51 -6.25
N VAL A 3 -4.35 4.38 -6.45
CA VAL A 3 -5.48 4.01 -5.61
C VAL A 3 -6.47 5.16 -5.49
N GLY A 4 -6.72 5.84 -6.60
CA GLY A 4 -7.64 6.96 -6.59
C GLY A 4 -9.02 6.56 -7.10
N SER A 5 -9.07 6.01 -8.31
CA SER A 5 -10.33 5.59 -8.90
C SER A 5 -10.60 4.12 -8.64
N ASP A 6 -9.91 3.57 -7.64
CA ASP A 6 -10.07 2.16 -7.28
C ASP A 6 -10.63 2.03 -5.88
N CYS A 7 -10.55 3.11 -5.10
CA CYS A 7 -11.05 3.11 -3.73
C CYS A 7 -11.32 4.53 -3.24
N GLU A 8 -12.39 4.70 -2.48
CA GLU A 8 -12.77 6.00 -1.95
C GLU A 8 -12.40 6.12 -0.48
N PRO A 9 -11.26 6.78 -0.20
CA PRO A 9 -10.77 6.97 1.17
C PRO A 9 -11.64 7.95 1.95
N LYS A 10 -12.18 7.48 3.08
CA LYS A 10 -13.02 8.32 3.92
C LYS A 10 -13.10 7.76 5.34
N LEU A 11 -12.09 6.98 5.72
CA LEU A 11 -12.04 6.38 7.05
C LEU A 11 -10.78 5.54 7.21
N CYS A 12 -9.97 5.88 8.20
CA CYS A 12 -8.74 5.15 8.48
C CYS A 12 -8.22 5.44 9.88
N THR A 13 -7.13 4.80 10.25
CA THR A 13 -6.53 5.00 11.57
C THR A 13 -5.07 5.39 11.46
N MET A 14 -4.65 6.34 12.29
CA MET A 14 -3.27 6.81 12.28
C MET A 14 -2.30 5.64 12.38
N ASP A 15 -1.36 5.59 11.44
CA ASP A 15 -0.36 4.51 11.42
C ASP A 15 0.93 4.98 10.76
N LEU A 16 1.88 4.07 10.62
CA LEU A 16 3.17 4.39 10.00
C LEU A 16 3.98 3.12 9.74
N VAL A 17 3.30 2.08 9.29
CA VAL A 17 3.96 0.80 9.01
C VAL A 17 4.09 0.58 7.50
N PRO A 18 5.34 0.55 7.01
CA PRO A 18 5.63 0.34 5.59
C PRO A 18 5.31 -1.08 5.14
N HIS A 19 4.37 -1.20 4.21
CA HIS A 19 3.96 -2.50 3.69
C HIS A 19 3.84 -2.46 2.17
N CYS A 20 3.78 -3.65 1.56
CA CYS A 20 3.66 -3.74 0.11
C CYS A 20 2.23 -4.07 -0.29
N PHE A 21 1.76 -3.44 -1.37
CA PHE A 21 0.41 -3.65 -1.87
C PHE A 21 0.38 -3.61 -3.39
N LEU A 22 -0.69 -4.15 -3.97
CA LEU A 22 -0.85 -4.18 -5.42
C LEU A 22 -1.74 -3.04 -5.88
N ASN A 23 -1.26 -2.27 -6.85
CA ASN A 23 -2.00 -1.14 -7.40
C ASN A 23 -2.36 -1.38 -8.86
N PRO A 24 -3.67 -1.47 -9.14
CA PRO A 24 -4.18 -1.69 -10.50
C PRO A 24 -3.95 -0.48 -11.41
N GLU A 25 -3.89 0.70 -10.80
CA GLU A 25 -3.68 1.93 -11.56
C GLU A 25 -2.24 2.03 -12.05
N LYS A 26 -1.34 1.30 -11.39
CA LYS A 26 0.07 1.31 -11.76
C LYS A 26 0.70 -0.06 -11.54
N GLY A 27 0.96 -0.39 -10.27
CA GLY A 27 1.56 -1.67 -9.94
C GLY A 27 1.92 -1.78 -8.48
N ILE A 28 2.77 -2.76 -8.15
CA ILE A 28 3.19 -2.96 -6.77
C ILE A 28 3.87 -1.73 -6.21
N VAL A 29 3.55 -1.41 -4.96
CA VAL A 29 4.14 -0.24 -4.29
C VAL A 29 4.23 -0.45 -2.79
N VAL A 30 5.29 0.08 -2.19
CA VAL A 30 5.49 -0.05 -0.74
C VAL A 30 5.48 1.32 -0.07
N VAL A 31 4.64 1.47 0.94
CA VAL A 31 4.54 2.72 1.68
C VAL A 31 4.10 2.48 3.11
N HIS A 32 4.45 3.42 4.00
CA HIS A 32 4.09 3.31 5.41
C HIS A 32 2.93 4.25 5.75
N GLY A 33 2.13 3.86 6.74
CA GLY A 33 1.01 4.68 7.14
C GLY A 33 -0.28 3.88 7.27
N GLY A 34 -1.32 4.53 7.78
CA GLY A 34 -2.60 3.86 7.95
C GLY A 34 -3.54 4.10 6.79
N CYS A 35 -3.89 5.35 6.57
CA CYS A 35 -4.80 5.72 5.48
C CYS A 35 -4.32 5.13 4.16
N ALA A 36 -3.00 4.97 4.02
CA ALA A 36 -2.43 4.42 2.81
C ALA A 36 -2.66 2.91 2.72
N LEU A 37 -2.41 2.21 3.82
CA LEU A 37 -2.60 0.77 3.87
C LEU A 37 -4.07 0.41 3.77
N SER A 38 -4.90 1.07 4.59
CA SER A 38 -6.33 0.82 4.59
C SER A 38 -6.90 0.90 3.18
N LYS A 39 -6.57 1.98 2.48
CA LYS A 39 -7.05 2.20 1.12
C LYS A 39 -6.75 0.98 0.25
N TYR A 40 -5.53 0.46 0.37
CA TYR A 40 -5.11 -0.70 -0.40
C TYR A 40 -5.98 -1.92 -0.09
N LYS A 41 -6.51 -1.95 1.13
CA LYS A 41 -7.37 -3.05 1.56
C LYS A 41 -8.79 -2.86 1.07
N CYS A 42 -9.17 -1.62 0.81
CA CYS A 42 -10.50 -1.30 0.33
C CYS A 42 -10.61 -1.53 -1.18
N GLN A 43 -9.63 -1.02 -1.91
CA GLN A 43 -9.61 -1.16 -3.37
C GLN A 43 -9.63 -2.64 -3.77
N ASN A 44 -8.85 -3.45 -3.06
CA ASN A 44 -8.77 -4.87 -3.33
C ASN A 44 -8.55 -5.67 -2.06
N PRO A 45 -9.63 -5.90 -1.30
CA PRO A 45 -9.58 -6.65 -0.04
C PRO A 45 -9.31 -8.13 -0.25
N ASN A 46 -9.31 -8.55 -1.51
CA ASN A 46 -9.05 -9.94 -1.85
C ASN A 46 -7.67 -10.11 -2.49
N HIS A 47 -6.79 -9.14 -2.23
CA HIS A 47 -5.45 -9.18 -2.78
C HIS A 47 -4.48 -9.82 -1.78
N GLU A 48 -3.28 -10.18 -2.26
CA GLU A 48 -2.28 -10.79 -1.41
C GLU A 48 -1.15 -9.81 -1.09
N LYS A 49 -1.20 -9.24 0.10
CA LYS A 49 -0.19 -8.28 0.54
C LYS A 49 1.18 -8.93 0.58
N LEU A 50 2.03 -8.59 -0.39
CA LEU A 50 3.37 -9.14 -0.46
C LEU A 50 4.14 -8.88 0.83
N GLY A 51 4.67 -9.94 1.43
CA GLY A 51 5.42 -9.80 2.66
C GLY A 51 6.92 -9.88 2.44
N TYR A 52 7.53 -10.97 2.90
CA TYR A 52 8.97 -11.15 2.76
C TYR A 52 9.32 -11.60 1.35
N THR A 53 8.98 -10.77 0.37
CA THR A 53 9.26 -11.07 -1.03
C THR A 53 10.36 -10.18 -1.57
N HIS A 54 11.13 -10.71 -2.52
CA HIS A 54 12.22 -9.96 -3.14
C HIS A 54 11.71 -8.67 -3.77
N GLU A 55 10.42 -8.65 -4.09
CA GLU A 55 9.80 -7.47 -4.70
C GLU A 55 9.51 -6.40 -3.66
N CYS A 56 9.49 -6.82 -2.38
CA CYS A 56 9.22 -5.90 -1.29
C CYS A 56 10.50 -5.21 -0.82
N GLU A 57 11.59 -5.45 -1.55
CA GLU A 57 12.87 -4.85 -1.21
C GLU A 57 12.76 -3.33 -1.09
N GLU A 58 11.87 -2.74 -1.90
CA GLU A 58 11.67 -1.30 -1.88
C GLU A 58 11.10 -0.85 -0.54
N ALA A 59 10.36 -1.74 0.12
CA ALA A 59 9.76 -1.43 1.41
C ALA A 59 10.83 -1.22 2.47
N ILE A 60 11.92 -1.98 2.37
CA ILE A 60 13.01 -1.87 3.33
C ILE A 60 13.54 -0.44 3.41
N LYS A 61 13.68 0.19 2.25
CA LYS A 61 14.17 1.56 2.19
C LYS A 61 13.03 2.55 2.41
N ASN A 62 11.86 2.23 1.89
CA ASN A 62 10.69 3.09 2.03
C ASN A 62 10.32 3.27 3.50
N ALA A 63 10.73 2.31 4.33
CA ALA A 63 10.44 2.35 5.75
C ALA A 63 10.95 3.65 6.36
N PRO A 64 10.41 4.01 7.54
CA PRO A 64 10.79 5.23 8.26
C PRO A 64 12.21 5.15 8.82
N ARG A 65 13.14 5.84 8.18
CA ARG A 65 14.53 5.85 8.61
C ARG A 65 14.85 7.11 9.42
N PRO A 66 15.93 7.05 10.21
CA PRO A 66 16.36 8.18 11.05
C PRO A 66 16.88 9.35 10.23
N VAL A 1 -1.02 8.17 -4.12
CA VAL A 1 -1.78 7.12 -3.47
C VAL A 1 -2.71 6.42 -4.45
N PRO A 2 -3.08 5.17 -4.12
CA PRO A 2 -3.97 4.37 -4.96
C PRO A 2 -5.40 4.89 -4.97
N VAL A 3 -5.93 5.15 -6.16
CA VAL A 3 -7.28 5.66 -6.30
C VAL A 3 -7.67 5.78 -7.78
N GLY A 4 -8.96 5.63 -8.06
CA GLY A 4 -9.43 5.73 -9.43
C GLY A 4 -10.11 4.46 -9.90
N SER A 5 -9.35 3.58 -10.54
CA SER A 5 -9.89 2.32 -11.04
C SER A 5 -9.65 1.19 -10.05
N ASP A 6 -9.49 1.55 -8.77
CA ASP A 6 -9.26 0.57 -7.73
C ASP A 6 -10.21 0.79 -6.55
N CYS A 7 -10.04 1.93 -5.88
CA CYS A 7 -10.89 2.26 -4.74
C CYS A 7 -10.91 3.77 -4.50
N GLU A 8 -11.94 4.24 -3.82
CA GLU A 8 -12.09 5.66 -3.53
C GLU A 8 -12.10 5.92 -2.02
N PRO A 9 -11.66 7.11 -1.62
CA PRO A 9 -11.60 7.51 -0.21
C PRO A 9 -12.99 7.70 0.39
N LYS A 10 -13.05 7.75 1.71
CA LYS A 10 -14.32 7.94 2.42
C LYS A 10 -14.11 7.99 3.93
N LEU A 11 -13.14 7.21 4.40
CA LEU A 11 -12.84 7.15 5.83
C LEU A 11 -11.59 6.30 6.09
N CYS A 12 -10.52 6.96 6.51
CA CYS A 12 -9.26 6.28 6.79
C CYS A 12 -8.36 7.13 7.67
N THR A 13 -7.18 6.62 7.98
CA THR A 13 -6.22 7.33 8.81
C THR A 13 -4.97 7.71 8.02
N MET A 14 -4.44 8.90 8.29
CA MET A 14 -3.24 9.37 7.61
C MET A 14 -2.05 8.46 7.88
N ASP A 15 -2.03 7.86 9.06
CA ASP A 15 -0.95 6.96 9.45
C ASP A 15 0.40 7.61 9.20
N LEU A 16 1.46 6.80 9.28
CA LEU A 16 2.82 7.30 9.07
C LEU A 16 3.79 6.14 8.90
N VAL A 17 3.34 5.08 8.24
CA VAL A 17 4.18 3.92 8.01
C VAL A 17 4.14 3.49 6.54
N PRO A 18 5.32 3.42 5.91
CA PRO A 18 5.45 3.03 4.50
C PRO A 18 5.12 1.56 4.28
N HIS A 19 4.05 1.30 3.53
CA HIS A 19 3.64 -0.07 3.25
C HIS A 19 3.50 -0.29 1.74
N CYS A 20 3.66 -1.54 1.31
CA CYS A 20 3.56 -1.89 -0.10
C CYS A 20 2.19 -2.48 -0.42
N PHE A 21 1.67 -2.14 -1.59
CA PHE A 21 0.36 -2.64 -2.02
C PHE A 21 0.35 -2.91 -3.51
N LEU A 22 -0.62 -3.70 -3.96
CA LEU A 22 -0.74 -4.04 -5.37
C LEU A 22 -1.95 -3.35 -6.00
N ASN A 23 -1.71 -2.56 -7.04
CA ASN A 23 -2.78 -1.85 -7.72
C ASN A 23 -2.94 -2.34 -9.16
N PRO A 24 -4.20 -2.49 -9.60
CA PRO A 24 -4.51 -2.96 -10.95
C PRO A 24 -4.15 -1.92 -12.01
N GLU A 25 -4.03 -0.67 -11.59
CA GLU A 25 -3.70 0.41 -12.52
C GLU A 25 -2.26 0.88 -12.30
N LYS A 26 -1.69 0.50 -11.17
CA LYS A 26 -0.32 0.89 -10.84
C LYS A 26 0.57 -0.35 -10.69
N GLY A 27 0.33 -1.12 -9.63
CA GLY A 27 1.11 -2.31 -9.40
C GLY A 27 2.38 -2.03 -8.60
N ILE A 28 2.73 -2.94 -7.70
CA ILE A 28 3.93 -2.79 -6.89
C ILE A 28 4.15 -1.32 -6.52
N VAL A 29 3.47 -0.87 -5.47
CA VAL A 29 3.60 0.50 -5.01
C VAL A 29 3.69 0.57 -3.50
N VAL A 30 4.71 1.26 -3.00
CA VAL A 30 4.92 1.41 -1.56
C VAL A 30 4.97 2.89 -1.16
N VAL A 31 4.11 3.27 -0.22
CA VAL A 31 4.06 4.64 0.25
C VAL A 31 3.60 4.70 1.71
N HIS A 32 3.96 5.78 2.39
CA HIS A 32 3.58 5.97 3.78
C HIS A 32 2.18 6.55 3.90
N GLY A 33 1.27 5.80 4.51
CA GLY A 33 -0.10 6.27 4.67
C GLY A 33 -1.06 5.15 4.97
N GLY A 34 -2.04 5.43 5.82
CA GLY A 34 -3.03 4.41 6.18
C GLY A 34 -4.14 4.30 5.16
N CYS A 35 -4.52 5.43 4.58
CA CYS A 35 -5.59 5.45 3.57
C CYS A 35 -5.33 4.42 2.48
N ALA A 36 -4.09 4.38 1.99
CA ALA A 36 -3.71 3.43 0.95
C ALA A 36 -3.80 2.00 1.45
N LEU A 37 -3.61 1.82 2.75
CA LEU A 37 -3.67 0.49 3.35
C LEU A 37 -5.12 0.03 3.52
N SER A 38 -5.98 0.96 3.92
CA SER A 38 -7.39 0.66 4.11
C SER A 38 -8.09 0.38 2.79
N LYS A 39 -7.93 1.30 1.84
CA LYS A 39 -8.54 1.15 0.53
C LYS A 39 -7.99 -0.07 -0.20
N TYR A 40 -6.74 -0.42 0.12
CA TYR A 40 -6.09 -1.57 -0.51
C TYR A 40 -6.96 -2.82 -0.38
N LYS A 41 -7.58 -2.98 0.79
CA LYS A 41 -8.43 -4.14 1.04
C LYS A 41 -9.72 -4.05 0.24
N CYS A 42 -10.11 -2.83 -0.12
CA CYS A 42 -11.32 -2.61 -0.91
C CYS A 42 -11.07 -2.88 -2.39
N GLN A 43 -10.02 -2.28 -2.93
CA GLN A 43 -9.67 -2.46 -4.34
C GLN A 43 -9.27 -3.90 -4.61
N ASN A 44 -8.43 -4.45 -3.73
CA ASN A 44 -7.96 -5.82 -3.89
C ASN A 44 -8.12 -6.60 -2.59
N PRO A 45 -9.37 -7.00 -2.27
CA PRO A 45 -9.69 -7.75 -1.06
C PRO A 45 -9.14 -9.17 -1.11
N ASN A 46 -8.61 -9.57 -2.26
CA ASN A 46 -8.06 -10.91 -2.43
C ASN A 46 -6.54 -10.88 -2.34
N HIS A 47 -5.96 -9.70 -2.53
CA HIS A 47 -4.51 -9.54 -2.47
C HIS A 47 -4.04 -9.41 -1.02
N GLU A 48 -2.73 -9.53 -0.81
CA GLU A 48 -2.16 -9.44 0.51
C GLU A 48 -1.03 -8.41 0.55
N LYS A 49 -1.16 -7.43 1.44
CA LYS A 49 -0.15 -6.38 1.57
C LYS A 49 1.17 -6.96 2.08
N LEU A 50 2.27 -6.52 1.47
CA LEU A 50 3.59 -6.99 1.86
C LEU A 50 4.45 -5.85 2.40
N GLY A 51 5.52 -6.20 3.10
CA GLY A 51 6.40 -5.19 3.67
C GLY A 51 7.85 -5.64 3.70
N TYR A 52 8.15 -6.73 3.01
CA TYR A 52 9.50 -7.26 2.96
C TYR A 52 9.59 -8.47 2.03
N THR A 53 9.23 -8.25 0.77
CA THR A 53 9.26 -9.32 -0.22
C THR A 53 9.86 -8.82 -1.54
N HIS A 54 10.34 -9.75 -2.35
CA HIS A 54 10.94 -9.41 -3.64
C HIS A 54 9.94 -8.66 -4.52
N GLU A 55 8.65 -8.82 -4.22
CA GLU A 55 7.60 -8.16 -4.98
C GLU A 55 7.45 -6.70 -4.56
N CYS A 56 8.03 -6.37 -3.40
CA CYS A 56 7.96 -5.01 -2.88
C CYS A 56 9.36 -4.48 -2.57
N GLU A 57 10.31 -4.77 -3.44
CA GLU A 57 11.69 -4.33 -3.26
C GLU A 57 11.75 -2.83 -3.00
N GLU A 58 11.01 -2.07 -3.80
CA GLU A 58 10.98 -0.62 -3.66
C GLU A 58 10.62 -0.22 -2.23
N ALA A 59 9.84 -1.05 -1.57
CA ALA A 59 9.42 -0.79 -0.19
C ALA A 59 10.60 -0.94 0.76
N ILE A 60 11.48 -1.90 0.48
CA ILE A 60 12.65 -2.14 1.32
C ILE A 60 13.46 -0.87 1.51
N LYS A 61 13.71 -0.16 0.41
CA LYS A 61 14.48 1.08 0.45
C LYS A 61 13.59 2.26 0.81
N ASN A 62 12.35 2.23 0.33
CA ASN A 62 11.40 3.30 0.59
C ASN A 62 11.15 3.45 2.09
N ALA A 63 11.01 2.32 2.77
CA ALA A 63 10.78 2.31 4.22
C ALA A 63 12.07 2.58 4.98
N PRO A 64 11.94 3.00 6.25
CA PRO A 64 13.09 3.29 7.11
C PRO A 64 13.84 2.03 7.51
N ARG A 65 15.17 2.16 7.63
CA ARG A 65 16.01 1.04 8.01
C ARG A 65 16.70 1.29 9.34
N PRO A 66 16.02 0.92 10.44
CA PRO A 66 16.56 1.09 11.79
C PRO A 66 17.74 0.17 12.08
N VAL A 1 -3.18 9.80 -4.84
CA VAL A 1 -3.08 8.64 -3.95
C VAL A 1 -3.16 7.34 -4.73
N PRO A 2 -2.60 6.27 -4.15
CA PRO A 2 -2.60 4.93 -4.77
C PRO A 2 -3.99 4.32 -4.81
N VAL A 3 -4.40 3.87 -5.98
CA VAL A 3 -5.72 3.25 -6.15
C VAL A 3 -5.69 2.22 -7.28
N GLY A 4 -6.33 1.07 -7.04
CA GLY A 4 -6.37 0.03 -8.04
C GLY A 4 -7.62 0.11 -8.90
N SER A 5 -8.16 1.31 -9.06
CA SER A 5 -9.36 1.51 -9.85
C SER A 5 -10.49 0.61 -9.39
N ASP A 6 -10.46 0.26 -8.10
CA ASP A 6 -11.47 -0.61 -7.52
C ASP A 6 -11.81 -0.18 -6.09
N CYS A 7 -11.51 1.08 -5.78
CA CYS A 7 -11.77 1.61 -4.45
C CYS A 7 -11.96 3.12 -4.50
N GLU A 8 -12.74 3.65 -3.56
CA GLU A 8 -13.00 5.09 -3.50
C GLU A 8 -12.44 5.69 -2.22
N PRO A 9 -11.24 6.29 -2.32
CA PRO A 9 -10.57 6.92 -1.17
C PRO A 9 -11.28 8.18 -0.71
N LYS A 10 -11.92 8.10 0.45
CA LYS A 10 -12.64 9.24 1.01
C LYS A 10 -12.83 9.08 2.52
N LEU A 11 -11.95 8.29 3.13
CA LEU A 11 -12.02 8.06 4.58
C LEU A 11 -10.89 7.13 5.03
N CYS A 12 -9.88 7.70 5.69
CA CYS A 12 -8.76 6.93 6.18
C CYS A 12 -7.99 7.69 7.25
N THR A 13 -6.92 7.09 7.75
CA THR A 13 -6.10 7.72 8.79
C THR A 13 -4.65 7.80 8.36
N MET A 14 -3.99 8.90 8.73
CA MET A 14 -2.59 9.10 8.38
C MET A 14 -1.68 8.39 9.38
N ASP A 15 -0.48 8.04 8.93
CA ASP A 15 0.49 7.35 9.79
C ASP A 15 1.81 7.14 9.05
N LEU A 16 2.80 6.61 9.77
CA LEU A 16 4.11 6.37 9.19
C LEU A 16 4.36 4.87 9.01
N VAL A 17 3.40 4.19 8.38
CA VAL A 17 3.51 2.76 8.14
C VAL A 17 3.69 2.46 6.66
N PRO A 18 4.92 2.63 6.16
CA PRO A 18 5.24 2.37 4.75
C PRO A 18 5.20 0.89 4.39
N HIS A 19 4.25 0.53 3.53
CA HIS A 19 4.10 -0.86 3.11
C HIS A 19 3.80 -0.94 1.62
N CYS A 20 4.01 -2.12 1.04
CA CYS A 20 3.77 -2.33 -0.38
C CYS A 20 2.41 -3.01 -0.60
N PHE A 21 1.84 -2.79 -1.78
CA PHE A 21 0.54 -3.36 -2.12
C PHE A 21 0.42 -3.57 -3.63
N LEU A 22 -0.51 -4.43 -4.03
CA LEU A 22 -0.73 -4.72 -5.43
C LEU A 22 -1.73 -3.74 -6.04
N ASN A 23 -1.28 -2.99 -7.04
CA ASN A 23 -2.13 -2.01 -7.71
C ASN A 23 -2.37 -2.40 -9.17
N PRO A 24 -3.55 -2.99 -9.43
CA PRO A 24 -3.93 -3.43 -10.78
C PRO A 24 -4.20 -2.25 -11.71
N GLU A 25 -4.19 -1.05 -11.15
CA GLU A 25 -4.44 0.16 -11.93
C GLU A 25 -3.17 0.61 -12.65
N LYS A 26 -2.02 0.41 -12.01
CA LYS A 26 -0.74 0.79 -12.58
C LYS A 26 0.32 -0.26 -12.28
N GLY A 27 0.43 -0.65 -11.02
CA GLY A 27 1.42 -1.65 -10.62
C GLY A 27 1.74 -1.59 -9.14
N ILE A 28 2.54 -2.54 -8.68
CA ILE A 28 2.92 -2.60 -7.28
C ILE A 28 3.41 -1.24 -6.79
N VAL A 29 2.89 -0.80 -5.65
CA VAL A 29 3.27 0.47 -5.06
C VAL A 29 3.44 0.37 -3.56
N VAL A 30 4.36 1.16 -3.01
CA VAL A 30 4.62 1.15 -1.57
C VAL A 30 4.61 2.57 -1.01
N VAL A 31 3.80 2.78 0.02
CA VAL A 31 3.70 4.09 0.66
C VAL A 31 3.33 3.96 2.13
N HIS A 32 3.52 5.04 2.89
CA HIS A 32 3.21 5.05 4.31
C HIS A 32 1.90 5.77 4.57
N GLY A 33 1.18 5.37 5.61
CA GLY A 33 -0.08 5.99 5.94
C GLY A 33 -1.24 5.01 5.90
N GLY A 34 -2.10 5.08 6.92
CA GLY A 34 -3.25 4.18 6.97
C GLY A 34 -4.06 4.19 5.68
N CYS A 35 -4.02 5.31 4.98
CA CYS A 35 -4.75 5.44 3.72
C CYS A 35 -4.38 4.33 2.75
N ALA A 36 -3.07 4.10 2.60
CA ALA A 36 -2.58 3.05 1.71
C ALA A 36 -3.05 1.68 2.16
N LEU A 37 -3.23 1.51 3.47
CA LEU A 37 -3.68 0.24 4.02
C LEU A 37 -5.17 0.05 3.82
N SER A 38 -5.94 1.12 4.04
CA SER A 38 -7.39 1.08 3.89
C SER A 38 -7.77 0.92 2.43
N LYS A 39 -7.23 1.78 1.57
CA LYS A 39 -7.51 1.74 0.15
C LYS A 39 -7.10 0.40 -0.45
N TYR A 40 -6.03 -0.18 0.10
CA TYR A 40 -5.53 -1.47 -0.38
C TYR A 40 -6.43 -2.60 0.08
N LYS A 41 -6.97 -2.47 1.30
CA LYS A 41 -7.84 -3.49 1.87
C LYS A 41 -9.20 -3.46 1.19
N CYS A 42 -9.56 -2.31 0.63
CA CYS A 42 -10.85 -2.16 -0.05
C CYS A 42 -10.71 -2.43 -1.54
N GLN A 43 -9.67 -1.87 -2.14
CA GLN A 43 -9.42 -2.04 -3.57
C GLN A 43 -9.10 -3.50 -3.90
N ASN A 44 -8.52 -4.19 -2.93
CA ASN A 44 -8.16 -5.60 -3.11
C ASN A 44 -8.11 -6.32 -1.76
N PRO A 45 -9.29 -6.64 -1.21
CA PRO A 45 -9.41 -7.33 0.08
C PRO A 45 -8.95 -8.79 -0.02
N ASN A 46 -8.70 -9.25 -1.23
CA ASN A 46 -8.25 -10.63 -1.45
C ASN A 46 -6.74 -10.70 -1.56
N HIS A 47 -6.11 -9.55 -1.82
CA HIS A 47 -4.65 -9.50 -1.95
C HIS A 47 -4.00 -9.37 -0.58
N GLU A 48 -2.71 -9.66 -0.51
CA GLU A 48 -1.97 -9.59 0.74
C GLU A 48 -0.70 -8.75 0.58
N LYS A 49 -0.46 -7.85 1.51
CA LYS A 49 0.71 -6.98 1.47
C LYS A 49 2.00 -7.82 1.54
N LEU A 50 2.97 -7.45 0.73
CA LEU A 50 4.25 -8.16 0.70
C LEU A 50 5.24 -7.53 1.67
N GLY A 51 6.45 -8.10 1.73
CA GLY A 51 7.47 -7.58 2.62
C GLY A 51 8.80 -8.26 2.42
N TYR A 52 8.77 -9.54 2.09
CA TYR A 52 9.99 -10.31 1.87
C TYR A 52 10.10 -10.77 0.43
N THR A 53 9.50 -10.00 -0.48
CA THR A 53 9.54 -10.33 -1.90
C THR A 53 10.37 -9.31 -2.68
N HIS A 54 10.98 -9.77 -3.77
CA HIS A 54 11.80 -8.91 -4.60
C HIS A 54 11.00 -7.70 -5.10
N GLU A 55 9.68 -7.86 -5.13
CA GLU A 55 8.80 -6.78 -5.60
C GLU A 55 8.60 -5.75 -4.50
N CYS A 56 8.80 -6.16 -3.26
CA CYS A 56 8.62 -5.26 -2.11
C CYS A 56 9.98 -4.77 -1.62
N GLU A 57 10.97 -4.78 -2.50
CA GLU A 57 12.31 -4.34 -2.14
C GLU A 57 12.34 -2.83 -1.94
N GLU A 58 11.78 -2.10 -2.90
CA GLU A 58 11.75 -0.64 -2.83
C GLU A 58 11.12 -0.17 -1.52
N ALA A 59 10.24 -1.00 -0.97
CA ALA A 59 9.58 -0.67 0.29
C ALA A 59 10.58 -0.54 1.43
N ILE A 60 11.64 -1.33 1.36
CA ILE A 60 12.68 -1.30 2.39
C ILE A 60 13.29 0.09 2.51
N LYS A 61 13.83 0.59 1.40
CA LYS A 61 14.46 1.90 1.38
C LYS A 61 13.44 2.99 1.72
N ASN A 62 12.23 2.85 1.18
CA ASN A 62 11.16 3.81 1.43
C ASN A 62 10.74 3.80 2.89
N ALA A 63 10.96 2.67 3.55
CA ALA A 63 10.59 2.52 4.96
C ALA A 63 11.76 2.88 5.86
N PRO A 64 11.45 3.19 7.13
CA PRO A 64 12.46 3.56 8.13
C PRO A 64 13.34 2.38 8.53
N ARG A 65 14.63 2.47 8.22
CA ARG A 65 15.57 1.40 8.55
C ARG A 65 16.32 1.73 9.84
N PRO A 66 16.91 0.69 10.46
CA PRO A 66 17.67 0.84 11.70
C PRO A 66 18.99 1.57 11.49
N VAL A 1 -2.67 10.80 -6.06
CA VAL A 1 -2.82 9.91 -4.92
C VAL A 1 -2.78 8.44 -5.36
N PRO A 2 -2.41 7.55 -4.43
CA PRO A 2 -2.32 6.12 -4.70
C PRO A 2 -3.70 5.48 -4.91
N VAL A 3 -3.83 4.68 -5.97
CA VAL A 3 -5.09 4.03 -6.27
C VAL A 3 -4.89 2.90 -7.29
N GLY A 4 -5.31 1.70 -6.92
CA GLY A 4 -5.17 0.56 -7.82
C GLY A 4 -6.35 0.40 -8.74
N SER A 5 -7.31 -0.43 -8.32
CA SER A 5 -8.50 -0.68 -9.12
C SER A 5 -9.35 0.58 -9.25
N ASP A 6 -9.87 1.06 -8.12
CA ASP A 6 -10.69 2.26 -8.11
C ASP A 6 -11.12 2.60 -6.68
N CYS A 7 -10.19 2.50 -5.74
CA CYS A 7 -10.48 2.80 -4.34
C CYS A 7 -10.24 4.27 -4.04
N GLU A 8 -11.15 4.88 -3.29
CA GLU A 8 -11.04 6.28 -2.92
C GLU A 8 -11.11 6.46 -1.40
N PRO A 9 -10.23 7.32 -0.87
CA PRO A 9 -10.17 7.60 0.57
C PRO A 9 -11.39 8.39 1.06
N LYS A 10 -11.44 8.63 2.37
CA LYS A 10 -12.55 9.37 2.95
C LYS A 10 -12.37 9.52 4.46
N LEU A 11 -11.78 8.50 5.08
CA LEU A 11 -11.54 8.51 6.52
C LEU A 11 -10.54 7.44 6.92
N CYS A 12 -9.36 7.85 7.36
CA CYS A 12 -8.32 6.93 7.78
C CYS A 12 -7.28 7.63 8.65
N THR A 13 -6.32 6.86 9.14
CA THR A 13 -5.26 7.40 9.98
C THR A 13 -3.88 7.08 9.43
N MET A 14 -2.95 8.01 9.57
CA MET A 14 -1.59 7.83 9.08
C MET A 14 -0.81 6.90 10.00
N ASP A 15 0.40 6.54 9.58
CA ASP A 15 1.25 5.66 10.37
C ASP A 15 2.59 5.42 9.66
N LEU A 16 3.38 4.50 10.20
CA LEU A 16 4.68 4.18 9.63
C LEU A 16 4.79 2.68 9.35
N VAL A 17 3.73 2.10 8.82
CA VAL A 17 3.70 0.67 8.51
C VAL A 17 3.70 0.44 7.00
N PRO A 18 4.90 0.38 6.40
CA PRO A 18 5.06 0.17 4.96
C PRO A 18 4.68 -1.25 4.55
N HIS A 19 3.78 -1.35 3.58
CA HIS A 19 3.32 -2.65 3.09
C HIS A 19 3.24 -2.66 1.57
N CYS A 20 3.55 -3.82 0.98
CA CYS A 20 3.51 -3.96 -0.48
C CYS A 20 2.21 -4.60 -0.94
N PHE A 21 1.57 -4.01 -1.93
CA PHE A 21 0.31 -4.53 -2.45
C PHE A 21 0.30 -4.47 -3.98
N LEU A 22 -0.60 -5.24 -4.58
CA LEU A 22 -0.72 -5.28 -6.04
C LEU A 22 -1.75 -4.26 -6.53
N ASN A 23 -1.33 -3.39 -7.44
CA ASN A 23 -2.22 -2.37 -7.98
C ASN A 23 -2.44 -2.59 -9.48
N PRO A 24 -3.71 -2.80 -9.86
CA PRO A 24 -4.08 -3.03 -11.26
C PRO A 24 -3.93 -1.77 -12.11
N GLU A 25 -3.64 -0.65 -11.45
CA GLU A 25 -3.47 0.63 -12.15
C GLU A 25 -2.03 0.81 -12.59
N LYS A 26 -1.09 0.48 -11.71
CA LYS A 26 0.32 0.62 -12.01
C LYS A 26 1.06 -0.70 -11.76
N GLY A 27 0.84 -1.27 -10.58
CA GLY A 27 1.49 -2.53 -10.24
C GLY A 27 1.90 -2.59 -8.77
N ILE A 28 2.78 -3.53 -8.45
CA ILE A 28 3.25 -3.69 -7.09
C ILE A 28 3.83 -2.38 -6.55
N VAL A 29 3.37 -1.98 -5.36
CA VAL A 29 3.85 -0.75 -4.74
C VAL A 29 3.76 -0.83 -3.22
N VAL A 30 4.76 -0.27 -2.55
CA VAL A 30 4.80 -0.29 -1.09
C VAL A 30 4.54 1.11 -0.52
N VAL A 31 3.78 1.16 0.57
CA VAL A 31 3.46 2.44 1.21
C VAL A 31 3.22 2.24 2.70
N HIS A 32 3.69 3.21 3.50
CA HIS A 32 3.54 3.15 4.95
C HIS A 32 2.43 4.08 5.40
N GLY A 33 1.71 3.68 6.45
CA GLY A 33 0.62 4.48 6.98
C GLY A 33 -0.71 3.78 6.91
N GLY A 34 -1.56 4.00 7.92
CA GLY A 34 -2.86 3.37 7.95
C GLY A 34 -3.68 3.68 6.72
N CYS A 35 -3.73 4.95 6.34
CA CYS A 35 -4.49 5.37 5.17
C CYS A 35 -4.12 4.54 3.94
N ALA A 36 -2.83 4.28 3.78
CA ALA A 36 -2.35 3.49 2.66
C ALA A 36 -2.86 2.06 2.74
N LEU A 37 -3.02 1.56 3.95
CA LEU A 37 -3.51 0.19 4.16
C LEU A 37 -5.02 0.12 3.96
N SER A 38 -5.75 1.04 4.59
CA SER A 38 -7.20 1.07 4.49
C SER A 38 -7.64 1.07 3.02
N LYS A 39 -7.08 1.98 2.24
CA LYS A 39 -7.41 2.08 0.82
C LYS A 39 -6.96 0.82 0.07
N TYR A 40 -5.72 0.43 0.28
CA TYR A 40 -5.17 -0.75 -0.37
C TYR A 40 -6.01 -1.99 -0.06
N LYS A 41 -6.69 -1.96 1.08
CA LYS A 41 -7.53 -3.07 1.48
C LYS A 41 -8.92 -2.98 0.85
N CYS A 42 -9.32 -1.75 0.50
CA CYS A 42 -10.62 -1.52 -0.11
C CYS A 42 -10.58 -1.84 -1.60
N GLN A 43 -9.51 -1.42 -2.26
CA GLN A 43 -9.35 -1.67 -3.70
C GLN A 43 -9.39 -3.16 -4.00
N ASN A 44 -8.68 -3.94 -3.18
CA ASN A 44 -8.63 -5.38 -3.37
C ASN A 44 -8.51 -6.10 -2.02
N PRO A 45 -9.64 -6.22 -1.32
CA PRO A 45 -9.69 -6.88 0.00
C PRO A 45 -9.48 -8.39 -0.11
N ASN A 46 -9.46 -8.89 -1.34
CA ASN A 46 -9.27 -10.32 -1.58
C ASN A 46 -7.82 -10.62 -1.97
N HIS A 47 -7.11 -9.59 -2.41
CA HIS A 47 -5.72 -9.73 -2.81
C HIS A 47 -4.86 -10.22 -1.64
N GLU A 48 -3.65 -10.65 -1.95
CA GLU A 48 -2.72 -11.14 -0.94
C GLU A 48 -1.49 -10.25 -0.84
N LYS A 49 -1.29 -9.64 0.32
CA LYS A 49 -0.14 -8.76 0.54
C LYS A 49 1.16 -9.53 0.39
N LEU A 50 2.25 -8.80 0.17
CA LEU A 50 3.56 -9.41 0.00
C LEU A 50 4.49 -9.02 1.15
N GLY A 51 5.01 -10.01 1.86
CA GLY A 51 5.91 -9.75 2.97
C GLY A 51 7.35 -9.65 2.53
N TYR A 52 8.16 -10.62 2.96
CA TYR A 52 9.58 -10.63 2.62
C TYR A 52 9.78 -11.13 1.19
N THR A 53 9.23 -10.40 0.22
CA THR A 53 9.34 -10.76 -1.19
C THR A 53 10.31 -9.83 -1.91
N HIS A 54 10.93 -10.34 -2.97
CA HIS A 54 11.87 -9.56 -3.76
C HIS A 54 11.21 -8.31 -4.32
N GLU A 55 9.89 -8.34 -4.41
CA GLU A 55 9.13 -7.20 -4.94
C GLU A 55 9.01 -6.10 -3.88
N CYS A 56 9.31 -6.45 -2.64
CA CYS A 56 9.23 -5.49 -1.53
C CYS A 56 10.56 -4.74 -1.37
N GLU A 57 11.47 -4.95 -2.31
CA GLU A 57 12.78 -4.30 -2.26
C GLU A 57 12.63 -2.80 -2.09
N GLU A 58 11.63 -2.23 -2.76
CA GLU A 58 11.38 -0.80 -2.69
C GLU A 58 10.95 -0.39 -1.27
N ALA A 59 10.27 -1.30 -0.58
CA ALA A 59 9.81 -1.04 0.77
C ALA A 59 10.97 -0.67 1.69
N ILE A 60 12.17 -1.11 1.31
CA ILE A 60 13.36 -0.82 2.11
C ILE A 60 13.58 0.68 2.26
N LYS A 61 13.51 1.41 1.15
CA LYS A 61 13.68 2.86 1.17
C LYS A 61 12.37 3.56 1.50
N ASN A 62 11.28 3.05 0.95
CA ASN A 62 9.96 3.64 1.20
C ASN A 62 9.62 3.61 2.68
N ALA A 63 10.08 2.56 3.36
CA ALA A 63 9.81 2.41 4.80
C ALA A 63 10.29 3.64 5.57
N PRO A 64 9.77 3.81 6.79
CA PRO A 64 10.12 4.94 7.66
C PRO A 64 11.56 4.85 8.16
N ARG A 65 12.40 5.78 7.73
CA ARG A 65 13.80 5.81 8.15
C ARG A 65 14.11 7.08 8.92
N PRO A 66 13.91 7.03 10.25
CA PRO A 66 14.17 8.17 11.13
C PRO A 66 15.65 8.47 11.27
N VAL A 1 -5.22 9.30 -10.52
CA VAL A 1 -5.19 9.14 -9.07
C VAL A 1 -5.18 7.67 -8.67
N PRO A 2 -4.30 7.31 -7.73
CA PRO A 2 -4.17 5.94 -7.24
C PRO A 2 -5.37 5.50 -6.42
N VAL A 3 -5.57 4.19 -6.33
CA VAL A 3 -6.69 3.64 -5.56
C VAL A 3 -7.92 4.54 -5.66
N GLY A 4 -8.72 4.32 -6.70
CA GLY A 4 -9.92 5.11 -6.89
C GLY A 4 -11.09 4.29 -7.39
N SER A 5 -10.85 3.51 -8.44
CA SER A 5 -11.89 2.68 -9.02
C SER A 5 -11.93 1.30 -8.34
N ASP A 6 -10.80 0.91 -7.76
CA ASP A 6 -10.70 -0.38 -7.08
C ASP A 6 -11.14 -0.26 -5.63
N CYS A 7 -11.13 0.97 -5.11
CA CYS A 7 -11.54 1.22 -3.74
C CYS A 7 -11.96 2.68 -3.54
N GLU A 8 -12.99 2.88 -2.74
CA GLU A 8 -13.49 4.23 -2.47
C GLU A 8 -13.09 4.70 -1.08
N PRO A 9 -12.00 5.48 -1.00
CA PRO A 9 -11.49 6.01 0.25
C PRO A 9 -12.41 7.07 0.87
N LYS A 10 -12.83 6.83 2.10
CA LYS A 10 -13.72 7.76 2.80
C LYS A 10 -13.70 7.50 4.31
N LEU A 11 -12.60 6.94 4.79
CA LEU A 11 -12.46 6.63 6.21
C LEU A 11 -11.11 5.97 6.49
N CYS A 12 -10.21 6.73 7.11
CA CYS A 12 -8.88 6.21 7.43
C CYS A 12 -8.21 7.09 8.48
N THR A 13 -7.11 6.60 9.04
CA THR A 13 -6.37 7.34 10.06
C THR A 13 -4.90 7.49 9.67
N MET A 14 -4.32 8.64 9.98
CA MET A 14 -2.92 8.92 9.67
C MET A 14 -2.00 7.99 10.46
N ASP A 15 -0.77 7.85 9.98
CA ASP A 15 0.21 7.00 10.65
C ASP A 15 1.55 7.03 9.92
N LEU A 16 2.53 6.32 10.45
CA LEU A 16 3.86 6.26 9.84
C LEU A 16 4.28 4.82 9.60
N VAL A 17 3.39 4.03 9.00
CA VAL A 17 3.68 2.63 8.70
C VAL A 17 3.86 2.42 7.21
N PRO A 18 5.10 2.61 6.73
CA PRO A 18 5.43 2.43 5.31
C PRO A 18 5.37 0.98 4.88
N HIS A 19 4.45 0.66 3.98
CA HIS A 19 4.28 -0.70 3.48
C HIS A 19 4.09 -0.71 1.97
N CYS A 20 4.35 -1.85 1.35
CA CYS A 20 4.21 -1.99 -0.10
C CYS A 20 2.91 -2.70 -0.44
N PHE A 21 2.24 -2.23 -1.50
CA PHE A 21 0.98 -2.83 -1.94
C PHE A 21 0.84 -2.74 -3.46
N LEU A 22 -0.04 -3.56 -4.01
CA LEU A 22 -0.28 -3.58 -5.45
C LEU A 22 -1.44 -2.66 -5.82
N ASN A 23 -1.20 -1.75 -6.75
CA ASN A 23 -2.23 -0.81 -7.19
C ASN A 23 -2.57 -1.04 -8.66
N PRO A 24 -3.83 -1.40 -8.93
CA PRO A 24 -4.31 -1.64 -10.30
C PRO A 24 -4.39 -0.37 -11.13
N GLU A 25 -4.17 0.77 -10.48
CA GLU A 25 -4.22 2.06 -11.16
C GLU A 25 -2.88 2.37 -11.81
N LYS A 26 -1.79 2.14 -11.08
CA LYS A 26 -0.46 2.41 -11.59
C LYS A 26 0.42 1.16 -11.47
N GLY A 27 0.44 0.57 -10.28
CA GLY A 27 1.24 -0.62 -10.05
C GLY A 27 1.76 -0.71 -8.62
N ILE A 28 2.81 -1.50 -8.44
CA ILE A 28 3.41 -1.67 -7.12
C ILE A 28 3.87 -0.32 -6.55
N VAL A 29 3.48 -0.05 -5.31
CA VAL A 29 3.85 1.19 -4.64
C VAL A 29 3.94 1.01 -3.13
N VAL A 30 4.90 1.69 -2.51
CA VAL A 30 5.08 1.60 -1.07
C VAL A 30 5.04 2.99 -0.43
N VAL A 31 4.19 3.13 0.58
CA VAL A 31 4.04 4.40 1.28
C VAL A 31 3.62 4.19 2.72
N HIS A 32 3.79 5.21 3.55
CA HIS A 32 3.42 5.14 4.96
C HIS A 32 2.13 5.91 5.22
N GLY A 33 1.37 5.47 6.22
CA GLY A 33 0.13 6.12 6.56
C GLY A 33 -1.05 5.17 6.54
N GLY A 34 -1.81 5.13 7.64
CA GLY A 34 -2.96 4.26 7.72
C GLY A 34 -3.88 4.39 6.52
N CYS A 35 -3.90 5.59 5.92
CA CYS A 35 -4.75 5.85 4.77
C CYS A 35 -4.23 5.11 3.54
N ALA A 36 -2.93 5.19 3.31
CA ALA A 36 -2.31 4.53 2.17
C ALA A 36 -2.45 3.01 2.28
N LEU A 37 -2.35 2.50 3.49
CA LEU A 37 -2.47 1.06 3.73
C LEU A 37 -3.93 0.62 3.69
N SER A 38 -4.80 1.41 4.32
CA SER A 38 -6.22 1.10 4.36
C SER A 38 -6.82 1.11 2.96
N LYS A 39 -6.34 2.02 2.12
CA LYS A 39 -6.82 2.13 0.75
C LYS A 39 -6.47 0.89 -0.06
N TYR A 40 -5.18 0.54 -0.05
CA TYR A 40 -4.70 -0.62 -0.78
C TYR A 40 -5.20 -1.92 -0.14
N LYS A 41 -5.54 -1.84 1.14
CA LYS A 41 -6.04 -3.00 1.87
C LYS A 41 -7.52 -3.23 1.59
N CYS A 42 -8.22 -2.16 1.22
CA CYS A 42 -9.65 -2.24 0.92
C CYS A 42 -9.87 -2.82 -0.48
N GLN A 43 -9.13 -2.31 -1.45
CA GLN A 43 -9.25 -2.78 -2.82
C GLN A 43 -8.88 -4.25 -2.93
N ASN A 44 -7.80 -4.64 -2.25
CA ASN A 44 -7.33 -6.01 -2.28
C ASN A 44 -6.84 -6.45 -0.90
N PRO A 45 -7.79 -6.75 0.00
CA PRO A 45 -7.48 -7.19 1.36
C PRO A 45 -6.86 -8.57 1.41
N ASN A 46 -6.85 -9.25 0.25
CA ASN A 46 -6.30 -10.59 0.16
C ASN A 46 -5.04 -10.60 -0.72
N HIS A 47 -4.43 -9.42 -0.88
CA HIS A 47 -3.22 -9.29 -1.69
C HIS A 47 -1.97 -9.42 -0.83
N GLU A 48 -0.83 -9.60 -1.48
CA GLU A 48 0.44 -9.73 -0.77
C GLU A 48 0.91 -8.38 -0.24
N LYS A 49 0.69 -8.14 1.04
CA LYS A 49 1.10 -6.90 1.67
C LYS A 49 2.54 -6.97 2.18
N LEU A 50 3.44 -6.31 1.47
CA LEU A 50 4.86 -6.31 1.85
C LEU A 50 5.41 -7.73 1.85
N GLY A 51 6.74 -7.84 2.01
CA GLY A 51 7.38 -9.14 2.04
C GLY A 51 8.67 -9.16 1.25
N TYR A 52 9.42 -10.26 1.37
CA TYR A 52 10.68 -10.40 0.66
C TYR A 52 10.46 -10.76 -0.80
N THR A 53 9.75 -9.88 -1.51
CA THR A 53 9.47 -10.11 -2.93
C THR A 53 10.17 -9.08 -3.80
N HIS A 54 10.54 -9.49 -5.00
CA HIS A 54 11.23 -8.60 -5.94
C HIS A 54 10.36 -7.39 -6.25
N GLU A 55 9.06 -7.53 -6.06
CA GLU A 55 8.12 -6.44 -6.32
C GLU A 55 8.13 -5.42 -5.19
N CYS A 56 8.40 -5.90 -3.98
CA CYS A 56 8.44 -5.03 -2.81
C CYS A 56 9.79 -5.13 -2.10
N GLU A 57 10.84 -5.28 -2.89
CA GLU A 57 12.20 -5.38 -2.34
C GLU A 57 12.67 -4.03 -1.80
N GLU A 58 12.41 -2.98 -2.56
CA GLU A 58 12.81 -1.63 -2.16
C GLU A 58 12.05 -1.19 -0.91
N ALA A 59 10.85 -1.74 -0.73
CA ALA A 59 10.03 -1.40 0.43
C ALA A 59 10.75 -1.72 1.73
N ILE A 60 11.67 -2.67 1.68
CA ILE A 60 12.43 -3.08 2.86
C ILE A 60 13.23 -1.90 3.41
N LYS A 61 13.97 -1.23 2.54
CA LYS A 61 14.78 -0.08 2.95
C LYS A 61 13.90 1.14 3.20
N ASN A 62 12.84 1.26 2.43
CA ASN A 62 11.92 2.39 2.56
C ASN A 62 11.28 2.40 3.94
N ALA A 63 11.01 1.21 4.48
CA ALA A 63 10.40 1.10 5.80
C ALA A 63 11.48 0.91 6.88
N PRO A 64 11.09 1.19 8.14
CA PRO A 64 12.01 1.06 9.28
C PRO A 64 12.33 -0.40 9.59
N ARG A 65 13.61 -0.73 9.57
CA ARG A 65 14.05 -2.09 9.85
C ARG A 65 13.54 -2.56 11.21
N PRO A 66 13.50 -3.89 11.40
CA PRO A 66 13.02 -4.49 12.66
C PRO A 66 13.98 -4.25 13.81
N VAL A 1 -2.50 9.45 -8.59
CA VAL A 1 -2.29 8.90 -7.26
C VAL A 1 -2.98 7.54 -7.12
N PRO A 2 -2.49 6.74 -6.17
CA PRO A 2 -3.04 5.40 -5.91
C PRO A 2 -4.43 5.46 -5.27
N VAL A 3 -5.13 4.33 -5.28
CA VAL A 3 -6.47 4.25 -4.70
C VAL A 3 -7.45 5.13 -5.47
N GLY A 4 -8.71 4.71 -5.51
CA GLY A 4 -9.73 5.47 -6.22
C GLY A 4 -10.27 4.72 -7.42
N SER A 5 -9.53 3.73 -7.89
CA SER A 5 -9.94 2.94 -9.05
C SER A 5 -10.71 1.70 -8.61
N ASP A 6 -10.28 1.11 -7.49
CA ASP A 6 -10.94 -0.08 -6.97
C ASP A 6 -11.57 0.20 -5.61
N CYS A 7 -11.11 1.26 -4.96
CA CYS A 7 -11.64 1.63 -3.66
C CYS A 7 -11.83 3.14 -3.55
N GLU A 8 -12.86 3.55 -2.81
CA GLU A 8 -13.16 4.97 -2.65
C GLU A 8 -12.59 5.49 -1.33
N PRO A 9 -11.49 6.25 -1.42
CA PRO A 9 -10.83 6.82 -0.24
C PRO A 9 -11.66 7.92 0.41
N LYS A 10 -12.16 7.65 1.61
CA LYS A 10 -12.96 8.62 2.34
C LYS A 10 -13.21 8.16 3.78
N LEU A 11 -12.25 7.41 4.32
CA LEU A 11 -12.37 6.91 5.68
C LEU A 11 -11.15 6.05 6.04
N CYS A 12 -10.16 6.68 6.66
CA CYS A 12 -8.94 5.98 7.06
C CYS A 12 -8.17 6.79 8.10
N THR A 13 -7.03 6.25 8.53
CA THR A 13 -6.20 6.91 9.53
C THR A 13 -4.77 7.09 9.02
N MET A 14 -4.16 8.21 9.37
CA MET A 14 -2.79 8.51 8.96
C MET A 14 -1.78 7.94 9.95
N ASP A 15 -0.56 7.71 9.48
CA ASP A 15 0.49 7.18 10.34
C ASP A 15 1.80 7.03 9.56
N LEU A 16 2.84 6.59 10.25
CA LEU A 16 4.15 6.41 9.63
C LEU A 16 4.44 4.93 9.39
N VAL A 17 3.50 4.24 8.75
CA VAL A 17 3.66 2.82 8.46
C VAL A 17 3.78 2.58 6.97
N PRO A 18 5.00 2.72 6.44
CA PRO A 18 5.29 2.52 5.02
C PRO A 18 5.18 1.06 4.61
N HIS A 19 4.14 0.73 3.85
CA HIS A 19 3.92 -0.64 3.39
C HIS A 19 3.72 -0.68 1.89
N CYS A 20 3.92 -1.85 1.29
CA CYS A 20 3.75 -2.02 -0.15
C CYS A 20 2.39 -2.64 -0.47
N PHE A 21 1.86 -2.31 -1.64
CA PHE A 21 0.56 -2.84 -2.07
C PHE A 21 0.48 -2.92 -3.58
N LEU A 22 -0.46 -3.71 -4.09
CA LEU A 22 -0.64 -3.88 -5.52
C LEU A 22 -1.64 -2.86 -6.06
N ASN A 23 -1.20 -2.04 -7.01
CA ASN A 23 -2.05 -1.04 -7.62
C ASN A 23 -2.28 -1.33 -9.10
N PRO A 24 -3.53 -1.67 -9.44
CA PRO A 24 -3.91 -1.98 -10.82
C PRO A 24 -3.89 -0.75 -11.72
N GLU A 25 -3.72 0.42 -11.11
CA GLU A 25 -3.69 1.67 -11.86
C GLU A 25 -2.27 2.23 -11.92
N LYS A 26 -1.40 1.74 -11.03
CA LYS A 26 -0.02 2.19 -10.98
C LYS A 26 0.94 1.01 -11.07
N GLY A 27 0.94 0.19 -10.02
CA GLY A 27 1.83 -0.97 -10.00
C GLY A 27 2.85 -0.90 -8.88
N ILE A 28 2.91 -1.94 -8.06
CA ILE A 28 3.86 -1.98 -6.96
C ILE A 28 4.07 -0.61 -6.35
N VAL A 29 3.19 -0.24 -5.41
CA VAL A 29 3.28 1.05 -4.75
C VAL A 29 3.43 0.89 -3.24
N VAL A 30 4.36 1.64 -2.66
CA VAL A 30 4.61 1.59 -1.23
C VAL A 30 4.60 2.98 -0.61
N VAL A 31 3.78 3.16 0.43
CA VAL A 31 3.68 4.44 1.11
C VAL A 31 3.32 4.26 2.58
N HIS A 32 3.57 5.29 3.38
CA HIS A 32 3.27 5.24 4.81
C HIS A 32 1.90 5.85 5.09
N GLY A 33 1.25 5.35 6.14
CA GLY A 33 -0.07 5.85 6.50
C GLY A 33 -1.12 4.77 6.50
N GLY A 34 -1.92 4.72 7.56
CA GLY A 34 -2.97 3.72 7.65
C GLY A 34 -3.85 3.69 6.42
N CYS A 35 -3.96 4.83 5.74
CA CYS A 35 -4.78 4.94 4.55
C CYS A 35 -4.38 3.88 3.51
N ALA A 36 -3.07 3.75 3.30
CA ALA A 36 -2.55 2.78 2.34
C ALA A 36 -2.87 1.35 2.78
N LEU A 37 -2.96 1.14 4.08
CA LEU A 37 -3.25 -0.18 4.64
C LEU A 37 -4.74 -0.49 4.52
N SER A 38 -5.58 0.50 4.83
CA SER A 38 -7.02 0.33 4.76
C SER A 38 -7.49 0.27 3.31
N LYS A 39 -7.11 1.28 2.54
CA LYS A 39 -7.48 1.35 1.13
C LYS A 39 -7.09 0.08 0.39
N TYR A 40 -5.80 -0.27 0.48
CA TYR A 40 -5.29 -1.45 -0.19
C TYR A 40 -6.12 -2.68 0.17
N LYS A 41 -6.49 -2.78 1.45
CA LYS A 41 -7.29 -3.90 1.94
C LYS A 41 -8.73 -3.80 1.45
N CYS A 42 -9.16 -2.58 1.16
CA CYS A 42 -10.52 -2.34 0.68
C CYS A 42 -10.64 -2.67 -0.81
N GLN A 43 -9.76 -2.10 -1.61
CA GLN A 43 -9.76 -2.34 -3.05
C GLN A 43 -9.49 -3.81 -3.36
N ASN A 44 -8.53 -4.39 -2.65
CA ASN A 44 -8.18 -5.79 -2.85
C ASN A 44 -7.98 -6.50 -1.51
N PRO A 45 -9.10 -6.85 -0.86
CA PRO A 45 -9.07 -7.54 0.44
C PRO A 45 -8.58 -8.97 0.32
N ASN A 46 -8.38 -9.43 -0.91
CA ASN A 46 -7.91 -10.78 -1.15
C ASN A 46 -6.43 -10.79 -1.54
N HIS A 47 -5.94 -9.63 -1.97
CA HIS A 47 -4.55 -9.49 -2.37
C HIS A 47 -3.62 -9.63 -1.16
N GLU A 48 -2.33 -9.80 -1.43
CA GLU A 48 -1.34 -9.94 -0.35
C GLU A 48 -0.33 -8.80 -0.39
N LYS A 49 -0.02 -8.26 0.78
CA LYS A 49 0.93 -7.17 0.90
C LYS A 49 2.30 -7.57 0.36
N LEU A 50 2.84 -6.75 -0.53
CA LEU A 50 4.15 -7.03 -1.12
C LEU A 50 5.27 -6.34 -0.33
N GLY A 51 4.95 -5.96 0.91
CA GLY A 51 5.93 -5.29 1.75
C GLY A 51 7.27 -6.01 1.76
N TYR A 52 7.40 -7.01 2.62
CA TYR A 52 8.64 -7.78 2.72
C TYR A 52 8.75 -8.80 1.60
N THR A 53 8.70 -8.32 0.37
CA THR A 53 8.79 -9.20 -0.80
C THR A 53 9.93 -8.79 -1.71
N HIS A 54 10.45 -9.75 -2.47
CA HIS A 54 11.55 -9.48 -3.39
C HIS A 54 11.11 -8.59 -4.54
N GLU A 55 9.81 -8.53 -4.78
CA GLU A 55 9.25 -7.72 -5.84
C GLU A 55 9.21 -6.25 -5.44
N CYS A 56 9.00 -6.00 -4.16
CA CYS A 56 8.94 -4.64 -3.63
C CYS A 56 10.19 -4.30 -2.84
N GLU A 57 11.34 -4.80 -3.31
CA GLU A 57 12.61 -4.56 -2.63
C GLU A 57 12.80 -3.07 -2.36
N GLU A 58 12.24 -2.23 -3.23
CA GLU A 58 12.36 -0.78 -3.09
C GLU A 58 11.71 -0.32 -1.79
N ALA A 59 10.56 -0.92 -1.47
CA ALA A 59 9.85 -0.56 -0.24
C ALA A 59 10.66 -0.92 1.00
N ILE A 60 11.42 -2.00 0.91
CA ILE A 60 12.24 -2.45 2.02
C ILE A 60 13.13 -1.32 2.55
N LYS A 61 13.71 -0.56 1.62
CA LYS A 61 14.57 0.55 1.99
C LYS A 61 13.75 1.81 2.27
N ASN A 62 12.57 1.88 1.67
CA ASN A 62 11.69 3.03 1.86
C ASN A 62 11.13 3.06 3.27
N ALA A 63 11.06 1.89 3.90
CA ALA A 63 10.54 1.78 5.26
C ALA A 63 11.67 1.81 6.28
N PRO A 64 11.33 2.14 7.53
CA PRO A 64 12.30 2.22 8.63
C PRO A 64 12.84 0.85 9.03
N ARG A 65 14.09 0.58 8.68
CA ARG A 65 14.71 -0.69 9.01
C ARG A 65 15.85 -0.51 10.01
N PRO A 66 15.51 -0.55 11.31
CA PRO A 66 16.49 -0.39 12.39
C PRO A 66 17.45 -1.58 12.49
#